data_2MA7
#
_entry.id   2MA7
#
loop_
_entity.id
_entity.type
_entity.pdbx_description
1 polymer 'Zinc finger protein Eos'
2 non-polymer 'ZINC ION'
#
_entity_poly.entity_id   1
_entity_poly.type   'polypeptide(L)'
_entity_poly.pdbx_seq_one_letter_code
;MGHHHHHHSHMPNGKLKCDVCGMVCIGPNVLMVHKRSHTGERPFHCNQCGASFTQKGNLLRHIKLHSGEKPFK
;
_entity_poly.pdbx_strand_id   A
#
# COMPACT_ATOMS: atom_id res chain seq x y z
N MET A 1 -106.10 6.83 -11.79
CA MET A 1 -104.92 7.16 -12.62
C MET A 1 -103.97 8.08 -11.84
N GLY A 2 -102.92 7.48 -11.24
CA GLY A 2 -101.93 8.20 -10.44
C GLY A 2 -100.62 8.47 -11.21
N HIS A 3 -99.69 9.16 -10.55
CA HIS A 3 -98.40 9.57 -11.16
C HIS A 3 -97.25 9.32 -10.16
N HIS A 4 -96.14 8.73 -10.66
CA HIS A 4 -94.94 8.42 -9.87
C HIS A 4 -93.70 8.41 -10.78
N HIS A 5 -92.70 9.25 -10.44
CA HIS A 5 -91.45 9.39 -11.25
C HIS A 5 -90.30 8.59 -10.60
N HIS A 6 -89.25 8.32 -11.40
CA HIS A 6 -88.08 7.54 -10.96
C HIS A 6 -86.81 8.11 -11.61
N HIS A 7 -85.99 8.84 -10.80
CA HIS A 7 -84.69 9.40 -11.21
C HIS A 7 -83.96 9.97 -9.99
N HIS A 8 -83.11 9.15 -9.37
CA HIS A 8 -82.23 9.52 -8.24
C HIS A 8 -80.89 8.80 -8.44
N SER A 9 -80.03 9.43 -9.25
CA SER A 9 -78.80 8.83 -9.76
C SER A 9 -77.60 9.14 -8.84
N HIS A 10 -76.87 8.08 -8.45
CA HIS A 10 -75.62 8.18 -7.66
C HIS A 10 -74.63 7.14 -8.19
N MET A 11 -73.39 7.58 -8.48
CA MET A 11 -72.32 6.69 -8.97
C MET A 11 -70.99 7.02 -8.24
N PRO A 12 -70.13 5.98 -8.00
CA PRO A 12 -68.80 6.19 -7.40
C PRO A 12 -67.79 6.79 -8.42
N ASN A 13 -66.72 7.39 -7.89
CA ASN A 13 -65.60 7.95 -8.67
C ASN A 13 -64.38 8.16 -7.75
N GLY A 14 -63.23 8.44 -8.35
CA GLY A 14 -61.97 8.61 -7.61
C GLY A 14 -61.19 7.29 -7.46
N LYS A 15 -59.92 7.40 -7.06
CA LYS A 15 -58.98 6.26 -6.92
C LYS A 15 -58.06 6.51 -5.72
N LEU A 16 -57.17 5.55 -5.43
CA LEU A 16 -56.24 5.63 -4.30
C LEU A 16 -54.83 5.95 -4.80
N LYS A 17 -54.00 6.48 -3.89
CA LYS A 17 -52.57 6.73 -4.13
C LYS A 17 -51.73 5.62 -3.46
N CYS A 18 -50.70 5.15 -4.18
CA CYS A 18 -49.81 4.05 -3.73
C CYS A 18 -48.37 4.30 -4.22
N ASP A 19 -48.04 5.59 -4.41
CA ASP A 19 -46.73 6.05 -4.93
C ASP A 19 -45.56 5.55 -4.05
N VAL A 20 -44.54 4.96 -4.71
CA VAL A 20 -43.43 4.29 -4.03
C VAL A 20 -42.41 5.33 -3.50
N CYS A 21 -42.04 5.19 -2.22
CA CYS A 21 -41.14 6.13 -1.52
C CYS A 21 -40.28 5.35 -0.51
N GLY A 22 -39.10 4.91 -0.95
CA GLY A 22 -38.18 4.13 -0.11
C GLY A 22 -36.88 3.84 -0.82
N MET A 23 -36.26 4.91 -1.34
CA MET A 23 -35.00 4.84 -2.10
C MET A 23 -33.83 4.75 -1.11
N VAL A 24 -32.93 3.79 -1.33
CA VAL A 24 -31.77 3.52 -0.44
C VAL A 24 -30.46 3.85 -1.18
N CYS A 25 -29.52 4.50 -0.49
CA CYS A 25 -28.18 4.80 -1.02
C CYS A 25 -27.21 3.65 -0.70
N ILE A 26 -26.12 3.58 -1.46
CA ILE A 26 -25.04 2.58 -1.29
C ILE A 26 -23.71 3.32 -1.17
N GLY A 27 -22.78 2.76 -0.38
CA GLY A 27 -21.45 3.33 -0.21
C GLY A 27 -20.35 2.36 -0.67
N PRO A 28 -19.13 2.88 -1.04
CA PRO A 28 -17.97 2.01 -1.36
C PRO A 28 -17.33 1.43 -0.08
N ASN A 29 -16.35 0.53 -0.24
CA ASN A 29 -15.64 -0.08 0.91
C ASN A 29 -14.69 0.98 1.52
N VAL A 30 -15.22 1.74 2.48
CA VAL A 30 -14.50 2.83 3.18
C VAL A 30 -13.52 2.24 4.22
N LEU A 31 -13.85 1.04 4.73
CA LEU A 31 -13.07 0.35 5.77
C LEU A 31 -11.67 -0.04 5.26
N MET A 32 -11.63 -0.58 4.02
CA MET A 32 -10.39 -1.08 3.39
C MET A 32 -9.46 0.09 3.01
N VAL A 33 -10.03 1.14 2.38
CA VAL A 33 -9.24 2.29 1.88
C VAL A 33 -8.69 3.16 3.05
N HIS A 34 -9.46 3.30 4.14
CA HIS A 34 -9.01 4.03 5.34
C HIS A 34 -7.88 3.28 6.06
N LYS A 35 -8.00 1.93 6.11
CA LYS A 35 -6.94 1.05 6.65
C LYS A 35 -5.67 1.20 5.78
N ARG A 36 -5.88 1.23 4.45
CA ARG A 36 -4.80 1.31 3.45
C ARG A 36 -3.98 2.60 3.62
N SER A 37 -4.69 3.71 3.93
CA SER A 37 -4.10 5.02 4.21
C SER A 37 -3.27 4.99 5.51
N HIS A 38 -3.74 4.21 6.49
CA HIS A 38 -3.07 4.06 7.79
C HIS A 38 -1.83 3.15 7.71
N THR A 39 -1.82 2.26 6.70
CA THR A 39 -0.65 1.40 6.44
C THR A 39 0.46 2.25 5.81
N GLY A 40 1.68 2.14 6.38
CA GLY A 40 2.84 2.90 5.92
C GLY A 40 3.23 2.58 4.49
N GLU A 41 3.88 1.43 4.30
CA GLU A 41 4.31 0.93 2.98
C GLU A 41 4.30 -0.61 2.99
N ARG A 42 4.79 -1.18 4.11
CA ARG A 42 4.78 -2.63 4.36
C ARG A 42 3.71 -2.93 5.41
N PRO A 43 2.64 -3.73 5.06
CA PRO A 43 1.67 -4.23 6.07
C PRO A 43 2.36 -5.18 7.06
N PHE A 44 2.64 -4.67 8.28
CA PHE A 44 3.34 -5.41 9.33
C PHE A 44 2.42 -6.49 9.94
N HIS A 45 2.29 -7.61 9.22
CA HIS A 45 1.37 -8.70 9.60
C HIS A 45 2.11 -9.71 10.48
N CYS A 46 1.50 -10.05 11.61
CA CYS A 46 1.98 -11.09 12.50
C CYS A 46 1.79 -12.47 11.86
N ASN A 47 2.93 -13.09 11.47
CA ASN A 47 2.94 -14.44 10.83
C ASN A 47 2.39 -15.52 11.78
N GLN A 48 2.51 -15.26 13.10
CA GLN A 48 1.92 -16.10 14.14
C GLN A 48 0.78 -15.31 14.78
N CYS A 49 -0.33 -15.18 14.04
CA CYS A 49 -1.64 -14.56 14.50
C CYS A 49 -2.61 -14.47 13.31
N GLY A 50 -2.08 -14.00 12.16
CA GLY A 50 -2.92 -13.52 11.05
C GLY A 50 -3.49 -12.14 11.35
N ALA A 51 -2.79 -11.42 12.25
CA ALA A 51 -3.19 -10.08 12.71
C ALA A 51 -2.41 -9.01 11.93
N SER A 52 -3.06 -7.88 11.63
CA SER A 52 -2.46 -6.82 10.81
C SER A 52 -2.06 -5.61 11.67
N PHE A 53 -0.79 -5.20 11.57
CA PHE A 53 -0.25 -4.00 12.21
C PHE A 53 0.30 -3.07 11.11
N THR A 54 0.52 -1.81 11.47
CA THR A 54 1.26 -0.85 10.61
C THR A 54 2.42 -0.23 11.42
N GLN A 55 2.58 -0.69 12.68
CA GLN A 55 3.60 -0.20 13.60
C GLN A 55 4.62 -1.32 13.84
N LYS A 56 5.89 -1.04 13.46
CA LYS A 56 7.01 -2.00 13.58
C LYS A 56 7.31 -2.29 15.05
N GLY A 57 7.43 -1.23 15.88
CA GLY A 57 7.75 -1.37 17.31
C GLY A 57 6.72 -2.19 18.09
N ASN A 58 5.46 -2.16 17.59
CA ASN A 58 4.38 -3.00 18.11
C ASN A 58 4.65 -4.46 17.73
N LEU A 59 4.87 -4.72 16.43
CA LEU A 59 5.07 -6.07 15.88
C LEU A 59 6.32 -6.76 16.49
N LEU A 60 7.39 -5.96 16.72
CA LEU A 60 8.70 -6.46 17.15
C LEU A 60 8.64 -7.01 18.59
N ARG A 61 7.90 -6.32 19.48
CA ARG A 61 7.65 -6.82 20.85
C ARG A 61 6.51 -7.86 20.86
N HIS A 62 5.56 -7.74 19.90
CA HIS A 62 4.37 -8.63 19.82
C HIS A 62 4.80 -10.09 19.55
N ILE A 63 5.74 -10.25 18.60
CA ILE A 63 6.28 -11.57 18.22
C ILE A 63 7.09 -12.19 19.37
N LYS A 64 7.68 -11.30 20.22
CA LYS A 64 8.48 -11.69 21.38
C LYS A 64 7.55 -12.23 22.47
N LEU A 65 6.52 -11.43 22.83
CA LEU A 65 5.52 -11.73 23.88
C LEU A 65 4.65 -12.96 23.53
N HIS A 66 4.75 -13.48 22.28
CA HIS A 66 4.07 -14.73 21.85
C HIS A 66 4.58 -15.96 22.62
N SER A 67 5.88 -15.96 22.95
CA SER A 67 6.48 -17.02 23.77
C SER A 67 6.09 -16.86 25.24
N GLY A 68 6.22 -17.95 26.01
CA GLY A 68 5.80 -18.00 27.43
C GLY A 68 6.62 -17.11 28.37
N GLU A 69 7.74 -16.57 27.86
CA GLU A 69 8.59 -15.60 28.58
C GLU A 69 7.92 -14.20 28.53
N LYS A 70 8.60 -13.19 29.14
CA LYS A 70 8.11 -11.79 29.25
C LYS A 70 6.95 -11.68 30.28
N PRO A 71 7.01 -10.68 31.22
CA PRO A 71 5.89 -10.41 32.16
C PRO A 71 4.69 -9.79 31.42
N PHE A 72 3.48 -10.16 31.83
CA PHE A 72 2.23 -9.62 31.26
C PHE A 72 1.85 -8.35 32.06
N LYS A 73 2.30 -7.19 31.54
CA LYS A 73 2.21 -5.88 32.21
C LYS A 73 3.01 -5.92 33.55
N MET A 1 61.95 -84.17 -19.30
CA MET A 1 60.98 -83.73 -20.34
C MET A 1 59.62 -83.47 -19.67
N GLY A 2 59.08 -82.26 -19.86
CA GLY A 2 57.81 -81.85 -19.25
C GLY A 2 56.87 -81.23 -20.25
N HIS A 3 55.58 -81.14 -19.89
CA HIS A 3 54.53 -80.57 -20.75
C HIS A 3 53.60 -79.68 -19.90
N HIS A 4 53.53 -78.40 -20.27
CA HIS A 4 52.70 -77.39 -19.60
C HIS A 4 52.47 -76.23 -20.56
N HIS A 5 51.21 -75.81 -20.69
CA HIS A 5 50.80 -74.68 -21.55
C HIS A 5 49.75 -73.82 -20.83
N HIS A 6 49.35 -72.73 -21.48
CA HIS A 6 48.35 -71.79 -20.98
C HIS A 6 47.66 -71.09 -22.16
N HIS A 7 46.34 -70.82 -22.03
CA HIS A 7 45.53 -70.18 -23.09
C HIS A 7 44.22 -69.65 -22.48
N HIS A 8 44.33 -68.57 -21.69
CA HIS A 8 43.19 -67.89 -21.07
C HIS A 8 43.27 -66.38 -21.37
N SER A 9 42.80 -65.99 -22.56
CA SER A 9 42.79 -64.60 -23.01
C SER A 9 41.57 -64.35 -23.91
N HIS A 10 40.55 -63.69 -23.35
CA HIS A 10 39.39 -63.23 -24.10
C HIS A 10 39.06 -61.81 -23.61
N MET A 11 39.58 -60.82 -24.35
CA MET A 11 39.64 -59.40 -23.95
C MET A 11 38.22 -58.80 -23.75
N PRO A 12 37.80 -58.54 -22.48
CA PRO A 12 36.47 -57.95 -22.20
C PRO A 12 36.49 -56.41 -22.27
N ASN A 13 35.41 -55.83 -22.80
CA ASN A 13 35.25 -54.37 -22.91
C ASN A 13 33.75 -54.02 -22.86
N GLY A 14 33.46 -52.75 -22.57
CA GLY A 14 32.08 -52.28 -22.47
C GLY A 14 32.01 -50.78 -22.21
N LYS A 15 30.79 -50.30 -21.89
CA LYS A 15 30.50 -48.88 -21.60
C LYS A 15 30.80 -47.97 -22.82
N LEU A 16 30.65 -48.52 -24.05
CA LEU A 16 30.77 -47.72 -25.29
C LEU A 16 29.47 -46.90 -25.49
N LYS A 17 29.50 -45.64 -25.03
CA LYS A 17 28.33 -44.74 -25.02
C LYS A 17 28.80 -43.26 -25.03
N CYS A 18 27.99 -42.40 -25.68
CA CYS A 18 28.22 -40.95 -25.73
C CYS A 18 26.88 -40.21 -25.72
N ASP A 19 26.30 -40.13 -24.52
CA ASP A 19 24.98 -39.51 -24.26
C ASP A 19 25.13 -37.98 -24.09
N VAL A 20 24.55 -37.20 -25.02
CA VAL A 20 24.69 -35.73 -25.06
C VAL A 20 23.30 -35.08 -25.13
N CYS A 21 22.86 -34.46 -24.00
CA CYS A 21 21.60 -33.68 -23.95
C CYS A 21 21.68 -32.65 -22.81
N GLY A 22 21.95 -31.39 -23.18
CA GLY A 22 22.04 -30.27 -22.22
C GLY A 22 21.10 -29.13 -22.56
N MET A 23 19.93 -29.47 -23.16
CA MET A 23 18.87 -28.49 -23.45
C MET A 23 18.17 -28.08 -22.13
N VAL A 24 18.56 -26.91 -21.60
CA VAL A 24 18.04 -26.39 -20.32
C VAL A 24 17.16 -25.16 -20.54
N CYS A 25 16.23 -24.92 -19.60
CA CYS A 25 15.37 -23.73 -19.59
C CYS A 25 15.87 -22.78 -18.49
N ILE A 26 15.93 -21.48 -18.80
CA ILE A 26 16.47 -20.46 -17.88
C ILE A 26 15.64 -19.16 -18.02
N GLY A 27 15.46 -18.46 -16.88
CA GLY A 27 14.72 -17.20 -16.85
C GLY A 27 14.47 -16.74 -15.42
N PRO A 28 15.53 -16.25 -14.68
CA PRO A 28 15.40 -15.80 -13.28
C PRO A 28 14.67 -14.44 -13.18
N ASN A 29 13.55 -14.41 -12.43
CA ASN A 29 12.75 -13.19 -12.23
C ASN A 29 13.32 -12.44 -11.01
N VAL A 30 14.55 -11.97 -11.18
CA VAL A 30 15.29 -11.21 -10.17
C VAL A 30 14.63 -9.83 -9.95
N LEU A 31 13.90 -9.35 -10.99
CA LEU A 31 13.12 -8.10 -10.96
C LEU A 31 12.06 -8.12 -9.84
N MET A 32 11.34 -9.26 -9.70
CA MET A 32 10.26 -9.42 -8.70
C MET A 32 10.81 -9.30 -7.26
N VAL A 33 11.98 -9.92 -7.05
CA VAL A 33 12.70 -9.88 -5.77
C VAL A 33 13.25 -8.46 -5.51
N HIS A 34 13.74 -7.81 -6.58
CA HIS A 34 14.34 -6.46 -6.53
C HIS A 34 13.27 -5.40 -6.21
N LYS A 35 12.02 -5.67 -6.62
CA LYS A 35 10.88 -4.77 -6.40
C LYS A 35 10.55 -4.68 -4.89
N ARG A 36 10.87 -5.76 -4.14
CA ARG A 36 10.68 -5.82 -2.68
C ARG A 36 11.62 -4.84 -1.95
N SER A 37 12.76 -4.51 -2.59
CA SER A 37 13.70 -3.49 -2.07
C SER A 37 13.11 -2.08 -2.28
N HIS A 38 12.42 -1.90 -3.42
CA HIS A 38 11.68 -0.65 -3.74
C HIS A 38 10.50 -0.46 -2.75
N THR A 39 9.90 -1.58 -2.32
CA THR A 39 8.83 -1.59 -1.32
C THR A 39 9.33 -1.01 0.02
N GLY A 40 10.42 -1.63 0.55
CA GLY A 40 10.98 -1.25 1.84
C GLY A 40 10.04 -1.58 2.99
N GLU A 41 9.11 -0.66 3.25
CA GLU A 41 8.05 -0.82 4.26
C GLU A 41 7.02 -1.87 3.81
N ARG A 42 6.98 -2.99 4.54
CA ARG A 42 6.01 -4.08 4.29
C ARG A 42 4.99 -4.13 5.46
N PRO A 43 3.76 -4.68 5.25
CA PRO A 43 2.82 -4.95 6.36
C PRO A 43 3.42 -5.99 7.32
N PHE A 44 3.79 -5.54 8.53
CA PHE A 44 4.36 -6.39 9.58
C PHE A 44 3.27 -7.29 10.19
N HIS A 45 3.01 -8.43 9.53
CA HIS A 45 1.92 -9.33 9.88
C HIS A 45 2.41 -10.36 10.91
N CYS A 46 1.67 -10.42 12.03
CA CYS A 46 1.82 -11.48 13.01
C CYS A 46 1.29 -12.80 12.45
N ASN A 47 2.20 -13.59 11.84
CA ASN A 47 1.90 -14.93 11.29
C ASN A 47 1.65 -15.94 12.42
N GLN A 48 0.49 -15.81 13.09
CA GLN A 48 0.12 -16.66 14.24
C GLN A 48 -1.33 -16.38 14.67
N CYS A 49 -1.70 -15.09 14.71
CA CYS A 49 -3.05 -14.65 15.12
C CYS A 49 -3.85 -14.09 13.93
N GLY A 50 -3.15 -13.60 12.89
CA GLY A 50 -3.81 -13.03 11.70
C GLY A 50 -3.82 -11.50 11.72
N ALA A 51 -3.36 -10.91 12.82
CA ALA A 51 -3.21 -9.45 12.95
C ALA A 51 -2.05 -8.94 12.06
N SER A 52 -2.27 -7.79 11.40
CA SER A 52 -1.27 -7.16 10.52
C SER A 52 -1.02 -5.73 11.00
N PHE A 53 0.26 -5.32 11.00
CA PHE A 53 0.67 -3.99 11.50
C PHE A 53 1.49 -3.25 10.46
N THR A 54 1.70 -1.96 10.69
CA THR A 54 2.63 -1.12 9.91
C THR A 54 3.69 -0.52 10.85
N GLN A 55 3.55 -0.83 12.17
CA GLN A 55 4.44 -0.32 13.22
C GLN A 55 5.27 -1.46 13.82
N LYS A 56 6.60 -1.33 13.77
CA LYS A 56 7.54 -2.25 14.41
C LYS A 56 7.50 -2.12 15.94
N GLY A 57 7.18 -0.91 16.43
CA GLY A 57 7.02 -0.68 17.86
C GLY A 57 5.89 -1.53 18.45
N ASN A 58 4.82 -1.68 17.65
CA ASN A 58 3.67 -2.54 17.98
C ASN A 58 4.01 -4.02 17.70
N LEU A 59 4.77 -4.27 16.62
CA LEU A 59 5.11 -5.65 16.17
C LEU A 59 6.00 -6.36 17.21
N LEU A 60 7.09 -5.70 17.63
CA LEU A 60 8.17 -6.32 18.43
C LEU A 60 7.68 -6.78 19.82
N ARG A 61 6.76 -6.02 20.41
CA ARG A 61 6.14 -6.39 21.69
C ARG A 61 5.04 -7.46 21.51
N HIS A 62 4.38 -7.45 20.33
CA HIS A 62 3.29 -8.38 19.98
C HIS A 62 3.83 -9.82 19.73
N ILE A 63 4.91 -9.90 18.96
CA ILE A 63 5.58 -11.18 18.63
C ILE A 63 6.27 -11.79 19.87
N LYS A 64 6.63 -10.92 20.82
CA LYS A 64 7.20 -11.31 22.13
C LYS A 64 6.15 -12.07 22.97
N LEU A 65 4.86 -11.70 22.78
CA LEU A 65 3.71 -12.38 23.44
C LEU A 65 3.54 -13.81 22.90
N HIS A 66 4.23 -14.12 21.78
CA HIS A 66 4.26 -15.47 21.17
C HIS A 66 5.54 -16.22 21.59
N SER A 67 6.02 -15.92 22.82
CA SER A 67 7.19 -16.58 23.45
C SER A 67 8.51 -16.12 22.79
N GLY A 68 9.63 -16.77 23.13
CA GLY A 68 10.94 -16.47 22.56
C GLY A 68 11.02 -16.74 21.06
N GLU A 69 10.19 -17.69 20.59
CA GLU A 69 10.15 -18.12 19.19
C GLU A 69 9.29 -17.14 18.38
N LYS A 70 9.88 -16.00 17.99
CA LYS A 70 9.15 -14.90 17.33
C LYS A 70 9.75 -14.60 15.94
N PRO A 71 8.92 -14.21 14.93
CA PRO A 71 9.42 -13.82 13.59
C PRO A 71 10.16 -12.46 13.62
N PHE A 72 11.33 -12.39 12.97
CA PHE A 72 12.15 -11.18 12.91
C PHE A 72 13.01 -11.21 11.64
N LYS A 73 13.78 -12.30 11.47
CA LYS A 73 14.66 -12.51 10.29
C LYS A 73 15.09 -14.00 10.20
N MET A 1 -51.82 -25.41 -75.06
CA MET A 1 -51.64 -26.47 -74.04
C MET A 1 -50.22 -27.05 -74.16
N GLY A 2 -49.41 -26.89 -73.10
CA GLY A 2 -48.03 -27.36 -73.08
C GLY A 2 -47.67 -28.05 -71.79
N HIS A 3 -46.76 -29.03 -71.87
CA HIS A 3 -46.27 -29.80 -70.70
C HIS A 3 -44.90 -29.25 -70.26
N HIS A 4 -44.63 -27.98 -70.62
CA HIS A 4 -43.38 -27.28 -70.32
C HIS A 4 -43.13 -27.20 -68.80
N HIS A 5 -42.12 -27.93 -68.34
CA HIS A 5 -41.66 -27.89 -66.92
C HIS A 5 -40.13 -27.89 -66.88
N HIS A 6 -39.59 -27.27 -65.83
CA HIS A 6 -38.14 -27.18 -65.63
C HIS A 6 -37.80 -27.66 -64.22
N HIS A 7 -36.92 -28.67 -64.14
CA HIS A 7 -36.45 -29.22 -62.88
C HIS A 7 -35.44 -28.24 -62.23
N HIS A 8 -35.94 -27.39 -61.34
CA HIS A 8 -35.13 -26.37 -60.65
C HIS A 8 -34.28 -27.03 -59.55
N SER A 9 -32.94 -27.09 -59.78
CA SER A 9 -31.97 -27.63 -58.82
C SER A 9 -30.60 -26.96 -59.02
N HIS A 10 -29.87 -26.77 -57.90
CA HIS A 10 -28.46 -26.29 -57.87
C HIS A 10 -27.79 -26.84 -56.60
N MET A 11 -26.54 -27.32 -56.73
CA MET A 11 -25.78 -27.89 -55.58
C MET A 11 -24.45 -27.14 -55.38
N PRO A 12 -24.41 -26.13 -54.45
CA PRO A 12 -23.16 -25.53 -53.98
C PRO A 12 -22.51 -26.36 -52.85
N ASN A 13 -21.17 -26.40 -52.81
CA ASN A 13 -20.43 -26.96 -51.66
C ASN A 13 -20.14 -25.86 -50.63
N GLY A 14 -19.82 -26.26 -49.39
CA GLY A 14 -19.59 -25.31 -48.32
C GLY A 14 -18.64 -25.85 -47.27
N LYS A 15 -17.34 -25.61 -47.46
CA LYS A 15 -16.29 -25.90 -46.47
C LYS A 15 -15.56 -24.59 -46.16
N LEU A 16 -15.61 -24.16 -44.89
CA LEU A 16 -14.99 -22.92 -44.42
C LEU A 16 -13.68 -23.26 -43.68
N LYS A 17 -12.55 -23.10 -44.38
CA LYS A 17 -11.21 -23.32 -43.79
C LYS A 17 -10.91 -22.18 -42.82
N CYS A 18 -11.24 -22.41 -41.53
CA CYS A 18 -10.98 -21.49 -40.43
C CYS A 18 -9.81 -22.03 -39.59
N ASP A 19 -8.61 -21.48 -39.84
CA ASP A 19 -7.36 -21.95 -39.21
C ASP A 19 -7.13 -21.24 -37.87
N VAL A 20 -7.07 -22.02 -36.77
CA VAL A 20 -6.82 -21.51 -35.41
C VAL A 20 -5.37 -21.83 -35.00
N CYS A 21 -4.66 -20.80 -34.50
CA CYS A 21 -3.26 -20.92 -34.04
C CYS A 21 -3.17 -20.62 -32.53
N GLY A 22 -3.49 -21.64 -31.71
CA GLY A 22 -3.44 -21.52 -30.24
C GLY A 22 -2.03 -21.73 -29.71
N MET A 23 -1.25 -20.64 -29.69
CA MET A 23 0.19 -20.65 -29.36
C MET A 23 0.66 -19.27 -28.90
N VAL A 24 1.94 -19.19 -28.48
CA VAL A 24 2.61 -17.93 -28.04
C VAL A 24 1.88 -17.26 -26.87
N CYS A 25 2.25 -17.66 -25.65
CA CYS A 25 1.74 -17.06 -24.39
C CYS A 25 2.20 -15.59 -24.26
N ILE A 26 1.39 -14.77 -23.58
CA ILE A 26 1.64 -13.33 -23.38
C ILE A 26 1.14 -12.93 -21.98
N GLY A 27 1.66 -11.81 -21.46
CA GLY A 27 1.24 -11.30 -20.16
C GLY A 27 2.22 -11.72 -19.06
N PRO A 28 3.27 -10.90 -18.76
CA PRO A 28 4.24 -11.20 -17.69
C PRO A 28 3.74 -10.76 -16.30
N ASN A 29 4.55 -11.01 -15.27
CA ASN A 29 4.21 -10.67 -13.86
C ASN A 29 4.68 -9.24 -13.52
N VAL A 30 4.72 -8.35 -14.53
CA VAL A 30 5.16 -6.94 -14.37
C VAL A 30 4.27 -6.15 -13.40
N LEU A 31 2.98 -6.54 -13.32
CA LEU A 31 2.03 -5.91 -12.39
C LEU A 31 2.41 -6.24 -10.94
N MET A 32 2.86 -7.48 -10.70
CA MET A 32 3.36 -7.94 -9.37
C MET A 32 4.64 -7.16 -9.00
N VAL A 33 5.48 -6.91 -10.02
CA VAL A 33 6.72 -6.14 -9.87
C VAL A 33 6.41 -4.67 -9.50
N HIS A 34 5.35 -4.12 -10.12
CA HIS A 34 4.92 -2.73 -9.88
C HIS A 34 4.30 -2.58 -8.49
N LYS A 35 3.50 -3.59 -8.07
CA LYS A 35 2.90 -3.64 -6.72
C LYS A 35 3.99 -3.73 -5.64
N ARG A 36 5.04 -4.50 -5.95
CA ARG A 36 6.20 -4.69 -5.05
C ARG A 36 6.93 -3.35 -4.86
N SER A 37 7.14 -2.65 -5.98
CA SER A 37 7.78 -1.31 -5.99
C SER A 37 6.88 -0.26 -5.31
N HIS A 38 5.56 -0.47 -5.38
CA HIS A 38 4.55 0.47 -4.87
C HIS A 38 3.97 -0.02 -3.52
N THR A 39 4.73 -0.86 -2.79
CA THR A 39 4.34 -1.34 -1.45
C THR A 39 4.56 -0.23 -0.42
N GLY A 40 3.53 0.62 -0.27
CA GLY A 40 3.55 1.70 0.72
C GLY A 40 3.37 1.17 2.14
N GLU A 41 2.46 0.20 2.28
CA GLU A 41 2.14 -0.42 3.58
C GLU A 41 3.23 -1.44 3.94
N ARG A 42 4.10 -1.05 4.88
CA ARG A 42 5.10 -1.94 5.52
C ARG A 42 4.41 -3.18 6.14
N PRO A 43 4.65 -4.42 5.57
CA PRO A 43 3.95 -5.64 6.01
C PRO A 43 4.45 -6.17 7.36
N PHE A 44 3.92 -5.59 8.44
CA PHE A 44 4.24 -6.02 9.82
C PHE A 44 3.11 -6.91 10.35
N HIS A 45 2.87 -8.05 9.67
CA HIS A 45 1.82 -9.03 10.07
C HIS A 45 2.48 -10.26 10.70
N CYS A 46 1.90 -10.72 11.81
CA CYS A 46 2.20 -12.04 12.38
C CYS A 46 1.26 -13.05 11.71
N ASN A 47 1.84 -13.83 10.77
CA ASN A 47 1.11 -14.61 9.73
C ASN A 47 -0.14 -15.37 10.26
N GLN A 48 0.05 -16.45 11.05
CA GLN A 48 -1.06 -17.33 11.47
C GLN A 48 -1.86 -16.77 12.66
N CYS A 49 -1.42 -15.63 13.22
CA CYS A 49 -2.19 -14.91 14.25
C CYS A 49 -3.29 -14.06 13.60
N GLY A 50 -2.99 -13.56 12.38
CA GLY A 50 -3.87 -12.63 11.68
C GLY A 50 -3.81 -11.24 12.27
N ALA A 51 -2.67 -10.96 12.95
CA ALA A 51 -2.44 -9.69 13.64
C ALA A 51 -1.71 -8.72 12.71
N SER A 52 -2.47 -7.78 12.13
CA SER A 52 -1.92 -6.73 11.27
C SER A 52 -1.37 -5.58 12.13
N PHE A 53 -0.10 -5.20 11.88
CA PHE A 53 0.51 -4.02 12.49
C PHE A 53 1.05 -3.12 11.38
N THR A 54 0.94 -1.81 11.60
CA THR A 54 1.56 -0.81 10.74
C THR A 54 2.81 -0.25 11.44
N GLN A 55 2.82 -0.34 12.78
CA GLN A 55 3.93 0.16 13.61
C GLN A 55 4.81 -1.01 14.05
N LYS A 56 6.14 -0.84 13.87
CA LYS A 56 7.14 -1.86 14.24
C LYS A 56 7.15 -2.10 15.75
N GLY A 57 6.88 -1.07 16.56
CA GLY A 57 6.83 -1.20 18.03
C GLY A 57 5.79 -2.22 18.49
N ASN A 58 4.65 -2.24 17.79
CA ASN A 58 3.52 -3.15 18.08
C ASN A 58 3.84 -4.59 17.60
N LEU A 59 4.53 -4.71 16.45
CA LEU A 59 4.96 -6.02 15.91
C LEU A 59 6.04 -6.65 16.81
N LEU A 60 7.07 -5.85 17.14
CA LEU A 60 8.24 -6.28 17.93
C LEU A 60 7.81 -6.75 19.32
N ARG A 61 6.79 -6.05 19.88
CA ARG A 61 6.15 -6.46 21.14
C ARG A 61 5.51 -7.86 20.98
N HIS A 62 4.63 -7.97 19.98
CA HIS A 62 3.79 -9.16 19.74
C HIS A 62 4.63 -10.46 19.55
N ILE A 63 5.61 -10.39 18.64
CA ILE A 63 6.48 -11.54 18.30
C ILE A 63 7.37 -11.94 19.49
N LYS A 64 7.67 -10.96 20.37
CA LYS A 64 8.42 -11.16 21.61
C LYS A 64 7.53 -11.88 22.66
N LEU A 65 6.24 -11.47 22.74
CA LEU A 65 5.26 -12.05 23.69
C LEU A 65 4.97 -13.54 23.39
N HIS A 66 5.13 -13.93 22.10
CA HIS A 66 5.00 -15.34 21.65
C HIS A 66 6.04 -16.26 22.31
N SER A 67 7.25 -15.72 22.46
CA SER A 67 8.36 -16.41 23.13
C SER A 67 8.32 -16.23 24.67
N GLY A 68 7.30 -15.48 25.15
CA GLY A 68 7.20 -15.10 26.57
C GLY A 68 8.34 -14.19 26.98
N GLU A 69 8.55 -13.14 26.14
CA GLU A 69 9.71 -12.24 26.17
C GLU A 69 10.99 -12.96 25.70
N LYS A 70 11.82 -12.26 24.90
CA LYS A 70 13.01 -12.86 24.27
C LYS A 70 14.13 -11.80 24.13
N PRO A 71 15.43 -12.23 24.10
CA PRO A 71 16.59 -11.30 23.89
C PRO A 71 16.71 -10.80 22.42
N PHE A 72 15.69 -10.05 21.97
CA PHE A 72 15.61 -9.53 20.61
C PHE A 72 16.37 -8.19 20.52
N LYS A 73 17.56 -8.21 19.93
CA LYS A 73 18.40 -7.01 19.74
C LYS A 73 18.24 -6.52 18.28
N MET A 1 -31.56 86.56 35.04
CA MET A 1 -30.61 85.44 35.15
C MET A 1 -30.54 84.69 33.81
N GLY A 2 -29.40 84.81 33.12
CA GLY A 2 -29.17 84.14 31.85
C GLY A 2 -27.74 84.31 31.37
N HIS A 3 -26.79 83.92 32.23
CA HIS A 3 -25.34 84.05 31.97
C HIS A 3 -24.84 82.84 31.16
N HIS A 4 -24.28 83.09 29.96
CA HIS A 4 -23.65 82.03 29.13
C HIS A 4 -22.34 81.58 29.79
N HIS A 5 -22.15 80.25 29.89
CA HIS A 5 -20.95 79.65 30.45
C HIS A 5 -20.82 78.21 29.92
N HIS A 6 -19.89 78.01 28.97
CA HIS A 6 -19.59 76.67 28.41
C HIS A 6 -18.87 75.81 29.47
N HIS A 7 -19.02 74.50 29.35
CA HIS A 7 -18.48 73.52 30.31
C HIS A 7 -17.21 72.84 29.75
N HIS A 8 -16.81 71.71 30.37
CA HIS A 8 -15.56 70.99 30.02
C HIS A 8 -15.60 70.32 28.62
N SER A 9 -14.41 69.93 28.16
CA SER A 9 -14.19 69.17 26.92
C SER A 9 -13.11 68.10 27.17
N HIS A 10 -12.70 67.38 26.11
CA HIS A 10 -11.61 66.39 26.14
C HIS A 10 -10.85 66.46 24.80
N MET A 11 -9.56 66.81 24.84
CA MET A 11 -8.70 66.92 23.63
C MET A 11 -7.42 66.06 23.80
N PRO A 12 -7.45 64.75 23.43
CA PRO A 12 -6.22 63.90 23.38
C PRO A 12 -5.34 64.26 22.14
N ASN A 13 -4.19 64.92 22.40
CA ASN A 13 -3.24 65.36 21.34
C ASN A 13 -2.19 64.28 21.07
N GLY A 14 -1.93 64.02 19.78
CA GLY A 14 -0.86 63.10 19.35
C GLY A 14 -1.25 61.64 19.42
N LYS A 15 -0.26 60.79 19.13
CA LYS A 15 -0.40 59.33 19.13
C LYS A 15 1.01 58.70 19.19
N LEU A 16 1.10 57.49 19.73
CA LEU A 16 2.37 56.70 19.77
C LEU A 16 2.28 55.53 18.78
N LYS A 17 3.27 54.64 18.81
CA LYS A 17 3.27 53.41 18.00
C LYS A 17 3.20 52.20 18.95
N CYS A 18 2.51 51.15 18.52
CA CYS A 18 2.32 49.92 19.32
C CYS A 18 2.75 48.69 18.49
N ASP A 19 4.07 48.48 18.42
CA ASP A 19 4.68 47.38 17.66
C ASP A 19 4.64 46.09 18.48
N VAL A 20 4.03 45.05 17.89
CA VAL A 20 3.94 43.70 18.48
C VAL A 20 3.87 42.66 17.34
N CYS A 21 4.96 41.91 17.17
CA CYS A 21 5.08 40.88 16.13
C CYS A 21 4.84 39.49 16.73
N GLY A 22 3.95 38.69 16.09
CA GLY A 22 3.62 37.34 16.55
C GLY A 22 4.63 36.29 16.05
N MET A 23 5.67 36.74 15.32
CA MET A 23 6.75 35.88 14.80
C MET A 23 7.77 35.48 15.90
N VAL A 24 7.47 35.86 17.16
CA VAL A 24 8.25 35.49 18.35
C VAL A 24 8.33 33.96 18.53
N CYS A 25 7.32 33.25 18.00
CA CYS A 25 7.27 31.79 17.98
C CYS A 25 7.34 31.32 16.53
N ILE A 26 8.43 30.61 16.17
CA ILE A 26 8.61 30.04 14.82
C ILE A 26 8.68 28.49 14.93
N GLY A 27 8.59 27.82 13.77
CA GLY A 27 8.68 26.37 13.69
C GLY A 27 9.43 25.96 12.41
N PRO A 28 10.68 25.40 12.50
CA PRO A 28 11.45 24.98 11.31
C PRO A 28 10.77 23.82 10.54
N ASN A 29 10.71 23.96 9.20
CA ASN A 29 10.05 23.00 8.28
C ASN A 29 10.82 21.64 8.21
N VAL A 30 11.97 21.56 8.91
CA VAL A 30 12.80 20.33 9.02
C VAL A 30 11.96 19.12 9.48
N LEU A 31 10.92 19.40 10.28
CA LEU A 31 9.96 18.39 10.75
C LEU A 31 9.25 17.73 9.55
N MET A 32 8.70 18.59 8.65
CA MET A 32 8.03 18.15 7.40
C MET A 32 9.01 17.38 6.48
N VAL A 33 10.28 17.81 6.47
CA VAL A 33 11.36 17.18 5.69
C VAL A 33 11.62 15.73 6.18
N HIS A 34 11.54 15.55 7.51
CA HIS A 34 11.67 14.23 8.16
C HIS A 34 10.53 13.30 7.71
N LYS A 35 9.28 13.83 7.71
CA LYS A 35 8.08 13.07 7.29
C LYS A 35 8.06 12.81 5.76
N ARG A 36 8.71 13.71 5.01
CA ARG A 36 8.88 13.57 3.55
C ARG A 36 9.74 12.34 3.23
N SER A 37 10.75 12.12 4.07
CA SER A 37 11.63 10.95 4.00
C SER A 37 10.95 9.72 4.65
N HIS A 38 10.21 9.98 5.75
CA HIS A 38 9.58 8.94 6.58
C HIS A 38 8.32 8.40 5.87
N THR A 39 8.55 7.37 5.05
CA THR A 39 7.50 6.73 4.24
C THR A 39 7.94 5.29 3.90
N GLY A 40 7.00 4.48 3.34
CA GLY A 40 7.28 3.09 3.01
C GLY A 40 7.22 2.18 4.24
N GLU A 41 6.31 2.54 5.18
CA GLU A 41 6.07 1.75 6.40
C GLU A 41 5.24 0.52 6.04
N ARG A 42 5.89 -0.65 6.04
CA ARG A 42 5.38 -1.88 5.43
C ARG A 42 4.36 -2.59 6.35
N PRO A 43 3.37 -3.35 5.78
CA PRO A 43 2.43 -4.16 6.57
C PRO A 43 3.16 -5.29 7.32
N PHE A 44 3.54 -4.99 8.56
CA PHE A 44 4.12 -5.97 9.47
C PHE A 44 3.01 -6.94 9.95
N HIS A 45 3.32 -8.23 9.96
CA HIS A 45 2.37 -9.29 10.31
C HIS A 45 2.99 -10.14 11.41
N CYS A 46 2.19 -10.41 12.46
CA CYS A 46 2.61 -11.20 13.62
C CYS A 46 3.03 -12.62 13.22
N ASN A 47 2.06 -13.35 12.69
CA ASN A 47 2.14 -14.80 12.39
C ASN A 47 0.79 -15.22 11.77
N GLN A 48 0.59 -16.53 11.53
CA GLN A 48 -0.70 -17.06 11.02
C GLN A 48 -1.87 -16.88 12.04
N CYS A 49 -1.55 -16.31 13.24
CA CYS A 49 -2.55 -15.98 14.28
C CYS A 49 -3.49 -14.85 13.78
N GLY A 50 -3.08 -14.13 12.70
CA GLY A 50 -3.94 -13.17 12.01
C GLY A 50 -3.87 -11.79 12.64
N ALA A 51 -2.82 -11.04 12.31
CA ALA A 51 -2.63 -9.65 12.77
C ALA A 51 -2.05 -8.75 11.67
N SER A 52 -2.33 -7.45 11.80
CA SER A 52 -1.83 -6.40 10.90
C SER A 52 -1.29 -5.23 11.74
N PHE A 53 -0.04 -4.83 11.45
CA PHE A 53 0.69 -3.76 12.17
C PHE A 53 1.37 -2.88 11.11
N THR A 54 1.06 -1.58 11.07
CA THR A 54 1.75 -0.64 10.17
C THR A 54 3.07 -0.14 10.82
N GLN A 55 3.24 -0.42 12.14
CA GLN A 55 4.39 0.05 12.93
C GLN A 55 5.14 -1.13 13.56
N LYS A 56 6.49 -1.03 13.53
CA LYS A 56 7.40 -2.04 14.09
C LYS A 56 7.27 -2.15 15.62
N GLY A 57 6.92 -1.02 16.29
CA GLY A 57 6.74 -1.01 17.75
C GLY A 57 5.66 -2.00 18.20
N ASN A 58 4.56 -2.03 17.42
CA ASN A 58 3.43 -2.96 17.64
C ASN A 58 3.85 -4.41 17.34
N LEU A 59 4.65 -4.59 16.28
CA LEU A 59 5.08 -5.92 15.80
C LEU A 59 6.02 -6.60 16.82
N LEU A 60 7.12 -5.91 17.15
CA LEU A 60 8.26 -6.45 17.91
C LEU A 60 7.83 -6.90 19.31
N ARG A 61 6.99 -6.07 19.95
CA ARG A 61 6.46 -6.33 21.28
C ARG A 61 5.53 -7.57 21.27
N HIS A 62 4.67 -7.65 20.25
CA HIS A 62 3.64 -8.70 20.16
C HIS A 62 4.26 -10.09 19.87
N ILE A 63 5.10 -10.15 18.81
CA ILE A 63 5.73 -11.41 18.33
C ILE A 63 6.63 -12.03 19.41
N LYS A 64 7.18 -11.17 20.28
CA LYS A 64 8.02 -11.57 21.40
C LYS A 64 7.23 -12.46 22.38
N LEU A 65 5.97 -12.06 22.62
CA LEU A 65 5.07 -12.69 23.60
C LEU A 65 4.65 -14.12 23.19
N HIS A 66 4.89 -14.49 21.93
CA HIS A 66 4.72 -15.88 21.44
C HIS A 66 5.66 -16.85 22.17
N SER A 67 6.91 -16.40 22.38
CA SER A 67 7.95 -17.19 23.07
C SER A 67 8.40 -16.51 24.37
N GLY A 68 7.53 -15.62 24.89
CA GLY A 68 7.83 -14.86 26.11
C GLY A 68 8.77 -13.70 25.85
N GLU A 69 10.07 -14.02 25.76
CA GLU A 69 11.15 -13.04 25.51
C GLU A 69 11.99 -13.48 24.29
N LYS A 70 11.35 -14.23 23.35
CA LYS A 70 12.02 -14.86 22.18
C LYS A 70 12.97 -16.01 22.65
N PRO A 71 13.62 -16.81 21.71
CA PRO A 71 14.76 -17.69 22.07
C PRO A 71 15.83 -16.94 22.88
N PHE A 72 15.95 -17.34 24.16
CA PHE A 72 16.87 -16.72 25.13
C PHE A 72 18.35 -16.91 24.72
N LYS A 73 18.59 -17.99 23.96
CA LYS A 73 19.92 -18.34 23.44
C LYS A 73 19.79 -18.53 21.91
N MET A 1 86.67 40.51 35.36
CA MET A 1 85.88 41.58 34.74
C MET A 1 84.38 41.30 34.94
N GLY A 2 83.85 41.71 36.12
CA GLY A 2 82.44 41.53 36.44
C GLY A 2 82.12 40.14 36.99
N HIS A 3 81.01 40.05 37.77
CA HIS A 3 80.51 38.80 38.37
C HIS A 3 79.03 38.97 38.75
N HIS A 4 78.30 37.83 38.84
CA HIS A 4 76.88 37.76 39.23
C HIS A 4 75.98 38.56 38.25
N HIS A 5 75.52 37.90 37.17
CA HIS A 5 74.65 38.53 36.16
C HIS A 5 73.63 37.50 35.64
N HIS A 6 72.41 37.56 36.18
CA HIS A 6 71.30 36.66 35.79
C HIS A 6 70.01 37.49 35.68
N HIS A 7 69.37 37.46 34.50
CA HIS A 7 68.15 38.23 34.22
C HIS A 7 67.22 37.42 33.30
N HIS A 8 66.12 36.94 33.87
CA HIS A 8 65.00 36.31 33.15
C HIS A 8 63.71 36.53 33.97
N SER A 9 62.67 37.10 33.32
CA SER A 9 61.38 37.39 33.95
C SER A 9 60.24 37.13 32.96
N HIS A 10 59.58 35.98 33.10
CA HIS A 10 58.42 35.60 32.29
C HIS A 10 57.46 34.77 33.16
N MET A 11 56.16 35.08 33.07
CA MET A 11 55.10 34.47 33.90
C MET A 11 54.08 33.70 33.02
N PRO A 12 54.04 32.32 33.10
CA PRO A 12 53.01 31.50 32.39
C PRO A 12 51.57 31.82 32.84
N ASN A 13 50.77 32.39 31.92
CA ASN A 13 49.37 32.77 32.18
C ASN A 13 48.47 32.39 30.98
N GLY A 14 47.18 32.17 31.26
CA GLY A 14 46.23 31.80 30.22
C GLY A 14 44.96 31.20 30.79
N LYS A 15 44.12 32.03 31.43
CA LYS A 15 42.77 31.64 31.90
C LYS A 15 41.74 31.89 30.78
N LEU A 16 40.76 30.97 30.69
CA LEU A 16 39.78 30.91 29.61
C LEU A 16 38.73 29.84 29.97
N LYS A 17 37.46 30.11 29.60
CA LYS A 17 36.33 29.18 29.83
C LYS A 17 35.22 29.45 28.79
N CYS A 18 35.21 28.62 27.72
CA CYS A 18 34.25 28.71 26.62
C CYS A 18 34.31 27.44 25.76
N ASP A 19 33.48 26.45 26.10
CA ASP A 19 33.46 25.13 25.43
C ASP A 19 32.04 24.55 25.50
N VAL A 20 31.32 24.59 24.36
CA VAL A 20 29.96 24.04 24.21
C VAL A 20 29.99 22.66 23.53
N CYS A 21 28.86 21.93 23.64
CA CYS A 21 28.70 20.59 23.06
C CYS A 21 27.20 20.25 22.91
N GLY A 22 26.79 19.82 21.71
CA GLY A 22 25.40 19.47 21.43
C GLY A 22 24.59 20.66 20.90
N MET A 23 25.28 21.65 20.27
CA MET A 23 24.62 22.78 19.60
C MET A 23 24.18 22.35 18.19
N VAL A 24 22.94 22.74 17.80
CA VAL A 24 22.32 22.38 16.51
C VAL A 24 22.14 20.83 16.41
N CYS A 25 21.07 20.34 17.05
CA CYS A 25 20.69 18.93 17.02
C CYS A 25 19.30 18.77 17.63
N ILE A 26 18.28 19.09 16.82
CA ILE A 26 16.86 18.84 17.14
C ILE A 26 16.04 18.84 15.84
N GLY A 27 15.22 17.80 15.67
CA GLY A 27 14.33 17.68 14.52
C GLY A 27 13.07 16.94 14.92
N PRO A 28 11.85 17.40 14.46
CA PRO A 28 10.56 16.76 14.83
C PRO A 28 10.54 15.22 14.62
N ASN A 29 10.49 14.49 15.75
CA ASN A 29 10.35 13.02 15.76
C ASN A 29 8.98 12.59 15.19
N VAL A 30 8.00 13.51 15.24
CA VAL A 30 6.69 13.32 14.64
C VAL A 30 6.77 13.36 13.09
N LEU A 31 7.70 14.17 12.55
CA LEU A 31 8.00 14.22 11.11
C LEU A 31 8.69 12.91 10.66
N MET A 32 9.55 12.37 11.57
CA MET A 32 10.26 11.11 11.36
C MET A 32 9.29 9.92 11.20
N VAL A 33 8.36 9.78 12.16
CA VAL A 33 7.42 8.66 12.19
C VAL A 33 6.34 8.82 11.08
N HIS A 34 5.98 10.08 10.75
CA HIS A 34 5.09 10.41 9.61
C HIS A 34 5.69 9.84 8.30
N LYS A 35 7.00 10.10 8.12
CA LYS A 35 7.79 9.64 6.97
C LYS A 35 7.79 8.10 6.92
N ARG A 36 8.06 7.47 8.07
CA ARG A 36 8.21 6.00 8.17
C ARG A 36 6.86 5.26 8.00
N SER A 37 5.74 5.96 8.27
CA SER A 37 4.38 5.43 8.02
C SER A 37 4.05 5.48 6.52
N HIS A 38 4.57 6.52 5.83
CA HIS A 38 4.25 6.77 4.41
C HIS A 38 5.21 6.03 3.46
N THR A 39 6.44 5.72 3.94
CA THR A 39 7.42 4.95 3.15
C THR A 39 6.93 3.49 3.01
N GLY A 40 6.25 3.20 1.89
CA GLY A 40 5.75 1.87 1.58
C GLY A 40 4.37 1.60 2.19
N GLU A 41 4.27 1.79 3.53
CA GLU A 41 3.09 1.40 4.33
C GLU A 41 2.83 -0.11 4.14
N ARG A 42 3.63 -0.92 4.83
CA ARG A 42 3.64 -2.38 4.70
C ARG A 42 3.19 -3.02 6.03
N PRO A 43 1.91 -3.52 6.13
CA PRO A 43 1.39 -4.14 7.38
C PRO A 43 2.03 -5.51 7.64
N PHE A 44 3.15 -5.50 8.38
CA PHE A 44 3.91 -6.70 8.73
C PHE A 44 3.00 -7.69 9.47
N HIS A 45 2.89 -8.90 8.95
CA HIS A 45 2.08 -9.96 9.56
C HIS A 45 2.94 -10.65 10.61
N CYS A 46 2.30 -10.98 11.74
CA CYS A 46 2.97 -11.61 12.90
C CYS A 46 3.52 -12.99 12.53
N ASN A 47 2.61 -13.92 12.19
CA ASN A 47 2.94 -15.29 11.76
C ASN A 47 1.65 -16.06 11.40
N GLN A 48 0.76 -16.20 12.39
CA GLN A 48 -0.48 -16.99 12.27
C GLN A 48 -1.62 -16.37 13.13
N CYS A 49 -1.23 -15.60 14.17
CA CYS A 49 -2.16 -15.07 15.20
C CYS A 49 -3.02 -13.88 14.71
N GLY A 50 -3.06 -13.63 13.38
CA GLY A 50 -4.01 -12.70 12.78
C GLY A 50 -3.57 -11.24 12.80
N ALA A 51 -2.75 -10.87 13.79
CA ALA A 51 -2.29 -9.49 13.97
C ALA A 51 -1.33 -9.04 12.86
N SER A 52 -1.48 -7.77 12.46
CA SER A 52 -0.65 -7.15 11.40
C SER A 52 -0.41 -5.66 11.72
N PHE A 53 0.86 -5.23 11.73
CA PHE A 53 1.26 -3.88 12.12
C PHE A 53 2.31 -3.36 11.13
N THR A 54 2.08 -2.18 10.54
CA THR A 54 3.11 -1.50 9.72
C THR A 54 4.15 -0.85 10.63
N GLN A 55 3.76 -0.59 11.89
CA GLN A 55 4.63 -0.04 12.92
C GLN A 55 5.32 -1.19 13.65
N LYS A 56 6.65 -1.27 13.50
CA LYS A 56 7.48 -2.30 14.15
C LYS A 56 7.50 -2.13 15.69
N GLY A 57 7.14 -0.92 16.18
CA GLY A 57 6.94 -0.70 17.60
C GLY A 57 5.81 -1.56 18.18
N ASN A 58 4.71 -1.64 17.41
CA ASN A 58 3.55 -2.48 17.76
C ASN A 58 3.86 -3.97 17.49
N LEU A 59 4.52 -4.24 16.35
CA LEU A 59 4.85 -5.60 15.90
C LEU A 59 5.74 -6.33 16.92
N LEU A 60 6.90 -5.72 17.27
CA LEU A 60 7.90 -6.30 18.18
C LEU A 60 7.30 -6.57 19.58
N ARG A 61 6.37 -5.69 20.01
CA ARG A 61 5.67 -5.83 21.30
C ARG A 61 4.78 -7.08 21.30
N HIS A 62 3.97 -7.23 20.23
CA HIS A 62 3.00 -8.33 20.11
C HIS A 62 3.69 -9.70 19.92
N ILE A 63 4.62 -9.79 18.94
CA ILE A 63 5.28 -11.07 18.58
C ILE A 63 6.06 -11.62 19.80
N LYS A 64 6.58 -10.69 20.61
CA LYS A 64 7.32 -10.98 21.84
C LYS A 64 6.50 -11.82 22.84
N LEU A 65 5.19 -11.48 22.96
CA LEU A 65 4.26 -12.11 23.93
C LEU A 65 4.25 -13.64 23.78
N HIS A 66 4.13 -14.09 22.53
CA HIS A 66 4.05 -15.52 22.17
C HIS A 66 5.33 -16.05 21.52
N SER A 67 6.38 -15.18 21.48
CA SER A 67 7.71 -15.57 20.96
C SER A 67 8.32 -16.71 21.80
N GLY A 68 8.04 -16.69 23.11
CA GLY A 68 8.47 -17.75 24.00
C GLY A 68 8.20 -17.40 25.45
N GLU A 69 6.97 -16.87 25.71
CA GLU A 69 6.53 -16.41 27.05
C GLU A 69 7.48 -15.31 27.57
N LYS A 70 7.24 -14.06 27.16
CA LYS A 70 8.08 -12.90 27.51
C LYS A 70 7.24 -11.82 28.23
N PRO A 71 7.91 -10.90 29.02
CA PRO A 71 7.23 -9.79 29.76
C PRO A 71 6.28 -8.98 28.86
N PHE A 72 4.98 -8.98 29.25
CA PHE A 72 3.87 -8.42 28.47
C PHE A 72 4.14 -6.98 27.98
N LYS A 73 4.38 -6.06 28.94
CA LYS A 73 4.74 -4.66 28.65
C LYS A 73 5.98 -4.56 27.73
N MET A 1 3.52 -8.52 -99.77
CA MET A 1 3.76 -9.82 -99.11
C MET A 1 5.07 -9.75 -98.30
N GLY A 2 4.93 -9.70 -96.97
CA GLY A 2 6.06 -9.53 -96.05
C GLY A 2 5.56 -9.07 -94.68
N HIS A 3 5.41 -10.03 -93.75
CA HIS A 3 4.92 -9.81 -92.38
C HIS A 3 5.70 -10.73 -91.42
N HIS A 4 5.97 -10.25 -90.19
CA HIS A 4 6.64 -11.02 -89.14
C HIS A 4 6.22 -10.53 -87.76
N HIS A 5 6.14 -11.46 -86.78
CA HIS A 5 5.89 -11.15 -85.37
C HIS A 5 7.17 -11.39 -84.56
N HIS A 6 7.71 -10.32 -83.95
CA HIS A 6 8.90 -10.38 -83.10
C HIS A 6 8.79 -9.27 -82.03
N HIS A 7 8.16 -9.62 -80.91
CA HIS A 7 7.89 -8.68 -79.81
C HIS A 7 9.17 -8.49 -78.96
N HIS A 8 9.69 -7.25 -78.95
CA HIS A 8 10.86 -6.86 -78.16
C HIS A 8 10.42 -5.80 -77.14
N SER A 9 9.99 -6.26 -75.96
CA SER A 9 9.42 -5.41 -74.91
C SER A 9 10.52 -4.87 -73.96
N HIS A 10 11.05 -3.70 -74.32
CA HIS A 10 12.02 -2.96 -73.50
C HIS A 10 11.25 -2.11 -72.47
N MET A 11 10.94 -2.73 -71.31
CA MET A 11 10.08 -2.13 -70.27
C MET A 11 10.76 -2.16 -68.88
N PRO A 12 11.20 -0.98 -68.34
CA PRO A 12 11.78 -0.90 -66.98
C PRO A 12 10.70 -0.73 -65.87
N ASN A 13 10.67 -1.68 -64.92
CA ASN A 13 9.80 -1.61 -63.74
C ASN A 13 10.48 -2.32 -62.56
N GLY A 14 10.37 -1.74 -61.35
CA GLY A 14 10.98 -2.29 -60.16
C GLY A 14 10.04 -2.16 -58.97
N LYS A 15 9.49 -3.28 -58.50
CA LYS A 15 8.66 -3.33 -57.29
C LYS A 15 9.58 -3.37 -56.04
N LEU A 16 9.52 -2.32 -55.20
CA LEU A 16 10.32 -2.21 -53.98
C LEU A 16 9.62 -1.29 -52.96
N LYS A 17 9.77 -1.59 -51.65
CA LYS A 17 9.20 -0.76 -50.57
C LYS A 17 9.80 -1.17 -49.21
N CYS A 18 10.53 -0.24 -48.58
CA CYS A 18 11.05 -0.38 -47.20
C CYS A 18 10.53 0.77 -46.32
N ASP A 19 10.22 0.46 -45.05
CA ASP A 19 9.71 1.44 -44.07
C ASP A 19 10.59 1.42 -42.81
N VAL A 20 10.65 2.54 -42.06
CA VAL A 20 11.51 2.67 -40.86
C VAL A 20 11.03 1.75 -39.70
N CYS A 21 9.74 1.33 -39.76
CA CYS A 21 9.11 0.34 -38.87
C CYS A 21 8.90 0.87 -37.43
N GLY A 22 10.00 1.14 -36.71
CA GLY A 22 9.97 1.77 -35.37
C GLY A 22 9.78 3.28 -35.45
N MET A 23 8.68 3.72 -36.10
CA MET A 23 8.29 5.13 -36.20
C MET A 23 7.47 5.51 -34.95
N VAL A 24 8.08 6.31 -34.04
CA VAL A 24 7.53 6.62 -32.71
C VAL A 24 7.24 5.30 -31.94
N CYS A 25 8.28 4.77 -31.28
CA CYS A 25 8.24 3.45 -30.63
C CYS A 25 9.09 3.48 -29.34
N ILE A 26 8.53 4.12 -28.29
CA ILE A 26 9.17 4.25 -26.96
C ILE A 26 8.19 3.81 -25.85
N GLY A 27 8.76 3.43 -24.70
CA GLY A 27 7.99 3.03 -23.52
C GLY A 27 8.87 2.29 -22.51
N PRO A 28 9.71 3.03 -21.70
CA PRO A 28 10.61 2.42 -20.70
C PRO A 28 9.87 1.94 -19.43
N ASN A 29 10.61 1.27 -18.53
CA ASN A 29 10.02 0.71 -17.29
C ASN A 29 9.91 1.80 -16.22
N VAL A 30 8.86 2.62 -16.32
CA VAL A 30 8.54 3.71 -15.39
C VAL A 30 8.07 3.15 -14.01
N LEU A 31 7.51 1.93 -14.05
CA LEU A 31 6.91 1.28 -12.87
C LEU A 31 7.98 0.94 -11.80
N MET A 32 9.09 0.31 -12.23
CA MET A 32 10.15 -0.17 -11.33
C MET A 32 10.88 0.99 -10.61
N VAL A 33 11.24 2.05 -11.37
CA VAL A 33 12.04 3.18 -10.83
C VAL A 33 11.27 3.94 -9.73
N HIS A 34 9.96 4.18 -9.93
CA HIS A 34 9.10 4.85 -8.93
C HIS A 34 8.97 3.98 -7.68
N LYS A 35 8.66 2.69 -7.90
CA LYS A 35 8.40 1.72 -6.84
C LYS A 35 9.63 1.58 -5.92
N ARG A 36 10.81 1.36 -6.54
CA ARG A 36 12.08 1.17 -5.84
C ARG A 36 12.43 2.41 -4.97
N SER A 37 12.12 3.61 -5.52
CA SER A 37 12.34 4.89 -4.85
C SER A 37 11.51 5.00 -3.55
N HIS A 38 10.23 4.55 -3.62
CA HIS A 38 9.28 4.67 -2.50
C HIS A 38 9.54 3.56 -1.45
N THR A 39 10.56 3.77 -0.63
CA THR A 39 10.97 2.85 0.44
C THR A 39 10.02 2.99 1.65
N GLY A 40 8.96 2.14 1.67
CA GLY A 40 7.96 2.15 2.74
C GLY A 40 8.17 0.99 3.71
N GLU A 41 8.06 1.25 5.04
CA GLU A 41 8.16 0.20 6.08
C GLU A 41 7.04 -0.84 5.86
N ARG A 42 7.47 -2.11 5.74
CA ARG A 42 6.59 -3.25 5.43
C ARG A 42 5.43 -3.36 6.47
N PRO A 43 4.18 -3.71 6.04
CA PRO A 43 3.13 -4.10 7.00
C PRO A 43 3.55 -5.37 7.79
N PHE A 44 4.19 -5.11 8.94
CA PHE A 44 4.71 -6.13 9.85
C PHE A 44 3.57 -6.95 10.47
N HIS A 45 3.16 -8.02 9.77
CA HIS A 45 2.06 -8.90 10.21
C HIS A 45 2.61 -10.22 10.73
N CYS A 46 1.94 -10.73 11.77
CA CYS A 46 2.20 -12.05 12.33
C CYS A 46 1.16 -13.02 11.72
N ASN A 47 1.66 -13.98 10.91
CA ASN A 47 0.85 -14.78 9.94
C ASN A 47 -0.35 -15.54 10.58
N GLN A 48 -0.06 -16.65 11.30
CA GLN A 48 -1.12 -17.53 11.86
C GLN A 48 -1.72 -16.99 13.18
N CYS A 49 -1.29 -15.78 13.58
CA CYS A 49 -1.94 -15.01 14.66
C CYS A 49 -3.14 -14.24 14.08
N GLY A 50 -2.94 -13.76 12.83
CA GLY A 50 -3.91 -12.89 12.15
C GLY A 50 -3.92 -11.48 12.72
N ALA A 51 -2.72 -11.00 13.12
CA ALA A 51 -2.52 -9.67 13.72
C ALA A 51 -1.53 -8.88 12.86
N SER A 52 -2.05 -7.92 12.07
CA SER A 52 -1.26 -7.17 11.07
C SER A 52 -1.00 -5.74 11.57
N PHE A 53 0.28 -5.32 11.54
CA PHE A 53 0.72 -3.99 12.04
C PHE A 53 1.45 -3.23 10.93
N THR A 54 1.19 -1.92 10.82
CA THR A 54 1.91 -1.04 9.86
C THR A 54 3.29 -0.62 10.42
N GLN A 55 3.51 -0.79 11.75
CA GLN A 55 4.74 -0.34 12.43
C GLN A 55 5.41 -1.47 13.23
N LYS A 56 6.75 -1.38 13.24
CA LYS A 56 7.67 -2.25 13.98
C LYS A 56 7.36 -2.27 15.48
N GLY A 57 7.02 -1.08 16.05
CA GLY A 57 6.79 -0.95 17.50
C GLY A 57 5.71 -1.88 18.05
N ASN A 58 4.68 -2.10 17.22
CA ASN A 58 3.54 -2.96 17.57
C ASN A 58 3.88 -4.45 17.36
N LEU A 59 4.64 -4.75 16.30
CA LEU A 59 5.07 -6.12 15.99
C LEU A 59 5.98 -6.67 17.11
N LEU A 60 7.01 -5.87 17.43
CA LEU A 60 8.06 -6.23 18.42
C LEU A 60 7.45 -6.50 19.81
N ARG A 61 6.33 -5.84 20.11
CA ARG A 61 5.54 -6.10 21.33
C ARG A 61 4.89 -7.48 21.24
N HIS A 62 4.15 -7.67 20.15
CA HIS A 62 3.28 -8.85 19.91
C HIS A 62 4.08 -10.17 19.90
N ILE A 63 5.18 -10.20 19.13
CA ILE A 63 6.04 -11.39 18.97
C ILE A 63 6.81 -11.71 20.27
N LYS A 64 7.03 -10.66 21.09
CA LYS A 64 7.62 -10.82 22.43
C LYS A 64 6.58 -11.41 23.42
N LEU A 65 5.31 -10.97 23.30
CA LEU A 65 4.20 -11.45 24.15
C LEU A 65 3.87 -12.93 23.85
N HIS A 66 4.20 -13.37 22.62
CA HIS A 66 4.19 -14.80 22.23
C HIS A 66 5.16 -15.61 23.12
N SER A 67 6.35 -15.01 23.37
CA SER A 67 7.39 -15.55 24.27
C SER A 67 8.10 -16.79 23.69
N GLY A 68 9.43 -16.88 23.89
CA GLY A 68 10.24 -17.97 23.33
C GLY A 68 11.01 -17.54 22.08
N GLU A 69 10.35 -16.69 21.27
CA GLU A 69 10.96 -16.02 20.10
C GLU A 69 12.15 -15.16 20.52
N LYS A 70 12.04 -14.60 21.72
CA LYS A 70 13.08 -13.82 22.37
C LYS A 70 13.73 -14.67 23.45
N PRO A 71 15.09 -14.56 23.66
CA PRO A 71 15.77 -15.19 24.81
C PRO A 71 15.37 -14.51 26.14
N PHE A 72 15.62 -15.22 27.26
CA PHE A 72 15.13 -14.85 28.60
C PHE A 72 13.59 -14.89 28.62
N LYS A 73 13.07 -16.13 28.61
CA LYS A 73 11.64 -16.47 28.76
C LYS A 73 10.75 -15.72 27.69
N MET A 1 37.10 54.05 41.73
CA MET A 1 37.64 52.86 42.43
C MET A 1 36.58 52.37 43.43
N GLY A 2 35.74 51.41 42.97
CA GLY A 2 34.62 50.92 43.76
C GLY A 2 34.17 49.54 43.30
N HIS A 3 34.57 48.49 44.04
CA HIS A 3 34.21 47.09 43.72
C HIS A 3 32.82 46.75 44.31
N HIS A 4 32.37 47.56 45.30
CA HIS A 4 31.08 47.35 46.00
C HIS A 4 29.90 47.47 45.00
N HIS A 5 29.30 46.33 44.66
CA HIS A 5 28.19 46.23 43.70
C HIS A 5 27.23 45.15 44.19
N HIS A 6 26.37 45.53 45.15
CA HIS A 6 25.37 44.65 45.74
C HIS A 6 24.04 45.41 45.80
N HIS A 7 23.17 45.16 44.83
CA HIS A 7 21.78 45.64 44.86
C HIS A 7 20.89 44.49 45.31
N HIS A 8 20.25 44.64 46.47
CA HIS A 8 19.30 43.67 47.02
C HIS A 8 18.06 44.40 47.57
N SER A 9 18.29 45.64 48.05
CA SER A 9 17.25 46.56 48.55
C SER A 9 16.44 45.96 49.71
N HIS A 10 15.22 45.40 49.44
CA HIS A 10 14.29 44.91 50.49
C HIS A 10 12.98 44.35 49.87
N MET A 11 13.08 43.56 48.77
CA MET A 11 11.88 43.03 48.07
C MET A 11 11.89 41.48 48.05
N PRO A 12 11.35 40.81 49.12
CA PRO A 12 11.19 39.34 49.17
C PRO A 12 9.73 38.89 48.86
N ASN A 13 9.49 38.49 47.59
CA ASN A 13 8.17 38.01 47.15
C ASN A 13 8.15 36.49 47.06
N GLY A 14 6.97 35.91 47.31
CA GLY A 14 6.75 34.46 47.35
C GLY A 14 5.34 34.14 47.85
N LYS A 15 4.35 34.78 47.22
CA LYS A 15 2.93 34.70 47.61
C LYS A 15 2.07 34.19 46.45
N LEU A 16 2.44 34.59 45.22
CA LEU A 16 1.67 34.28 44.00
C LEU A 16 1.91 32.80 43.59
N LYS A 17 0.83 32.01 43.54
CA LYS A 17 0.86 30.61 43.10
C LYS A 17 -0.33 30.34 42.17
N CYS A 18 -0.11 29.49 41.16
CA CYS A 18 -1.11 29.14 40.14
C CYS A 18 -1.28 27.62 40.07
N ASP A 19 -2.40 27.16 39.45
CA ASP A 19 -2.70 25.73 39.30
C ASP A 19 -3.52 25.49 38.02
N VAL A 20 -3.05 24.54 37.19
CA VAL A 20 -3.74 24.13 35.96
C VAL A 20 -3.33 22.69 35.60
N CYS A 21 -4.26 21.93 35.01
CA CYS A 21 -4.00 20.57 34.49
C CYS A 21 -5.11 20.16 33.51
N GLY A 22 -4.76 19.31 32.54
CA GLY A 22 -5.73 18.78 31.57
C GLY A 22 -5.13 17.80 30.58
N MET A 23 -5.99 16.96 29.99
CA MET A 23 -5.61 15.94 29.00
C MET A 23 -6.87 15.60 28.16
N VAL A 24 -6.90 16.05 26.89
CA VAL A 24 -8.07 15.89 26.00
C VAL A 24 -7.90 14.69 25.04
N CYS A 25 -9.05 14.20 24.54
CA CYS A 25 -9.12 13.13 23.53
C CYS A 25 -9.28 13.74 22.11
N ILE A 26 -8.60 13.14 21.12
CA ILE A 26 -8.72 13.50 19.71
C ILE A 26 -8.36 12.27 18.85
N GLY A 27 -9.17 12.03 17.81
CA GLY A 27 -8.97 10.90 16.89
C GLY A 27 -9.88 11.06 15.68
N PRO A 28 -9.56 12.03 14.75
CA PRO A 28 -10.45 12.39 13.62
C PRO A 28 -10.60 11.23 12.60
N ASN A 29 -11.77 11.19 11.94
CA ASN A 29 -12.13 10.13 10.98
C ASN A 29 -11.41 10.31 9.63
N VAL A 30 -10.61 11.39 9.49
CA VAL A 30 -9.67 11.58 8.36
C VAL A 30 -8.62 10.46 8.35
N LEU A 31 -8.27 9.98 9.55
CA LEU A 31 -7.33 8.88 9.77
C LEU A 31 -7.98 7.54 9.36
N MET A 32 -9.27 7.41 9.71
CA MET A 32 -10.07 6.20 9.45
C MET A 32 -10.26 5.97 7.94
N VAL A 33 -10.71 7.03 7.24
CA VAL A 33 -10.98 6.98 5.79
C VAL A 33 -9.67 6.84 4.99
N HIS A 34 -8.57 7.38 5.55
CA HIS A 34 -7.23 7.25 4.95
C HIS A 34 -6.81 5.76 4.88
N LYS A 35 -6.93 5.08 6.02
CA LYS A 35 -6.59 3.64 6.15
C LYS A 35 -7.62 2.75 5.42
N ARG A 36 -8.85 3.24 5.29
CA ARG A 36 -9.92 2.50 4.58
C ARG A 36 -9.61 2.50 3.06
N SER A 37 -9.38 3.70 2.52
CA SER A 37 -9.20 3.93 1.07
C SER A 37 -7.79 3.53 0.61
N HIS A 38 -6.81 3.58 1.52
CA HIS A 38 -5.39 3.27 1.22
C HIS A 38 -4.82 2.36 2.33
N THR A 39 -4.84 1.04 2.06
CA THR A 39 -4.26 0.01 2.92
C THR A 39 -3.85 -1.21 2.08
N GLY A 40 -3.21 -2.19 2.73
CA GLY A 40 -2.83 -3.44 2.10
C GLY A 40 -2.38 -4.46 3.13
N GLU A 41 -2.20 -5.72 2.68
CA GLU A 41 -1.68 -6.79 3.53
C GLU A 41 -0.14 -6.67 3.62
N ARG A 42 0.28 -5.63 4.37
CA ARG A 42 1.69 -5.29 4.62
C ARG A 42 2.32 -6.33 5.57
N PRO A 43 3.66 -6.61 5.45
CA PRO A 43 4.34 -7.64 6.28
C PRO A 43 4.48 -7.25 7.78
N PHE A 44 3.88 -6.10 8.17
CA PHE A 44 3.80 -5.65 9.56
C PHE A 44 2.66 -6.35 10.34
N HIS A 45 2.08 -7.42 9.77
CA HIS A 45 1.11 -8.27 10.48
C HIS A 45 1.85 -9.40 11.20
N CYS A 46 1.30 -9.84 12.34
CA CYS A 46 1.80 -10.97 13.12
C CYS A 46 1.64 -12.27 12.33
N ASN A 47 2.75 -12.81 11.76
CA ASN A 47 2.74 -14.12 11.08
C ASN A 47 2.73 -15.23 12.14
N GLN A 48 1.52 -15.46 12.70
CA GLN A 48 1.24 -16.45 13.73
C GLN A 48 -0.26 -16.43 14.08
N CYS A 49 -0.85 -15.21 14.11
CA CYS A 49 -2.28 -15.01 14.47
C CYS A 49 -3.02 -14.09 13.47
N GLY A 50 -2.26 -13.43 12.58
CA GLY A 50 -2.81 -12.51 11.58
C GLY A 50 -3.24 -11.15 12.15
N ALA A 51 -2.68 -10.78 13.32
CA ALA A 51 -2.94 -9.48 13.96
C ALA A 51 -2.20 -8.37 13.20
N SER A 52 -2.94 -7.61 12.40
CA SER A 52 -2.39 -6.60 11.48
C SER A 52 -1.92 -5.35 12.24
N PHE A 53 -0.65 -4.93 11.98
CA PHE A 53 -0.10 -3.64 12.46
C PHE A 53 0.45 -2.86 11.26
N THR A 54 0.95 -1.66 11.55
CA THR A 54 1.61 -0.78 10.56
C THR A 54 3.01 -0.39 11.04
N GLN A 55 3.30 -0.64 12.34
CA GLN A 55 4.55 -0.21 12.99
C GLN A 55 5.33 -1.42 13.50
N LYS A 56 6.67 -1.35 13.38
CA LYS A 56 7.59 -2.38 13.86
C LYS A 56 7.59 -2.46 15.39
N GLY A 57 7.29 -1.33 16.06
CA GLY A 57 7.21 -1.28 17.53
C GLY A 57 6.10 -2.17 18.07
N ASN A 58 4.91 -2.05 17.47
CA ASN A 58 3.73 -2.85 17.85
C ASN A 58 3.91 -4.32 17.45
N LEU A 59 4.54 -4.54 16.28
CA LEU A 59 4.77 -5.88 15.73
C LEU A 59 5.76 -6.69 16.60
N LEU A 60 6.92 -6.09 16.87
CA LEU A 60 8.01 -6.73 17.64
C LEU A 60 7.56 -7.03 19.08
N ARG A 61 6.77 -6.09 19.63
CA ARG A 61 6.14 -6.26 20.94
C ARG A 61 5.26 -7.52 20.94
N HIS A 62 4.37 -7.59 19.94
CA HIS A 62 3.35 -8.63 19.83
C HIS A 62 3.95 -10.03 19.62
N ILE A 63 4.91 -10.16 18.68
CA ILE A 63 5.56 -11.46 18.37
C ILE A 63 6.41 -11.95 19.56
N LYS A 64 6.87 -11.00 20.38
CA LYS A 64 7.60 -11.28 21.62
C LYS A 64 6.68 -11.97 22.64
N LEU A 65 5.40 -11.53 22.68
CA LEU A 65 4.34 -12.20 23.47
C LEU A 65 4.16 -13.67 23.02
N HIS A 66 4.31 -13.92 21.70
CA HIS A 66 4.28 -15.30 21.16
C HIS A 66 5.56 -16.07 21.57
N SER A 67 6.69 -15.34 21.64
CA SER A 67 8.00 -15.92 21.98
C SER A 67 8.17 -16.06 23.51
N GLY A 68 7.72 -17.21 24.05
CA GLY A 68 7.91 -17.57 25.47
C GLY A 68 6.93 -16.89 26.42
N GLU A 69 5.90 -16.22 25.84
CA GLU A 69 4.76 -15.61 26.58
C GLU A 69 5.22 -14.40 27.43
N LYS A 70 4.85 -13.17 27.00
CA LYS A 70 5.09 -11.92 27.77
C LYS A 70 3.77 -11.44 28.38
N PRO A 71 3.76 -11.02 29.70
CA PRO A 71 2.53 -10.69 30.45
C PRO A 71 1.91 -9.35 30.01
N PHE A 72 0.61 -9.18 30.28
CA PHE A 72 -0.12 -7.91 30.10
C PHE A 72 0.31 -6.89 31.18
N LYS A 73 0.82 -7.42 32.29
CA LYS A 73 1.30 -6.62 33.43
C LYS A 73 2.77 -6.22 33.20
N MET A 1 -39.88 8.67 -87.83
CA MET A 1 -40.85 8.35 -86.77
C MET A 1 -40.49 9.10 -85.47
N GLY A 2 -39.35 8.70 -84.85
CA GLY A 2 -38.91 9.29 -83.58
C GLY A 2 -37.61 10.09 -83.74
N HIS A 3 -37.19 10.73 -82.64
CA HIS A 3 -35.94 11.51 -82.56
C HIS A 3 -35.30 11.25 -81.19
N HIS A 4 -34.39 12.17 -80.76
CA HIS A 4 -33.73 12.16 -79.43
C HIS A 4 -32.75 10.99 -79.30
N HIS A 5 -32.26 10.48 -80.45
CA HIS A 5 -31.28 9.38 -80.49
C HIS A 5 -29.96 9.82 -79.82
N HIS A 6 -29.39 8.92 -79.00
CA HIS A 6 -28.15 9.16 -78.22
C HIS A 6 -28.40 10.22 -77.13
N HIS A 7 -28.92 9.78 -75.97
CA HIS A 7 -29.18 10.66 -74.82
C HIS A 7 -28.80 9.94 -73.52
N HIS A 8 -27.60 10.23 -73.02
CA HIS A 8 -27.10 9.68 -71.75
C HIS A 8 -26.03 10.61 -71.16
N SER A 9 -26.22 10.98 -69.89
CA SER A 9 -25.32 11.87 -69.16
C SER A 9 -25.54 11.67 -67.64
N HIS A 10 -24.63 12.23 -66.82
CA HIS A 10 -24.69 12.07 -65.35
C HIS A 10 -24.07 13.29 -64.67
N MET A 11 -24.10 13.29 -63.33
CA MET A 11 -23.56 14.37 -62.50
C MET A 11 -22.04 14.16 -62.25
N PRO A 12 -21.21 15.26 -62.27
CA PRO A 12 -19.74 15.17 -62.05
C PRO A 12 -19.35 14.51 -60.71
N ASN A 13 -18.50 13.47 -60.78
CA ASN A 13 -18.13 12.63 -59.62
C ASN A 13 -16.61 12.73 -59.34
N GLY A 14 -16.23 12.69 -58.06
CA GLY A 14 -14.83 12.79 -57.65
C GLY A 14 -14.71 13.04 -56.15
N LYS A 15 -14.87 11.97 -55.37
CA LYS A 15 -14.94 12.03 -53.89
C LYS A 15 -13.53 11.95 -53.26
N LEU A 16 -12.70 12.97 -53.50
CA LEU A 16 -11.32 13.04 -52.98
C LEU A 16 -11.28 13.88 -51.69
N LYS A 17 -10.73 13.29 -50.61
CA LYS A 17 -10.43 13.99 -49.34
C LYS A 17 -9.48 13.11 -48.49
N CYS A 18 -8.78 13.74 -47.53
CA CYS A 18 -7.90 13.02 -46.59
C CYS A 18 -7.57 13.91 -45.38
N ASP A 19 -7.79 13.34 -44.17
CA ASP A 19 -7.43 13.97 -42.88
C ASP A 19 -7.34 12.87 -41.81
N VAL A 20 -6.45 13.07 -40.83
CA VAL A 20 -6.26 12.16 -39.68
C VAL A 20 -6.31 12.98 -38.37
N CYS A 21 -6.91 12.38 -37.32
CA CYS A 21 -7.01 13.01 -35.99
C CYS A 21 -6.81 11.96 -34.89
N GLY A 22 -6.83 12.41 -33.62
CA GLY A 22 -6.68 11.53 -32.46
C GLY A 22 -5.22 11.49 -32.01
N MET A 23 -4.87 12.37 -31.05
CA MET A 23 -3.52 12.43 -30.48
C MET A 23 -3.24 11.19 -29.60
N VAL A 24 -1.95 10.94 -29.32
CA VAL A 24 -1.54 9.83 -28.43
C VAL A 24 -0.64 10.38 -27.32
N CYS A 25 -0.94 9.99 -26.07
CA CYS A 25 -0.21 10.44 -24.88
C CYS A 25 -0.48 9.49 -23.70
N ILE A 26 0.09 8.27 -23.80
CA ILE A 26 0.01 7.25 -22.74
C ILE A 26 1.38 7.19 -22.02
N GLY A 27 1.34 7.28 -20.68
CA GLY A 27 2.54 7.16 -19.85
C GLY A 27 2.21 7.20 -18.36
N PRO A 28 1.45 6.19 -17.80
CA PRO A 28 1.14 6.13 -16.34
C PRO A 28 2.39 5.82 -15.48
N ASN A 29 2.23 5.81 -14.15
CA ASN A 29 3.36 5.60 -13.20
C ASN A 29 3.65 4.09 -12.95
N VAL A 30 3.50 3.27 -14.03
CA VAL A 30 3.70 1.80 -13.98
C VAL A 30 5.11 1.41 -13.49
N LEU A 31 6.10 2.28 -13.76
CA LEU A 31 7.49 2.07 -13.33
C LEU A 31 7.59 2.05 -11.79
N MET A 32 7.01 3.09 -11.16
CA MET A 32 7.06 3.30 -9.70
C MET A 32 6.35 2.17 -8.94
N VAL A 33 5.19 1.75 -9.47
CA VAL A 33 4.33 0.73 -8.85
C VAL A 33 4.98 -0.66 -9.00
N HIS A 34 5.57 -0.94 -10.17
CA HIS A 34 6.26 -2.22 -10.46
C HIS A 34 7.60 -2.31 -9.70
N LYS A 35 8.20 -1.14 -9.44
CA LYS A 35 9.45 -0.99 -8.65
C LYS A 35 9.18 -1.36 -7.19
N ARG A 36 8.07 -0.84 -6.65
CA ARG A 36 7.62 -1.14 -5.28
C ARG A 36 7.17 -2.62 -5.16
N SER A 37 6.64 -3.15 -6.26
CA SER A 37 6.24 -4.56 -6.36
C SER A 37 7.49 -5.46 -6.43
N HIS A 38 8.59 -4.91 -6.94
CA HIS A 38 9.90 -5.61 -6.99
C HIS A 38 10.52 -5.65 -5.58
N THR A 39 10.39 -4.53 -4.83
CA THR A 39 10.93 -4.45 -3.47
C THR A 39 10.10 -5.36 -2.53
N GLY A 40 10.67 -6.54 -2.21
CA GLY A 40 10.01 -7.54 -1.36
C GLY A 40 10.08 -7.20 0.12
N GLU A 41 9.46 -6.07 0.48
CA GLU A 41 9.36 -5.61 1.86
C GLU A 41 8.07 -6.18 2.46
N ARG A 42 8.20 -7.27 3.21
CA ARG A 42 7.07 -7.92 3.90
C ARG A 42 6.65 -7.05 5.11
N PRO A 43 5.44 -6.41 5.07
CA PRO A 43 4.98 -5.49 6.15
C PRO A 43 4.96 -6.15 7.55
N PHE A 44 5.07 -5.33 8.58
CA PHE A 44 5.08 -5.78 9.97
C PHE A 44 3.67 -6.24 10.38
N HIS A 45 3.42 -7.55 10.30
CA HIS A 45 2.11 -8.15 10.69
C HIS A 45 2.33 -9.51 11.37
N CYS A 46 1.50 -9.81 12.38
CA CYS A 46 1.51 -11.10 13.06
C CYS A 46 0.56 -12.04 12.32
N ASN A 47 1.10 -12.69 11.28
CA ASN A 47 0.37 -13.69 10.47
C ASN A 47 0.05 -14.95 11.31
N GLN A 48 0.85 -15.15 12.38
CA GLN A 48 0.68 -16.27 13.34
C GLN A 48 -0.66 -16.15 14.12
N CYS A 49 -1.14 -14.90 14.28
CA CYS A 49 -2.40 -14.61 14.97
C CYS A 49 -3.51 -14.19 13.97
N GLY A 50 -3.08 -13.65 12.82
CA GLY A 50 -3.98 -12.98 11.88
C GLY A 50 -4.09 -11.49 12.17
N ALA A 51 -3.37 -11.02 13.21
CA ALA A 51 -3.37 -9.62 13.62
C ALA A 51 -2.45 -8.79 12.72
N SER A 52 -3.06 -8.08 11.75
CA SER A 52 -2.31 -7.23 10.82
C SER A 52 -1.92 -5.92 11.51
N PHE A 53 -0.63 -5.59 11.47
CA PHE A 53 -0.09 -4.30 11.95
C PHE A 53 0.45 -3.54 10.73
N THR A 54 1.28 -2.52 10.97
CA THR A 54 1.97 -1.78 9.91
C THR A 54 3.29 -1.21 10.43
N GLN A 55 3.29 -0.82 11.72
CA GLN A 55 4.48 -0.26 12.39
C GLN A 55 5.18 -1.36 13.17
N LYS A 56 6.53 -1.26 13.26
CA LYS A 56 7.36 -2.28 13.89
C LYS A 56 7.09 -2.38 15.38
N GLY A 57 6.93 -1.23 16.07
CA GLY A 57 6.75 -1.20 17.54
C GLY A 57 5.52 -1.97 18.01
N ASN A 58 4.51 -2.07 17.12
CA ASN A 58 3.29 -2.85 17.37
C ASN A 58 3.59 -4.36 17.24
N LEU A 59 4.27 -4.74 16.15
CA LEU A 59 4.63 -6.15 15.88
C LEU A 59 5.65 -6.69 16.90
N LEU A 60 6.63 -5.84 17.25
CA LEU A 60 7.80 -6.24 18.06
C LEU A 60 7.38 -6.66 19.46
N ARG A 61 6.58 -5.81 20.12
CA ARG A 61 6.08 -6.08 21.47
C ARG A 61 5.15 -7.32 21.47
N HIS A 62 4.43 -7.51 20.35
CA HIS A 62 3.47 -8.60 20.20
C HIS A 62 4.18 -9.97 20.10
N ILE A 63 5.21 -10.04 19.23
CA ILE A 63 5.97 -11.28 18.94
C ILE A 63 6.84 -11.71 20.13
N LYS A 64 7.19 -10.75 21.01
CA LYS A 64 7.84 -11.04 22.31
C LYS A 64 7.02 -12.12 23.08
N LEU A 65 5.69 -11.97 23.11
CA LEU A 65 4.81 -12.93 23.79
C LEU A 65 4.82 -14.32 23.08
N HIS A 66 5.11 -14.33 21.77
CA HIS A 66 5.29 -15.57 20.97
C HIS A 66 6.66 -16.24 21.31
N SER A 67 7.60 -15.45 21.85
CA SER A 67 8.98 -15.89 22.15
C SER A 67 9.09 -16.57 23.54
N GLY A 68 7.94 -16.90 24.16
CA GLY A 68 7.90 -17.68 25.41
C GLY A 68 7.53 -16.86 26.64
N GLU A 69 8.25 -17.10 27.74
CA GLU A 69 7.91 -16.52 29.06
C GLU A 69 8.45 -15.09 29.13
N LYS A 70 7.71 -14.16 28.54
CA LYS A 70 8.03 -12.72 28.61
C LYS A 70 7.29 -12.08 29.80
N PRO A 71 7.88 -11.02 30.46
CA PRO A 71 7.30 -10.39 31.69
C PRO A 71 5.84 -9.92 31.50
N PHE A 72 4.91 -10.76 31.97
CA PHE A 72 3.46 -10.48 31.98
C PHE A 72 3.16 -9.25 32.85
N LYS A 73 3.96 -9.10 33.92
CA LYS A 73 3.93 -7.95 34.84
C LYS A 73 5.07 -6.98 34.45
N MET A 1 -53.11 87.05 33.87
CA MET A 1 -51.86 86.26 34.04
C MET A 1 -52.20 84.87 34.59
N GLY A 2 -51.95 83.84 33.77
CA GLY A 2 -52.23 82.45 34.15
C GLY A 2 -51.62 81.48 33.16
N HIS A 3 -50.41 81.80 32.68
CA HIS A 3 -49.65 80.99 31.71
C HIS A 3 -48.36 80.50 32.37
N HIS A 4 -48.46 79.39 33.11
CA HIS A 4 -47.31 78.74 33.73
C HIS A 4 -46.56 77.93 32.67
N HIS A 5 -45.53 78.55 32.08
CA HIS A 5 -44.72 77.96 31.00
C HIS A 5 -43.88 76.80 31.55
N HIS A 6 -43.98 75.64 30.88
CA HIS A 6 -43.40 74.37 31.35
C HIS A 6 -43.31 73.37 30.18
N HIS A 7 -42.29 72.49 30.21
CA HIS A 7 -42.08 71.45 29.17
C HIS A 7 -41.20 70.32 29.71
N HIS A 8 -41.54 69.08 29.34
CA HIS A 8 -40.71 67.89 29.59
C HIS A 8 -41.15 66.76 28.63
N SER A 9 -40.18 66.06 28.04
CA SER A 9 -40.42 65.02 27.02
C SER A 9 -39.32 63.95 27.04
N HIS A 10 -39.70 62.69 26.78
CA HIS A 10 -38.78 61.54 26.71
C HIS A 10 -39.41 60.41 25.89
N MET A 11 -38.61 59.38 25.55
CA MET A 11 -39.07 58.24 24.74
C MET A 11 -38.48 56.92 25.31
N PRO A 12 -39.36 55.92 25.70
CA PRO A 12 -38.90 54.58 26.15
C PRO A 12 -38.21 53.79 25.01
N ASN A 13 -36.92 54.06 24.79
CA ASN A 13 -36.08 53.37 23.79
C ASN A 13 -34.96 52.59 24.52
N GLY A 14 -35.06 51.26 24.50
CA GLY A 14 -34.10 50.39 25.19
C GLY A 14 -34.06 48.99 24.61
N LYS A 15 -34.12 48.92 23.27
CA LYS A 15 -34.02 47.64 22.52
C LYS A 15 -32.54 47.31 22.20
N LEU A 16 -31.67 48.35 22.21
CA LEU A 16 -30.25 48.22 21.82
C LEU A 16 -29.50 47.18 22.70
N LYS A 17 -28.96 46.15 22.03
CA LYS A 17 -28.17 45.08 22.68
C LYS A 17 -26.72 45.12 22.17
N CYS A 18 -25.79 44.59 22.98
CA CYS A 18 -24.34 44.58 22.68
C CYS A 18 -23.71 43.31 23.25
N ASP A 19 -23.38 42.34 22.37
CA ASP A 19 -22.82 41.04 22.76
C ASP A 19 -22.13 40.37 21.55
N VAL A 20 -21.31 39.34 21.81
CA VAL A 20 -20.61 38.58 20.76
C VAL A 20 -20.32 37.14 21.23
N CYS A 21 -20.49 36.17 20.31
CA CYS A 21 -20.17 34.76 20.54
C CYS A 21 -19.82 34.10 19.20
N GLY A 22 -18.68 33.37 19.15
CA GLY A 22 -18.22 32.74 17.93
C GLY A 22 -17.02 31.86 18.17
N MET A 23 -17.23 30.53 18.20
CA MET A 23 -16.16 29.52 18.29
C MET A 23 -16.48 28.37 17.32
N VAL A 24 -15.47 27.92 16.57
CA VAL A 24 -15.61 26.84 15.57
C VAL A 24 -14.41 25.86 15.69
N CYS A 25 -14.69 24.56 15.59
CA CYS A 25 -13.67 23.52 15.65
C CYS A 25 -13.92 22.54 14.49
N ILE A 26 -12.95 22.44 13.59
CA ILE A 26 -13.03 21.62 12.37
C ILE A 26 -11.66 20.95 12.10
N GLY A 27 -11.69 19.72 11.54
CA GLY A 27 -10.50 18.92 11.28
C GLY A 27 -9.77 18.48 12.55
N PRO A 28 -10.44 17.72 13.50
CA PRO A 28 -9.83 17.31 14.80
C PRO A 28 -8.78 16.20 14.62
N ASN A 29 -9.22 15.06 14.07
CA ASN A 29 -8.39 13.84 13.93
C ASN A 29 -8.29 13.42 12.46
N VAL A 30 -8.81 14.25 11.54
CA VAL A 30 -8.90 13.90 10.09
C VAL A 30 -7.50 13.61 9.48
N LEU A 31 -6.45 14.27 10.01
CA LEU A 31 -5.05 14.08 9.58
C LEU A 31 -4.54 12.70 10.06
N MET A 32 -4.88 12.36 11.31
CA MET A 32 -4.52 11.07 11.93
C MET A 32 -5.15 9.89 11.17
N VAL A 33 -6.46 10.01 10.86
CA VAL A 33 -7.23 8.94 10.18
C VAL A 33 -6.74 8.79 8.71
N HIS A 34 -6.36 9.94 8.10
CA HIS A 34 -5.79 10.01 6.74
C HIS A 34 -4.49 9.19 6.66
N LYS A 35 -3.57 9.47 7.59
CA LYS A 35 -2.25 8.79 7.65
C LYS A 35 -2.44 7.29 8.01
N ARG A 36 -3.39 7.03 8.92
CA ARG A 36 -3.70 5.67 9.44
C ARG A 36 -4.13 4.73 8.29
N SER A 37 -4.88 5.30 7.33
CA SER A 37 -5.39 4.58 6.16
C SER A 37 -4.22 4.06 5.25
N HIS A 38 -3.05 4.70 5.36
CA HIS A 38 -1.84 4.31 4.62
C HIS A 38 -0.99 3.37 5.50
N THR A 39 -0.93 2.08 5.12
CA THR A 39 0.00 1.12 5.72
C THR A 39 1.36 1.20 4.99
N GLY A 40 2.28 2.00 5.57
CA GLY A 40 3.57 2.30 4.94
C GLY A 40 4.59 1.19 5.08
N GLU A 41 5.65 1.25 4.23
CA GLU A 41 6.74 0.25 4.17
C GLU A 41 6.19 -1.16 3.82
N ARG A 42 6.93 -2.21 4.21
CA ARG A 42 6.46 -3.60 4.13
C ARG A 42 5.36 -3.84 5.19
N PRO A 43 4.31 -4.67 4.90
CA PRO A 43 3.27 -5.00 5.89
C PRO A 43 3.86 -5.78 7.09
N PHE A 44 3.76 -5.20 8.29
CA PHE A 44 4.29 -5.80 9.53
C PHE A 44 3.23 -6.76 10.13
N HIS A 45 2.90 -7.77 9.32
CA HIS A 45 1.94 -8.83 9.66
C HIS A 45 2.69 -9.97 10.35
N CYS A 46 2.17 -10.41 11.51
CA CYS A 46 2.84 -11.38 12.38
C CYS A 46 3.06 -12.74 11.70
N ASN A 47 1.99 -13.60 11.65
CA ASN A 47 2.06 -14.92 10.99
C ASN A 47 0.67 -15.62 11.02
N GLN A 48 0.27 -16.10 12.21
CA GLN A 48 -0.87 -17.05 12.37
C GLN A 48 -1.83 -16.63 13.51
N CYS A 49 -1.52 -15.52 14.19
CA CYS A 49 -2.31 -15.00 15.33
C CYS A 49 -3.41 -14.00 14.88
N GLY A 50 -3.43 -13.68 13.57
CA GLY A 50 -4.41 -12.75 13.00
C GLY A 50 -3.98 -11.28 13.10
N ALA A 51 -2.84 -11.04 13.77
CA ALA A 51 -2.33 -9.69 14.00
C ALA A 51 -1.54 -9.18 12.79
N SER A 52 -1.76 -7.90 12.45
CA SER A 52 -1.15 -7.24 11.29
C SER A 52 -1.02 -5.74 11.60
N PHE A 53 0.20 -5.18 11.42
CA PHE A 53 0.54 -3.82 11.89
C PHE A 53 1.15 -2.97 10.76
N THR A 54 1.06 -1.65 10.90
CA THR A 54 1.73 -0.68 10.00
C THR A 54 3.01 -0.12 10.68
N GLN A 55 3.23 -0.51 11.96
CA GLN A 55 4.40 -0.08 12.76
C GLN A 55 5.20 -1.29 13.23
N LYS A 56 6.55 -1.15 13.24
CA LYS A 56 7.44 -2.11 13.89
C LYS A 56 7.23 -2.09 15.39
N GLY A 57 6.96 -0.89 15.96
CA GLY A 57 6.74 -0.72 17.40
C GLY A 57 5.74 -1.70 17.98
N ASN A 58 4.57 -1.79 17.32
CA ASN A 58 3.48 -2.71 17.72
C ASN A 58 3.86 -4.18 17.45
N LEU A 59 4.52 -4.43 16.29
CA LEU A 59 4.97 -5.78 15.88
C LEU A 59 5.96 -6.37 16.90
N LEU A 60 6.90 -5.52 17.36
CA LEU A 60 8.03 -5.92 18.21
C LEU A 60 7.55 -6.29 19.63
N ARG A 61 6.44 -5.66 20.07
CA ARG A 61 5.82 -5.97 21.38
C ARG A 61 5.08 -7.31 21.30
N HIS A 62 4.40 -7.51 20.17
CA HIS A 62 3.51 -8.65 19.90
C HIS A 62 4.27 -9.99 19.85
N ILE A 63 5.38 -10.00 19.09
CA ILE A 63 6.18 -11.21 18.81
C ILE A 63 6.79 -11.82 20.09
N LYS A 64 7.03 -10.96 21.11
CA LYS A 64 7.60 -11.37 22.41
C LYS A 64 6.69 -12.38 23.13
N LEU A 65 5.37 -12.16 23.02
CA LEU A 65 4.35 -13.02 23.66
C LEU A 65 4.35 -14.44 23.06
N HIS A 66 4.75 -14.53 21.77
CA HIS A 66 4.88 -15.81 21.04
C HIS A 66 6.19 -16.53 21.44
N SER A 67 7.19 -15.73 21.85
CA SER A 67 8.54 -16.18 22.12
C SER A 67 8.73 -16.62 23.60
N GLY A 68 7.62 -16.92 24.29
CA GLY A 68 7.65 -17.39 25.68
C GLY A 68 7.02 -16.41 26.65
N GLU A 69 5.94 -15.75 26.20
CA GLU A 69 5.12 -14.82 27.02
C GLU A 69 5.98 -13.69 27.62
N LYS A 70 6.91 -13.17 26.81
CA LYS A 70 7.86 -12.12 27.24
C LYS A 70 7.13 -10.78 27.45
N PRO A 71 7.50 -10.01 28.52
CA PRO A 71 6.90 -8.70 28.85
C PRO A 71 7.06 -7.68 27.70
N PHE A 72 5.92 -7.23 27.15
CA PHE A 72 5.88 -6.27 26.03
C PHE A 72 6.22 -4.84 26.50
N LYS A 73 5.97 -4.55 27.79
CA LYS A 73 6.22 -3.23 28.39
C LYS A 73 7.74 -2.98 28.49
N MET A 1 -53.68 -43.18 -75.31
CA MET A 1 -52.70 -43.08 -74.20
C MET A 1 -52.80 -41.70 -73.53
N GLY A 2 -52.62 -41.68 -72.20
CA GLY A 2 -52.65 -40.44 -71.43
C GLY A 2 -52.45 -40.74 -69.95
N HIS A 3 -51.46 -40.08 -69.32
CA HIS A 3 -51.14 -40.30 -67.89
C HIS A 3 -50.54 -39.04 -67.24
N HIS A 4 -50.54 -39.05 -65.91
CA HIS A 4 -49.83 -38.05 -65.09
C HIS A 4 -48.73 -38.78 -64.30
N HIS A 5 -48.18 -38.15 -63.25
CA HIS A 5 -47.26 -38.80 -62.30
C HIS A 5 -47.48 -38.23 -60.90
N HIS A 6 -46.93 -38.93 -59.89
CA HIS A 6 -47.02 -38.50 -58.48
C HIS A 6 -45.99 -37.39 -58.19
N HIS A 7 -46.38 -36.45 -57.30
CA HIS A 7 -45.58 -35.24 -57.03
C HIS A 7 -44.73 -35.37 -55.73
N HIS A 8 -44.83 -36.54 -55.06
CA HIS A 8 -44.01 -36.91 -53.87
C HIS A 8 -44.23 -35.93 -52.69
N SER A 9 -45.19 -36.25 -51.81
CA SER A 9 -45.55 -35.40 -50.66
C SER A 9 -44.51 -35.52 -49.53
N HIS A 10 -43.56 -34.58 -49.51
CA HIS A 10 -42.59 -34.42 -48.41
C HIS A 10 -42.09 -32.96 -48.41
N MET A 11 -41.80 -32.43 -47.21
CA MET A 11 -41.35 -31.04 -47.04
C MET A 11 -40.28 -30.97 -45.93
N PRO A 12 -39.30 -30.02 -46.01
CA PRO A 12 -38.32 -29.80 -44.92
C PRO A 12 -38.92 -28.93 -43.78
N ASN A 13 -38.37 -29.08 -42.57
CA ASN A 13 -38.78 -28.28 -41.39
C ASN A 13 -37.62 -27.33 -41.02
N GLY A 14 -37.88 -26.02 -41.05
CA GLY A 14 -36.84 -24.99 -40.80
C GLY A 14 -36.56 -24.77 -39.31
N LYS A 15 -36.22 -25.86 -38.60
CA LYS A 15 -35.94 -25.84 -37.16
C LYS A 15 -34.47 -25.43 -36.89
N LEU A 16 -34.26 -24.73 -35.77
CA LEU A 16 -32.94 -24.25 -35.34
C LEU A 16 -32.78 -24.43 -33.82
N LYS A 17 -31.60 -24.11 -33.27
CA LYS A 17 -31.31 -24.24 -31.83
C LYS A 17 -30.53 -23.01 -31.34
N CYS A 18 -30.77 -22.64 -30.07
CA CYS A 18 -30.11 -21.53 -29.39
C CYS A 18 -28.61 -21.82 -29.22
N ASP A 19 -27.76 -21.00 -29.86
CA ASP A 19 -26.30 -21.13 -29.79
C ASP A 19 -25.79 -20.78 -28.37
N VAL A 20 -24.65 -21.38 -27.98
CA VAL A 20 -24.08 -21.23 -26.63
C VAL A 20 -23.59 -19.78 -26.37
N CYS A 21 -23.99 -19.23 -25.21
CA CYS A 21 -23.58 -17.89 -24.75
C CYS A 21 -22.30 -17.99 -23.92
N GLY A 22 -21.62 -16.85 -23.72
CA GLY A 22 -20.37 -16.79 -22.94
C GLY A 22 -20.44 -15.71 -21.87
N MET A 23 -20.03 -16.06 -20.65
CA MET A 23 -20.09 -15.15 -19.48
C MET A 23 -18.68 -14.62 -19.12
N VAL A 24 -18.65 -13.59 -18.28
CA VAL A 24 -17.40 -13.05 -17.71
C VAL A 24 -17.00 -13.88 -16.47
N CYS A 25 -15.69 -13.97 -16.22
CA CYS A 25 -15.12 -14.64 -15.04
C CYS A 25 -13.87 -13.87 -14.59
N ILE A 26 -13.48 -14.03 -13.31
CA ILE A 26 -12.25 -13.40 -12.77
C ILE A 26 -11.01 -13.93 -13.53
N GLY A 27 -10.11 -13.02 -13.93
CA GLY A 27 -8.90 -13.38 -14.67
C GLY A 27 -7.77 -13.87 -13.76
N PRO A 28 -6.49 -13.87 -14.25
CA PRO A 28 -5.31 -14.30 -13.44
C PRO A 28 -5.02 -13.33 -12.27
N ASN A 29 -4.22 -13.80 -11.29
CA ASN A 29 -3.89 -13.04 -10.07
C ASN A 29 -2.66 -12.12 -10.35
N VAL A 30 -2.82 -11.25 -11.37
CA VAL A 30 -1.77 -10.35 -11.86
C VAL A 30 -1.52 -9.18 -10.89
N LEU A 31 -2.57 -8.81 -10.12
CA LEU A 31 -2.49 -7.74 -9.09
C LEU A 31 -1.46 -8.07 -7.99
N MET A 32 -1.32 -9.37 -7.67
CA MET A 32 -0.35 -9.87 -6.68
C MET A 32 1.06 -9.83 -7.27
N VAL A 33 1.18 -10.33 -8.52
CA VAL A 33 2.46 -10.41 -9.26
C VAL A 33 3.06 -8.99 -9.48
N HIS A 34 2.16 -8.01 -9.69
CA HIS A 34 2.52 -6.59 -9.88
C HIS A 34 3.18 -6.03 -8.59
N LYS A 35 2.47 -6.20 -7.46
CA LYS A 35 2.92 -5.72 -6.14
C LYS A 35 4.17 -6.48 -5.65
N ARG A 36 4.31 -7.74 -6.08
CA ARG A 36 5.42 -8.63 -5.70
C ARG A 36 6.72 -8.13 -6.35
N SER A 37 6.66 -7.91 -7.68
CA SER A 37 7.80 -7.45 -8.49
C SER A 37 8.34 -6.10 -7.99
N HIS A 38 7.41 -5.21 -7.57
CA HIS A 38 7.72 -3.85 -7.09
C HIS A 38 8.29 -3.88 -5.66
N THR A 39 7.43 -4.32 -4.70
CA THR A 39 7.72 -4.36 -3.23
C THR A 39 7.85 -2.93 -2.62
N GLY A 40 7.37 -2.79 -1.37
CA GLY A 40 7.45 -1.52 -0.65
C GLY A 40 7.43 -1.74 0.86
N GLU A 41 6.38 -1.22 1.53
CA GLU A 41 6.22 -1.36 2.98
C GLU A 41 5.61 -2.73 3.33
N ARG A 42 6.14 -3.34 4.40
CA ARG A 42 5.69 -4.64 4.91
C ARG A 42 4.50 -4.45 5.88
N PRO A 43 3.44 -5.31 5.80
CA PRO A 43 2.24 -5.18 6.66
C PRO A 43 2.45 -5.69 8.09
N PHE A 44 3.63 -6.30 8.36
CA PHE A 44 4.01 -6.84 9.68
C PHE A 44 2.96 -7.82 10.20
N HIS A 45 2.76 -8.89 9.42
CA HIS A 45 1.71 -9.89 9.65
C HIS A 45 2.26 -10.97 10.58
N CYS A 46 1.75 -10.98 11.81
CA CYS A 46 1.95 -12.07 12.77
C CYS A 46 1.33 -13.36 12.22
N ASN A 47 2.19 -14.21 11.64
CA ASN A 47 1.77 -15.51 11.06
C ASN A 47 1.50 -16.53 12.19
N GLN A 48 0.30 -16.38 12.82
CA GLN A 48 -0.24 -17.24 13.88
C GLN A 48 -1.54 -16.59 14.41
N CYS A 49 -1.50 -15.25 14.56
CA CYS A 49 -2.66 -14.46 14.99
C CYS A 49 -3.52 -14.06 13.78
N GLY A 50 -2.84 -13.66 12.69
CA GLY A 50 -3.50 -13.09 11.51
C GLY A 50 -3.53 -11.56 11.55
N ALA A 51 -2.97 -10.99 12.63
CA ALA A 51 -2.91 -9.53 12.85
C ALA A 51 -1.75 -8.92 12.04
N SER A 52 -1.91 -7.65 11.67
CA SER A 52 -0.92 -6.88 10.90
C SER A 52 -0.73 -5.49 11.53
N PHE A 53 0.51 -4.96 11.47
CA PHE A 53 0.89 -3.68 12.13
C PHE A 53 1.57 -2.73 11.14
N THR A 54 1.49 -1.43 11.41
CA THR A 54 2.14 -0.39 10.56
C THR A 54 3.49 0.05 11.16
N GLN A 55 3.71 -0.30 12.44
CA GLN A 55 4.94 0.07 13.19
C GLN A 55 5.72 -1.17 13.60
N LYS A 56 7.05 -0.98 13.74
CA LYS A 56 7.96 -2.01 14.26
C LYS A 56 7.59 -2.38 15.69
N GLY A 57 7.56 -1.37 16.57
CA GLY A 57 7.35 -1.55 18.01
C GLY A 57 6.07 -2.30 18.39
N ASN A 58 5.05 -2.21 17.51
CA ASN A 58 3.76 -2.91 17.70
C ASN A 58 3.92 -4.41 17.40
N LEU A 59 4.67 -4.73 16.33
CA LEU A 59 4.99 -6.12 15.96
C LEU A 59 5.95 -6.74 16.99
N LEU A 60 6.93 -5.92 17.44
CA LEU A 60 7.98 -6.33 18.39
C LEU A 60 7.38 -6.67 19.76
N ARG A 61 6.40 -5.85 20.19
CA ARG A 61 5.65 -6.07 21.44
C ARG A 61 4.70 -7.27 21.30
N HIS A 62 4.17 -7.47 20.08
CA HIS A 62 3.24 -8.57 19.80
C HIS A 62 3.95 -9.93 19.88
N ILE A 63 5.07 -10.08 19.16
CA ILE A 63 5.91 -11.31 19.15
C ILE A 63 6.60 -11.52 20.52
N LYS A 64 6.78 -10.41 21.26
CA LYS A 64 7.18 -10.43 22.67
C LYS A 64 6.16 -11.22 23.52
N LEU A 65 4.87 -10.99 23.25
CA LEU A 65 3.77 -11.72 23.92
C LEU A 65 3.71 -13.19 23.47
N HIS A 66 4.13 -13.46 22.22
CA HIS A 66 4.27 -14.84 21.70
C HIS A 66 5.40 -15.58 22.44
N SER A 67 6.50 -14.83 22.72
CA SER A 67 7.71 -15.33 23.42
C SER A 67 8.36 -16.50 22.64
N GLY A 68 9.34 -16.18 21.78
CA GLY A 68 10.00 -17.18 20.96
C GLY A 68 11.10 -16.58 20.10
N GLU A 69 10.77 -15.49 19.39
CA GLU A 69 11.71 -14.78 18.48
C GLU A 69 12.67 -13.85 19.25
N LYS A 70 12.57 -13.85 20.58
CA LYS A 70 13.40 -13.04 21.49
C LYS A 70 14.01 -13.95 22.58
N PRO A 71 15.11 -13.51 23.26
CA PRO A 71 15.59 -14.17 24.51
C PRO A 71 14.58 -13.97 25.66
N PHE A 72 14.51 -14.93 26.58
CA PHE A 72 13.64 -14.87 27.77
C PHE A 72 14.20 -13.85 28.78
N LYS A 73 15.53 -13.91 28.99
CA LYS A 73 16.27 -12.99 29.86
C LYS A 73 16.29 -11.58 29.21
N MET A 1 -96.05 34.76 15.54
CA MET A 1 -95.16 35.48 14.62
C MET A 1 -93.97 36.05 15.39
N GLY A 2 -92.82 35.35 15.34
CA GLY A 2 -91.61 35.75 16.06
C GLY A 2 -90.36 35.30 15.33
N HIS A 3 -90.03 36.02 14.24
CA HIS A 3 -88.87 35.70 13.37
C HIS A 3 -87.61 36.42 13.90
N HIS A 4 -86.41 35.85 13.61
CA HIS A 4 -85.12 36.42 14.01
C HIS A 4 -84.06 36.12 12.94
N HIS A 5 -83.78 34.80 12.73
CA HIS A 5 -82.70 34.31 11.84
C HIS A 5 -81.33 34.82 12.33
N HIS A 6 -80.63 33.98 13.12
CA HIS A 6 -79.29 34.32 13.64
C HIS A 6 -78.31 34.52 12.48
N HIS A 7 -77.48 35.57 12.59
CA HIS A 7 -76.53 35.98 11.55
C HIS A 7 -75.39 34.96 11.43
N HIS A 8 -75.56 34.04 10.47
CA HIS A 8 -74.62 32.96 10.19
C HIS A 8 -73.29 33.54 9.66
N SER A 9 -72.23 33.30 10.42
CA SER A 9 -70.90 33.85 10.13
C SER A 9 -69.84 32.73 10.19
N HIS A 10 -68.82 32.86 9.34
CA HIS A 10 -67.77 31.85 9.14
C HIS A 10 -66.48 32.58 8.69
N MET A 11 -65.43 32.49 9.52
CA MET A 11 -64.16 33.22 9.26
C MET A 11 -62.94 32.37 9.72
N PRO A 12 -62.49 31.41 8.85
CA PRO A 12 -61.27 30.62 9.11
C PRO A 12 -59.98 31.39 8.75
N ASN A 13 -58.97 31.31 9.62
CA ASN A 13 -57.63 31.84 9.32
C ASN A 13 -56.88 30.80 8.48
N GLY A 14 -56.90 31.00 7.15
CA GLY A 14 -56.25 30.12 6.19
C GLY A 14 -54.74 30.15 6.34
N LYS A 15 -54.19 29.17 7.08
CA LYS A 15 -52.75 29.07 7.38
C LYS A 15 -52.24 27.67 7.05
N LEU A 16 -51.14 27.63 6.28
CA LEU A 16 -50.44 26.41 5.88
C LEU A 16 -48.92 26.66 5.91
N LYS A 17 -48.10 25.61 6.12
CA LYS A 17 -46.63 25.72 6.12
C LYS A 17 -46.05 24.79 5.05
N CYS A 18 -44.93 25.21 4.45
CA CYS A 18 -44.16 24.44 3.46
C CYS A 18 -42.80 24.07 4.06
N ASP A 19 -42.59 22.77 4.33
CA ASP A 19 -41.35 22.23 4.92
C ASP A 19 -40.17 22.45 3.95
N VAL A 20 -39.02 22.86 4.51
CA VAL A 20 -37.79 23.18 3.73
C VAL A 20 -36.73 22.07 3.91
N CYS A 21 -35.93 21.86 2.84
CA CYS A 21 -34.84 20.85 2.82
C CYS A 21 -33.74 21.28 1.82
N GLY A 22 -32.66 20.51 1.78
CA GLY A 22 -31.51 20.78 0.90
C GLY A 22 -30.19 20.43 1.57
N MET A 23 -30.24 19.44 2.48
CA MET A 23 -29.09 19.00 3.27
C MET A 23 -28.13 18.16 2.41
N VAL A 24 -26.81 18.37 2.61
CA VAL A 24 -25.74 17.58 1.96
C VAL A 24 -24.54 17.48 2.92
N CYS A 25 -23.88 16.32 2.93
CA CYS A 25 -22.69 16.06 3.74
C CYS A 25 -21.86 14.97 3.06
N ILE A 26 -20.64 15.32 2.64
CA ILE A 26 -19.73 14.42 1.89
C ILE A 26 -18.54 13.98 2.76
N GLY A 27 -17.80 12.99 2.26
CA GLY A 27 -16.52 12.56 2.85
C GLY A 27 -15.39 12.68 1.83
N PRO A 28 -14.14 13.05 2.25
CA PRO A 28 -13.00 13.19 1.33
C PRO A 28 -12.42 11.83 0.90
N ASN A 29 -11.76 11.82 -0.28
CA ASN A 29 -11.09 10.62 -0.84
C ASN A 29 -9.67 10.46 -0.27
N VAL A 30 -9.51 10.71 1.04
CA VAL A 30 -8.26 10.41 1.76
C VAL A 30 -8.01 8.87 1.79
N LEU A 31 -9.11 8.10 1.71
CA LEU A 31 -9.08 6.63 1.63
C LEU A 31 -8.50 6.15 0.27
N MET A 32 -8.73 6.95 -0.80
CA MET A 32 -8.31 6.63 -2.18
C MET A 32 -6.78 6.62 -2.33
N VAL A 33 -6.12 7.64 -1.73
CA VAL A 33 -4.66 7.79 -1.82
C VAL A 33 -3.92 6.71 -1.01
N HIS A 34 -4.58 6.22 0.08
CA HIS A 34 -4.06 5.12 0.93
C HIS A 34 -3.83 3.81 0.13
N LYS A 35 -4.59 3.66 -0.97
CA LYS A 35 -4.48 2.52 -1.91
C LYS A 35 -3.05 2.36 -2.44
N ARG A 36 -2.50 3.46 -2.99
CA ARG A 36 -1.17 3.48 -3.62
C ARG A 36 -0.04 3.33 -2.60
N SER A 37 -0.34 3.66 -1.32
CA SER A 37 0.62 3.53 -0.21
C SER A 37 1.09 2.07 -0.05
N HIS A 38 0.20 1.12 -0.38
CA HIS A 38 0.43 -0.34 -0.19
C HIS A 38 1.51 -0.92 -1.13
N THR A 39 2.01 -0.12 -2.09
CA THR A 39 3.08 -0.56 -3.01
C THR A 39 4.39 -0.85 -2.24
N GLY A 40 4.72 0.04 -1.29
CA GLY A 40 5.92 -0.10 -0.45
C GLY A 40 5.57 -0.16 1.02
N GLU A 41 4.68 0.76 1.45
CA GLU A 41 4.19 0.81 2.85
C GLU A 41 3.17 -0.33 3.07
N ARG A 42 3.68 -1.49 3.50
CA ARG A 42 2.86 -2.68 3.78
C ARG A 42 2.86 -2.97 5.30
N PRO A 43 1.67 -3.17 5.94
CA PRO A 43 1.58 -3.57 7.37
C PRO A 43 2.23 -4.96 7.60
N PHE A 44 3.14 -5.03 8.59
CA PHE A 44 3.79 -6.28 9.03
C PHE A 44 2.74 -7.28 9.53
N HIS A 45 2.97 -8.58 9.31
CA HIS A 45 2.02 -9.63 9.69
C HIS A 45 2.70 -10.67 10.59
N CYS A 46 2.16 -10.82 11.81
CA CYS A 46 2.54 -11.89 12.73
C CYS A 46 1.91 -13.21 12.23
N ASN A 47 2.79 -14.09 11.70
CA ASN A 47 2.38 -15.31 10.98
C ASN A 47 1.87 -16.39 11.98
N GLN A 48 0.78 -17.09 11.57
CA GLN A 48 0.12 -18.16 12.37
C GLN A 48 -0.31 -17.63 13.76
N CYS A 49 -0.67 -16.34 13.78
CA CYS A 49 -1.00 -15.60 15.01
C CYS A 49 -2.26 -14.73 14.79
N GLY A 50 -2.39 -14.18 13.57
CA GLY A 50 -3.59 -13.43 13.16
C GLY A 50 -3.59 -12.00 13.66
N ALA A 51 -2.47 -11.30 13.45
CA ALA A 51 -2.31 -9.89 13.88
C ALA A 51 -1.53 -9.11 12.80
N SER A 52 -1.92 -7.85 12.56
CA SER A 52 -1.28 -6.97 11.56
C SER A 52 -0.93 -5.61 12.20
N PHE A 53 0.33 -5.19 12.04
CA PHE A 53 0.88 -3.96 12.62
C PHE A 53 1.71 -3.22 11.57
N THR A 54 1.33 -1.97 11.24
CA THR A 54 2.06 -1.14 10.28
C THR A 54 3.42 -0.67 10.85
N GLN A 55 3.55 -0.69 12.18
CA GLN A 55 4.78 -0.29 12.89
C GLN A 55 5.52 -1.53 13.39
N LYS A 56 6.85 -1.54 13.19
CA LYS A 56 7.75 -2.58 13.74
C LYS A 56 7.69 -2.56 15.26
N GLY A 57 7.58 -1.36 15.87
CA GLY A 57 7.51 -1.21 17.33
C GLY A 57 6.36 -2.00 17.95
N ASN A 58 5.20 -2.01 17.26
CA ASN A 58 4.00 -2.72 17.71
C ASN A 58 4.18 -4.25 17.54
N LEU A 59 4.79 -4.65 16.42
CA LEU A 59 5.02 -6.07 16.09
C LEU A 59 6.04 -6.71 17.06
N LEU A 60 7.10 -5.93 17.38
CA LEU A 60 8.22 -6.40 18.22
C LEU A 60 7.77 -6.61 19.66
N ARG A 61 6.83 -5.76 20.12
CA ARG A 61 6.17 -5.92 21.42
C ARG A 61 5.30 -7.19 21.42
N HIS A 62 4.49 -7.32 20.36
CA HIS A 62 3.49 -8.38 20.18
C HIS A 62 4.12 -9.79 20.20
N ILE A 63 5.17 -9.99 19.38
CA ILE A 63 5.82 -11.30 19.23
C ILE A 63 6.49 -11.74 20.54
N LYS A 64 6.91 -10.76 21.35
CA LYS A 64 7.48 -11.01 22.69
C LYS A 64 6.37 -11.54 23.62
N LEU A 65 5.16 -10.93 23.54
CA LEU A 65 4.02 -11.24 24.43
C LEU A 65 3.58 -12.72 24.29
N HIS A 66 3.40 -13.20 23.04
CA HIS A 66 3.06 -14.63 22.78
C HIS A 66 4.32 -15.50 22.59
N SER A 67 5.51 -14.86 22.77
CA SER A 67 6.81 -15.53 22.77
C SER A 67 7.10 -16.24 21.42
N GLY A 68 7.61 -15.45 20.46
CA GLY A 68 7.88 -15.92 19.11
C GLY A 68 9.13 -16.82 19.06
N GLU A 69 10.30 -16.19 18.92
CA GLU A 69 11.61 -16.87 18.91
C GLU A 69 12.58 -16.11 19.84
N LYS A 70 12.39 -16.31 21.15
CA LYS A 70 13.12 -15.58 22.20
C LYS A 70 13.45 -16.53 23.37
N PRO A 71 14.50 -16.19 24.21
CA PRO A 71 14.77 -16.91 25.48
C PRO A 71 13.59 -16.81 26.49
N PHE A 72 12.68 -17.80 26.43
CA PHE A 72 11.53 -17.87 27.32
C PHE A 72 12.00 -18.37 28.70
N LYS A 73 11.80 -17.52 29.72
CA LYS A 73 12.18 -17.79 31.14
C LYS A 73 13.72 -17.66 31.29
N MET A 1 -67.74 59.52 -48.56
CA MET A 1 -68.33 58.32 -49.18
C MET A 1 -67.82 57.07 -48.44
N GLY A 2 -68.56 56.66 -47.39
CA GLY A 2 -68.16 55.58 -46.51
C GLY A 2 -67.03 55.98 -45.58
N HIS A 3 -67.30 56.03 -44.26
CA HIS A 3 -66.29 56.41 -43.26
C HIS A 3 -65.25 55.28 -43.11
N HIS A 4 -64.27 55.28 -44.04
CA HIS A 4 -63.19 54.29 -44.11
C HIS A 4 -62.08 54.66 -43.13
N HIS A 5 -61.54 53.64 -42.46
CA HIS A 5 -60.59 53.82 -41.35
C HIS A 5 -59.60 52.65 -41.30
N HIS A 6 -58.33 52.92 -41.61
CA HIS A 6 -57.26 51.91 -41.56
C HIS A 6 -56.53 52.01 -40.21
N HIS A 7 -56.39 50.86 -39.52
CA HIS A 7 -55.65 50.77 -38.26
C HIS A 7 -54.41 49.87 -38.45
N HIS A 8 -53.38 50.11 -37.63
CA HIS A 8 -52.13 49.34 -37.64
C HIS A 8 -51.78 48.96 -36.19
N SER A 9 -52.13 47.74 -35.80
CA SER A 9 -51.70 47.17 -34.51
C SER A 9 -50.26 46.65 -34.63
N HIS A 10 -49.57 46.51 -33.48
CA HIS A 10 -48.19 46.01 -33.42
C HIS A 10 -47.88 45.48 -31.99
N MET A 11 -48.02 44.15 -31.83
CA MET A 11 -47.73 43.45 -30.56
C MET A 11 -47.54 41.95 -30.85
N PRO A 12 -46.27 41.45 -30.98
CA PRO A 12 -46.01 40.00 -31.11
C PRO A 12 -46.16 39.27 -29.76
N ASN A 13 -46.36 37.95 -29.81
CA ASN A 13 -46.43 37.11 -28.62
C ASN A 13 -45.53 35.89 -28.85
N GLY A 14 -44.62 35.65 -27.91
CA GLY A 14 -43.63 34.58 -28.04
C GLY A 14 -42.80 34.45 -26.78
N LYS A 15 -43.17 33.51 -25.91
CA LYS A 15 -42.43 33.21 -24.67
C LYS A 15 -41.08 32.55 -25.00
N LEU A 16 -40.03 32.93 -24.25
CA LEU A 16 -38.65 32.42 -24.44
C LEU A 16 -38.03 32.06 -23.09
N LYS A 17 -36.81 31.50 -23.12
CA LYS A 17 -36.06 31.11 -21.91
C LYS A 17 -34.59 30.87 -22.26
N CYS A 18 -34.03 31.64 -23.20
CA CYS A 18 -32.64 31.46 -23.68
C CYS A 18 -31.61 31.55 -22.53
N ASP A 19 -31.04 30.39 -22.16
CA ASP A 19 -30.05 30.27 -21.05
C ASP A 19 -29.08 29.11 -21.34
N VAL A 20 -28.18 28.80 -20.38
CA VAL A 20 -27.15 27.74 -20.55
C VAL A 20 -27.33 26.61 -19.50
N CYS A 21 -27.19 25.35 -19.94
CA CYS A 21 -27.20 24.17 -19.04
C CYS A 21 -25.76 23.82 -18.62
N GLY A 22 -25.60 22.74 -17.82
CA GLY A 22 -24.28 22.31 -17.35
C GLY A 22 -24.32 20.89 -16.82
N MET A 23 -24.81 19.99 -17.68
CA MET A 23 -25.03 18.57 -17.34
C MET A 23 -23.69 17.80 -17.29
N VAL A 24 -23.33 17.32 -16.08
CA VAL A 24 -22.13 16.51 -15.84
C VAL A 24 -22.36 15.57 -14.64
N CYS A 25 -22.06 14.27 -14.83
CA CYS A 25 -22.19 13.23 -13.80
C CYS A 25 -21.12 12.16 -14.03
N ILE A 26 -20.16 12.06 -13.08
CA ILE A 26 -19.06 11.09 -13.13
C ILE A 26 -18.47 10.92 -11.72
N GLY A 27 -18.25 9.65 -11.30
CA GLY A 27 -17.64 9.36 -10.01
C GLY A 27 -16.15 9.74 -9.95
N PRO A 28 -15.57 10.04 -8.74
CA PRO A 28 -14.14 10.46 -8.61
C PRO A 28 -13.16 9.35 -9.03
N ASN A 29 -11.85 9.69 -9.11
CA ASN A 29 -10.77 8.72 -9.46
C ASN A 29 -10.05 8.24 -8.19
N VAL A 30 -10.83 8.12 -7.10
CA VAL A 30 -10.34 7.65 -5.78
C VAL A 30 -9.78 6.21 -5.83
N LEU A 31 -10.28 5.40 -6.79
CA LEU A 31 -9.87 4.00 -7.00
C LEU A 31 -8.34 3.90 -7.20
N MET A 32 -7.79 4.84 -7.99
CA MET A 32 -6.35 4.87 -8.30
C MET A 32 -5.53 5.14 -7.03
N VAL A 33 -5.94 6.19 -6.30
CA VAL A 33 -5.28 6.64 -5.06
C VAL A 33 -5.36 5.54 -3.98
N HIS A 34 -6.49 4.82 -3.97
CA HIS A 34 -6.79 3.73 -3.01
C HIS A 34 -5.84 2.54 -3.22
N LYS A 35 -5.65 2.16 -4.50
CA LYS A 35 -4.72 1.08 -4.88
C LYS A 35 -3.26 1.50 -4.61
N ARG A 36 -2.98 2.79 -4.83
CA ARG A 36 -1.63 3.37 -4.68
C ARG A 36 -1.25 3.48 -3.19
N SER A 37 -2.28 3.52 -2.31
CA SER A 37 -2.08 3.43 -0.85
C SER A 37 -1.49 2.06 -0.46
N HIS A 38 -1.91 1.00 -1.19
CA HIS A 38 -1.56 -0.39 -0.87
C HIS A 38 -0.28 -0.86 -1.59
N THR A 39 0.26 -0.01 -2.50
CA THR A 39 1.52 -0.30 -3.23
C THR A 39 2.76 0.21 -2.46
N GLY A 40 2.63 0.41 -1.13
CA GLY A 40 3.73 0.87 -0.28
C GLY A 40 4.67 -0.27 0.14
N GLU A 41 5.07 -0.27 1.42
CA GLU A 41 5.98 -1.30 1.99
C GLU A 41 5.17 -2.50 2.54
N ARG A 42 5.91 -3.50 3.08
CA ARG A 42 5.31 -4.69 3.70
C ARG A 42 4.54 -4.28 4.99
N PRO A 43 3.22 -4.63 5.11
CA PRO A 43 2.49 -4.48 6.37
C PRO A 43 3.00 -5.51 7.39
N PHE A 44 3.70 -5.02 8.42
CA PHE A 44 4.19 -5.84 9.55
C PHE A 44 3.05 -6.70 10.10
N HIS A 45 3.25 -8.02 10.24
CA HIS A 45 2.12 -8.95 10.57
C HIS A 45 2.55 -10.01 11.59
N CYS A 46 1.57 -10.47 12.41
CA CYS A 46 1.82 -11.42 13.54
C CYS A 46 2.21 -12.82 13.04
N ASN A 47 1.78 -13.15 11.81
CA ASN A 47 2.14 -14.39 11.07
C ASN A 47 1.33 -15.61 11.56
N GLN A 48 1.47 -15.96 12.84
CA GLN A 48 0.77 -17.12 13.45
C GLN A 48 -0.73 -16.81 13.63
N CYS A 49 -1.02 -15.71 14.33
CA CYS A 49 -2.36 -15.18 14.48
C CYS A 49 -2.60 -14.03 13.48
N GLY A 50 -3.88 -13.78 13.16
CA GLY A 50 -4.24 -12.91 12.06
C GLY A 50 -4.44 -11.46 12.47
N ALA A 51 -3.33 -10.73 12.66
CA ALA A 51 -3.36 -9.29 12.95
C ALA A 51 -2.31 -8.58 12.09
N SER A 52 -2.76 -7.86 11.04
CA SER A 52 -1.88 -7.05 10.21
C SER A 52 -1.67 -5.66 10.86
N PHE A 53 -0.42 -5.35 11.14
CA PHE A 53 0.05 -4.05 11.63
C PHE A 53 0.68 -3.27 10.45
N THR A 54 1.26 -2.11 10.75
CA THR A 54 1.98 -1.29 9.77
C THR A 54 3.23 -0.66 10.41
N GLN A 55 3.37 -0.83 11.73
CA GLN A 55 4.47 -0.21 12.52
C GLN A 55 5.44 -1.27 13.05
N LYS A 56 6.71 -0.86 13.23
CA LYS A 56 7.81 -1.73 13.68
C LYS A 56 7.62 -2.13 15.15
N GLY A 57 7.63 -1.12 16.03
CA GLY A 57 7.57 -1.35 17.48
C GLY A 57 6.29 -2.05 17.94
N ASN A 58 5.21 -1.89 17.17
CA ASN A 58 3.90 -2.48 17.48
C ASN A 58 3.96 -4.01 17.32
N LEU A 59 4.62 -4.46 16.24
CA LEU A 59 4.83 -5.89 15.99
C LEU A 59 5.94 -6.44 16.92
N LEU A 60 6.99 -5.62 17.15
CA LEU A 60 8.16 -6.00 17.96
C LEU A 60 7.76 -6.39 19.38
N ARG A 61 6.93 -5.55 20.03
CA ARG A 61 6.46 -5.81 21.41
C ARG A 61 5.48 -7.01 21.44
N HIS A 62 4.75 -7.20 20.32
CA HIS A 62 3.66 -8.18 20.23
C HIS A 62 4.20 -9.62 20.13
N ILE A 63 5.20 -9.83 19.26
CA ILE A 63 5.80 -11.16 19.01
C ILE A 63 6.51 -11.73 20.26
N LYS A 64 6.93 -10.82 21.17
CA LYS A 64 7.49 -11.17 22.47
C LYS A 64 6.52 -12.06 23.28
N LEU A 65 5.21 -11.76 23.19
CA LEU A 65 4.16 -12.53 23.90
C LEU A 65 4.00 -13.97 23.32
N HIS A 66 4.49 -14.17 22.09
CA HIS A 66 4.52 -15.50 21.43
C HIS A 66 5.81 -16.29 21.78
N SER A 67 6.80 -15.59 22.35
CA SER A 67 8.12 -16.16 22.69
C SER A 67 8.09 -16.86 24.06
N GLY A 68 8.44 -18.17 24.09
CA GLY A 68 8.52 -18.93 25.36
C GLY A 68 9.51 -18.32 26.35
N GLU A 69 10.69 -17.96 25.84
CA GLU A 69 11.71 -17.20 26.56
C GLU A 69 11.95 -15.86 25.83
N LYS A 70 12.06 -14.75 26.59
CA LYS A 70 12.30 -13.41 26.02
C LYS A 70 13.01 -12.50 27.07
N PRO A 71 13.83 -11.52 26.63
CA PRO A 71 14.31 -10.42 27.50
C PRO A 71 13.27 -9.28 27.61
N PHE A 72 12.65 -9.10 28.79
CA PHE A 72 11.72 -7.99 29.01
C PHE A 72 12.53 -6.70 29.22
N LYS A 73 12.32 -5.75 28.31
CA LYS A 73 13.03 -4.44 28.31
C LYS A 73 12.76 -3.62 29.60
N MET A 1 87.88 -1.70 -48.39
CA MET A 1 87.73 -1.79 -46.91
C MET A 1 86.62 -0.83 -46.44
N GLY A 2 86.18 -1.03 -45.19
CA GLY A 2 85.16 -0.20 -44.57
C GLY A 2 84.29 -1.01 -43.62
N HIS A 3 83.39 -1.83 -44.20
CA HIS A 3 82.43 -2.70 -43.49
C HIS A 3 81.50 -1.89 -42.57
N HIS A 4 80.27 -1.66 -43.04
CA HIS A 4 79.24 -0.91 -42.31
C HIS A 4 77.85 -1.51 -42.60
N HIS A 5 77.13 -1.88 -41.52
CA HIS A 5 75.77 -2.48 -41.62
C HIS A 5 74.82 -1.69 -40.71
N HIS A 6 73.95 -0.87 -41.33
CA HIS A 6 72.92 -0.11 -40.63
C HIS A 6 71.54 -0.69 -40.97
N HIS A 7 70.81 -1.12 -39.94
CA HIS A 7 69.46 -1.69 -40.06
C HIS A 7 68.76 -1.54 -38.70
N HIS A 8 67.75 -0.66 -38.64
CA HIS A 8 66.96 -0.40 -37.42
C HIS A 8 65.47 -0.56 -37.75
N SER A 9 64.71 -1.16 -36.82
CA SER A 9 63.28 -1.40 -36.97
C SER A 9 62.50 -0.07 -36.91
N HIS A 10 61.98 0.37 -38.07
CA HIS A 10 61.15 1.57 -38.20
C HIS A 10 59.70 1.22 -37.87
N MET A 11 59.35 1.30 -36.58
CA MET A 11 57.99 1.06 -36.09
C MET A 11 57.84 1.75 -34.72
N PRO A 12 57.24 2.98 -34.67
CA PRO A 12 56.92 3.66 -33.40
C PRO A 12 55.69 3.00 -32.72
N ASN A 13 55.83 2.67 -31.43
CA ASN A 13 54.76 2.03 -30.64
C ASN A 13 53.73 3.08 -30.20
N GLY A 14 52.87 3.47 -31.16
CA GLY A 14 51.78 4.40 -30.90
C GLY A 14 50.61 3.69 -30.23
N LYS A 15 50.78 3.38 -28.94
CA LYS A 15 49.81 2.60 -28.17
C LYS A 15 48.74 3.53 -27.60
N LEU A 16 47.59 3.58 -28.29
CA LEU A 16 46.48 4.49 -27.96
C LEU A 16 45.17 3.70 -27.86
N LYS A 17 44.43 3.95 -26.77
CA LYS A 17 43.10 3.39 -26.54
C LYS A 17 42.07 4.54 -26.54
N CYS A 18 40.87 4.27 -27.04
CA CYS A 18 39.72 5.18 -26.92
C CYS A 18 38.65 4.46 -26.08
N ASP A 19 38.65 4.75 -24.76
CA ASP A 19 37.75 4.09 -23.80
C ASP A 19 37.63 4.96 -22.53
N VAL A 20 36.39 5.35 -22.20
CA VAL A 20 36.09 6.18 -21.01
C VAL A 20 35.21 5.39 -20.02
N CYS A 21 34.84 6.03 -18.90
CA CYS A 21 33.90 5.46 -17.91
C CYS A 21 32.59 6.26 -17.88
N GLY A 22 31.52 5.63 -17.33
CA GLY A 22 30.20 6.26 -17.20
C GLY A 22 30.13 7.18 -15.99
N MET A 23 30.78 8.35 -16.09
CA MET A 23 30.88 9.35 -15.01
C MET A 23 29.76 10.39 -15.12
N VAL A 24 29.57 11.15 -14.01
CA VAL A 24 28.63 12.31 -13.94
C VAL A 24 27.16 11.88 -14.14
N CYS A 25 26.35 11.97 -13.06
CA CYS A 25 24.92 11.58 -13.06
C CYS A 25 24.12 12.39 -14.11
N ILE A 26 23.25 11.70 -14.87
CA ILE A 26 22.42 12.33 -15.92
C ILE A 26 21.17 12.98 -15.30
N GLY A 27 20.93 14.25 -15.67
CA GLY A 27 19.82 15.03 -15.11
C GLY A 27 20.11 15.52 -13.68
N PRO A 28 19.27 16.45 -13.13
CA PRO A 28 19.53 17.07 -11.81
C PRO A 28 19.37 16.08 -10.63
N ASN A 29 20.24 16.24 -9.61
CA ASN A 29 20.30 15.37 -8.41
C ASN A 29 19.11 15.64 -7.45
N VAL A 30 18.26 16.65 -7.78
CA VAL A 30 17.03 16.99 -7.03
C VAL A 30 16.06 15.78 -6.95
N LEU A 31 16.05 14.96 -8.02
CA LEU A 31 15.25 13.73 -8.11
C LEU A 31 15.70 12.71 -7.05
N MET A 32 17.03 12.61 -6.89
CA MET A 32 17.68 11.64 -5.99
C MET A 32 17.57 12.05 -4.51
N VAL A 33 17.76 13.35 -4.20
CA VAL A 33 17.71 13.84 -2.80
C VAL A 33 16.27 13.78 -2.25
N HIS A 34 15.28 14.02 -3.14
CA HIS A 34 13.85 13.85 -2.82
C HIS A 34 13.53 12.38 -2.54
N LYS A 35 14.01 11.49 -3.44
CA LYS A 35 13.76 10.04 -3.37
C LYS A 35 14.37 9.40 -2.09
N ARG A 36 15.65 9.72 -1.83
CA ARG A 36 16.44 9.08 -0.75
C ARG A 36 15.92 9.46 0.67
N SER A 37 15.13 10.56 0.74
CA SER A 37 14.51 11.04 2.00
C SER A 37 13.42 10.07 2.51
N HIS A 38 12.86 9.24 1.61
CA HIS A 38 11.77 8.30 1.95
C HIS A 38 11.88 7.01 1.13
N THR A 39 11.72 5.87 1.80
CA THR A 39 11.72 4.55 1.19
C THR A 39 10.56 3.74 1.80
N GLY A 40 9.36 3.93 1.22
CA GLY A 40 8.09 3.45 1.78
C GLY A 40 8.03 1.94 1.97
N GLU A 41 7.83 1.53 3.23
CA GLU A 41 7.74 0.12 3.63
C GLU A 41 6.28 -0.36 3.59
N ARG A 42 6.09 -1.64 3.91
CA ARG A 42 4.78 -2.31 3.93
C ARG A 42 4.33 -2.57 5.39
N PRO A 43 2.98 -2.66 5.65
CA PRO A 43 2.45 -3.06 6.97
C PRO A 43 2.95 -4.46 7.39
N PHE A 44 3.43 -4.56 8.64
CA PHE A 44 3.95 -5.80 9.22
C PHE A 44 2.80 -6.78 9.51
N HIS A 45 3.14 -8.07 9.69
CA HIS A 45 2.15 -9.15 9.81
C HIS A 45 2.57 -10.14 10.90
N CYS A 46 1.60 -10.88 11.45
CA CYS A 46 1.83 -12.00 12.37
C CYS A 46 1.23 -13.26 11.77
N ASN A 47 2.04 -14.31 11.68
CA ASN A 47 1.71 -15.55 10.96
C ASN A 47 0.64 -16.37 11.71
N GLN A 48 1.00 -16.95 12.86
CA GLN A 48 0.12 -17.90 13.59
C GLN A 48 -0.79 -17.17 14.61
N CYS A 49 -1.65 -16.27 14.07
CA CYS A 49 -2.75 -15.59 14.79
C CYS A 49 -3.51 -14.66 13.81
N GLY A 50 -2.77 -14.08 12.85
CA GLY A 50 -3.35 -13.20 11.83
C GLY A 50 -3.57 -11.78 12.34
N ALA A 51 -2.50 -10.96 12.33
CA ALA A 51 -2.52 -9.58 12.83
C ALA A 51 -1.67 -8.67 11.93
N SER A 52 -2.15 -7.45 11.67
CA SER A 52 -1.42 -6.44 10.88
C SER A 52 -0.91 -5.33 11.81
N PHE A 53 0.25 -4.73 11.47
CA PHE A 53 0.95 -3.73 12.31
C PHE A 53 1.42 -2.58 11.43
N THR A 54 1.02 -1.34 11.79
CA THR A 54 1.47 -0.13 11.07
C THR A 54 2.98 0.09 11.33
N GLN A 55 3.43 -0.11 12.58
CA GLN A 55 4.82 0.11 12.98
C GLN A 55 5.45 -1.18 13.55
N LYS A 56 6.78 -1.23 13.51
CA LYS A 56 7.57 -2.32 14.11
C LYS A 56 7.51 -2.25 15.65
N GLY A 57 7.12 -1.09 16.22
CA GLY A 57 6.81 -0.98 17.65
C GLY A 57 5.69 -1.93 18.07
N ASN A 58 4.72 -2.11 17.16
CA ASN A 58 3.60 -3.05 17.33
C ASN A 58 4.07 -4.50 17.13
N LEU A 59 4.85 -4.73 16.05
CA LEU A 59 5.34 -6.06 15.64
C LEU A 59 6.22 -6.70 16.74
N LEU A 60 7.25 -5.96 17.17
CA LEU A 60 8.26 -6.41 18.15
C LEU A 60 7.62 -6.74 19.51
N ARG A 61 6.55 -6.01 19.86
CA ARG A 61 5.75 -6.26 21.08
C ARG A 61 5.01 -7.61 20.97
N HIS A 62 4.37 -7.81 19.80
CA HIS A 62 3.45 -8.93 19.57
C HIS A 62 4.19 -10.28 19.39
N ILE A 63 5.24 -10.28 18.56
CA ILE A 63 6.06 -11.50 18.28
C ILE A 63 6.84 -11.94 19.54
N LYS A 64 7.12 -10.97 20.44
CA LYS A 64 7.66 -11.26 21.78
C LYS A 64 6.66 -12.10 22.61
N LEU A 65 5.35 -11.77 22.47
CA LEU A 65 4.25 -12.48 23.18
C LEU A 65 4.04 -13.91 22.65
N HIS A 66 4.62 -14.21 21.48
CA HIS A 66 4.62 -15.58 20.90
C HIS A 66 5.69 -16.48 21.57
N SER A 67 6.54 -15.89 22.42
CA SER A 67 7.52 -16.61 23.24
C SER A 67 7.56 -15.96 24.64
N GLY A 68 8.54 -16.35 25.47
CA GLY A 68 8.85 -15.58 26.69
C GLY A 68 9.59 -14.30 26.31
N GLU A 69 10.68 -14.50 25.55
CA GLU A 69 11.54 -13.45 25.01
C GLU A 69 11.93 -13.88 23.59
N LYS A 70 11.67 -13.00 22.62
CA LYS A 70 11.85 -13.28 21.19
C LYS A 70 13.34 -13.21 20.76
N PRO A 71 13.72 -13.82 19.60
CA PRO A 71 15.04 -13.59 18.97
C PRO A 71 15.10 -12.23 18.21
N PHE A 72 15.28 -11.14 18.97
CA PHE A 72 15.48 -9.77 18.41
C PHE A 72 16.93 -9.62 17.91
N LYS A 73 17.86 -10.25 18.64
CA LYS A 73 19.30 -10.27 18.30
C LYS A 73 19.73 -11.75 18.03
N MET A 1 8.28 67.06 77.85
CA MET A 1 7.47 67.37 76.65
C MET A 1 8.29 67.06 75.38
N GLY A 2 7.66 66.38 74.41
CA GLY A 2 8.33 65.94 73.18
C GLY A 2 7.40 65.08 72.33
N HIS A 3 7.75 63.78 72.18
CA HIS A 3 6.96 62.78 71.40
C HIS A 3 6.81 63.19 69.92
N HIS A 4 7.82 62.86 69.10
CA HIS A 4 7.84 63.13 67.65
C HIS A 4 8.31 61.87 66.91
N HIS A 5 7.34 61.03 66.50
CA HIS A 5 7.59 59.81 65.72
C HIS A 5 7.21 60.06 64.25
N HIS A 6 8.15 60.63 63.48
CA HIS A 6 7.97 60.89 62.04
C HIS A 6 8.42 59.65 61.24
N HIS A 7 7.60 59.28 60.24
CA HIS A 7 7.82 58.10 59.39
C HIS A 7 8.57 58.51 58.11
N HIS A 8 9.45 57.62 57.65
CA HIS A 8 10.29 57.84 56.45
C HIS A 8 10.83 56.50 55.94
N SER A 9 10.87 56.33 54.60
CA SER A 9 11.34 55.10 53.92
C SER A 9 10.43 53.89 54.25
N HIS A 10 9.12 54.19 54.42
CA HIS A 10 8.10 53.19 54.77
C HIS A 10 7.65 52.37 53.54
N MET A 11 7.90 52.88 52.33
CA MET A 11 7.43 52.26 51.07
C MET A 11 8.60 51.53 50.35
N PRO A 12 8.73 50.17 50.52
CA PRO A 12 9.79 49.34 49.88
C PRO A 12 9.37 48.82 48.48
N ASN A 13 10.33 48.22 47.75
CA ASN A 13 10.04 47.51 46.48
C ASN A 13 10.56 46.08 46.55
N GLY A 14 10.36 45.33 45.46
CA GLY A 14 10.77 43.94 45.35
C GLY A 14 10.81 43.51 43.89
N LYS A 15 11.71 44.17 43.13
CA LYS A 15 11.85 43.95 41.68
C LYS A 15 12.77 42.74 41.41
N LEU A 16 12.15 41.59 41.13
CA LEU A 16 12.85 40.37 40.68
C LEU A 16 12.43 40.06 39.23
N LYS A 17 13.24 39.23 38.55
CA LYS A 17 12.98 38.80 37.16
C LYS A 17 12.97 37.26 37.07
N CYS A 18 12.77 36.74 35.84
CA CYS A 18 12.69 35.30 35.57
C CYS A 18 13.31 35.00 34.19
N ASP A 19 14.13 33.93 34.09
CA ASP A 19 14.80 33.53 32.84
C ASP A 19 14.54 32.05 32.53
N VAL A 20 14.38 31.76 31.22
CA VAL A 20 14.20 30.41 30.68
C VAL A 20 15.01 30.29 29.38
N CYS A 21 16.13 29.53 29.43
CA CYS A 21 17.01 29.35 28.27
C CYS A 21 16.30 28.58 27.16
N GLY A 22 16.36 29.10 25.93
CA GLY A 22 15.74 28.47 24.77
C GLY A 22 16.54 27.29 24.26
N MET A 23 16.52 26.21 25.05
CA MET A 23 17.29 24.99 24.77
C MET A 23 16.63 24.21 23.63
N VAL A 24 17.21 24.33 22.42
CA VAL A 24 16.78 23.59 21.24
C VAL A 24 17.22 22.12 21.41
N CYS A 25 16.48 21.41 22.25
CA CYS A 25 16.80 20.03 22.65
C CYS A 25 16.30 19.07 21.57
N ILE A 26 17.17 18.79 20.59
CA ILE A 26 16.93 17.80 19.55
C ILE A 26 18.27 17.34 18.99
N GLY A 27 18.55 16.03 19.12
CA GLY A 27 19.63 15.40 18.39
C GLY A 27 19.18 15.11 16.97
N PRO A 28 19.65 15.87 15.94
CA PRO A 28 19.04 15.87 14.58
C PRO A 28 18.99 14.47 13.91
N ASN A 29 19.95 13.59 14.28
CA ASN A 29 20.12 12.27 13.63
C ASN A 29 18.99 11.29 14.03
N VAL A 30 18.24 11.60 15.10
CA VAL A 30 17.11 10.74 15.55
C VAL A 30 15.98 10.71 14.47
N LEU A 31 15.85 11.83 13.72
CA LEU A 31 14.91 11.95 12.58
C LEU A 31 15.43 11.17 11.36
N MET A 32 16.76 11.17 11.19
CA MET A 32 17.47 10.43 10.13
C MET A 32 17.34 8.90 10.35
N VAL A 33 17.38 8.48 11.63
CA VAL A 33 17.17 7.07 12.04
C VAL A 33 15.66 6.71 12.00
N HIS A 34 14.80 7.74 12.23
CA HIS A 34 13.32 7.61 12.17
C HIS A 34 12.85 7.16 10.76
N LYS A 35 13.67 7.49 9.75
CA LYS A 35 13.47 7.06 8.34
C LYS A 35 13.55 5.52 8.21
N ARG A 36 14.40 4.90 9.05
CA ARG A 36 14.69 3.45 9.04
C ARG A 36 13.64 2.62 9.82
N SER A 37 12.68 3.31 10.49
CA SER A 37 11.68 2.70 11.41
C SER A 37 10.97 1.47 10.79
N HIS A 38 10.60 1.60 9.51
CA HIS A 38 10.00 0.51 8.75
C HIS A 38 11.10 -0.23 7.97
N THR A 39 11.32 0.15 6.69
CA THR A 39 12.15 -0.60 5.72
C THR A 39 11.88 -2.13 5.83
N GLY A 40 10.59 -2.45 6.00
CA GLY A 40 10.12 -3.79 6.35
C GLY A 40 10.19 -4.78 5.21
N GLU A 41 11.30 -5.52 5.16
CA GLU A 41 11.50 -6.65 4.24
C GLU A 41 10.56 -7.81 4.64
N ARG A 42 10.31 -7.91 5.96
CA ARG A 42 9.26 -8.77 6.53
C ARG A 42 8.02 -7.90 6.80
N PRO A 43 6.78 -8.42 6.55
CA PRO A 43 5.53 -7.66 6.82
C PRO A 43 5.31 -7.41 8.33
N PHE A 44 4.56 -6.32 8.63
CA PHE A 44 4.14 -5.99 10.01
C PHE A 44 2.85 -6.76 10.39
N HIS A 45 2.49 -7.74 9.56
CA HIS A 45 1.44 -8.70 9.82
C HIS A 45 2.03 -9.93 10.53
N CYS A 46 1.55 -10.20 11.75
CA CYS A 46 1.90 -11.40 12.51
C CYS A 46 1.19 -12.62 11.88
N ASN A 47 1.98 -13.44 11.17
CA ASN A 47 1.49 -14.60 10.39
C ASN A 47 0.99 -15.73 11.32
N GLN A 48 -0.05 -16.47 10.83
CA GLN A 48 -0.62 -17.67 11.51
C GLN A 48 -1.20 -17.32 12.92
N CYS A 49 -1.50 -16.02 13.11
CA CYS A 49 -2.00 -15.47 14.39
C CYS A 49 -3.32 -14.74 14.18
N GLY A 50 -3.32 -13.82 13.20
CA GLY A 50 -4.48 -12.96 12.92
C GLY A 50 -4.29 -11.58 13.52
N ALA A 51 -3.14 -10.97 13.23
CA ALA A 51 -2.79 -9.62 13.68
C ALA A 51 -2.02 -8.89 12.57
N SER A 52 -2.26 -7.58 12.47
CA SER A 52 -1.60 -6.70 11.48
C SER A 52 -1.32 -5.34 12.13
N PHE A 53 -0.12 -4.78 11.88
CA PHE A 53 0.35 -3.51 12.50
C PHE A 53 0.93 -2.58 11.45
N THR A 54 1.18 -1.31 11.82
CA THR A 54 1.78 -0.33 10.90
C THR A 54 3.26 -0.06 11.28
N GLN A 55 3.53 0.07 12.59
CA GLN A 55 4.89 0.36 13.10
C GLN A 55 5.57 -0.93 13.58
N LYS A 56 6.90 -0.86 13.65
CA LYS A 56 7.77 -1.93 14.19
C LYS A 56 7.58 -2.06 15.71
N GLY A 57 7.29 -0.93 16.39
CA GLY A 57 7.05 -0.94 17.86
C GLY A 57 5.85 -1.79 18.26
N ASN A 58 4.79 -1.78 17.42
CA ASN A 58 3.56 -2.56 17.65
C ASN A 58 3.80 -4.04 17.31
N LEU A 59 4.57 -4.27 16.23
CA LEU A 59 4.91 -5.63 15.75
C LEU A 59 5.75 -6.36 16.82
N LEU A 60 6.84 -5.69 17.27
CA LEU A 60 7.80 -6.22 18.27
C LEU A 60 7.08 -6.60 19.59
N ARG A 61 6.09 -5.78 19.96
CA ARG A 61 5.31 -5.94 21.20
C ARG A 61 4.49 -7.27 21.14
N HIS A 62 3.87 -7.53 19.98
CA HIS A 62 2.99 -8.70 19.76
C HIS A 62 3.79 -9.99 19.59
N ILE A 63 4.81 -9.95 18.72
CA ILE A 63 5.61 -11.14 18.36
C ILE A 63 6.47 -11.62 19.54
N LYS A 64 6.76 -10.69 20.47
CA LYS A 64 7.43 -11.00 21.74
C LYS A 64 6.59 -12.01 22.57
N LEU A 65 5.25 -11.89 22.47
CA LEU A 65 4.28 -12.77 23.16
C LEU A 65 4.26 -14.20 22.56
N HIS A 66 4.69 -14.32 21.29
CA HIS A 66 4.86 -15.63 20.61
C HIS A 66 6.10 -16.39 21.15
N SER A 67 6.94 -15.69 21.90
CA SER A 67 8.17 -16.23 22.49
C SER A 67 8.18 -15.94 24.00
N GLY A 68 9.26 -16.35 24.68
CA GLY A 68 9.44 -16.10 26.12
C GLY A 68 10.84 -15.58 26.42
N GLU A 69 10.91 -14.54 27.28
CA GLU A 69 12.17 -13.98 27.83
C GLU A 69 13.04 -13.31 26.73
N LYS A 70 12.36 -12.67 25.75
CA LYS A 70 13.03 -11.79 24.75
C LYS A 70 13.52 -10.48 25.44
N PRO A 71 14.76 -9.98 25.08
CA PRO A 71 15.35 -8.77 25.69
C PRO A 71 14.59 -7.46 25.33
N PHE A 72 13.55 -7.18 26.11
CA PHE A 72 12.72 -5.96 25.95
C PHE A 72 13.12 -4.93 27.02
N LYS A 73 13.72 -3.82 26.59
CA LYS A 73 14.11 -2.70 27.47
C LYS A 73 13.12 -1.52 27.24
N MET A 1 -81.92 3.38 -62.98
CA MET A 1 -82.45 3.84 -61.67
C MET A 1 -81.35 3.70 -60.61
N GLY A 2 -80.97 4.83 -59.98
CA GLY A 2 -79.85 4.87 -59.01
C GLY A 2 -78.52 5.12 -59.68
N HIS A 3 -77.71 6.04 -59.12
CA HIS A 3 -76.42 6.45 -59.69
C HIS A 3 -75.41 6.73 -58.55
N HIS A 4 -74.19 6.20 -58.68
CA HIS A 4 -73.13 6.34 -57.65
C HIS A 4 -71.77 6.62 -58.30
N HIS A 5 -70.85 7.17 -57.50
CA HIS A 5 -69.49 7.53 -57.94
C HIS A 5 -68.48 7.18 -56.85
N HIS A 6 -67.20 7.21 -57.22
CA HIS A 6 -66.10 6.85 -56.32
C HIS A 6 -65.59 8.09 -55.56
N HIS A 7 -64.71 7.84 -54.58
CA HIS A 7 -64.01 8.87 -53.77
C HIS A 7 -62.56 8.44 -53.53
N HIS A 8 -61.61 9.36 -53.74
CA HIS A 8 -60.17 9.08 -53.57
C HIS A 8 -59.71 9.47 -52.15
N SER A 9 -58.75 8.70 -51.60
CA SER A 9 -58.17 8.95 -50.28
C SER A 9 -56.65 8.71 -50.32
N HIS A 10 -55.89 9.65 -49.77
CA HIS A 10 -54.41 9.61 -49.75
C HIS A 10 -53.91 8.75 -48.57
N MET A 11 -52.58 8.66 -48.43
CA MET A 11 -51.93 7.98 -47.30
C MET A 11 -51.14 9.02 -46.48
N PRO A 12 -51.42 9.17 -45.15
CA PRO A 12 -50.80 10.22 -44.32
C PRO A 12 -49.31 9.93 -44.03
N ASN A 13 -48.48 11.00 -44.02
CA ASN A 13 -47.04 10.90 -43.68
C ASN A 13 -46.88 10.73 -42.16
N GLY A 14 -45.90 9.93 -41.76
CA GLY A 14 -45.57 9.71 -40.35
C GLY A 14 -44.08 9.57 -40.15
N LYS A 15 -43.29 10.11 -41.09
CA LYS A 15 -41.82 10.05 -41.06
C LYS A 15 -41.28 11.16 -40.15
N LEU A 16 -41.23 10.85 -38.84
CA LEU A 16 -40.69 11.70 -37.75
C LEU A 16 -40.88 10.91 -36.43
N LYS A 17 -40.12 11.28 -35.37
CA LYS A 17 -40.20 10.66 -34.03
C LYS A 17 -39.78 9.18 -34.08
N CYS A 18 -38.79 8.88 -34.93
CA CYS A 18 -38.26 7.51 -35.09
C CYS A 18 -36.75 7.58 -35.36
N ASP A 19 -35.96 7.50 -34.28
CA ASP A 19 -34.50 7.58 -34.35
C ASP A 19 -33.90 7.01 -33.04
N VAL A 20 -32.65 6.54 -33.11
CA VAL A 20 -31.95 5.93 -31.98
C VAL A 20 -31.36 7.00 -31.05
N CYS A 21 -31.25 6.67 -29.75
CA CYS A 21 -30.65 7.56 -28.74
C CYS A 21 -29.16 7.24 -28.60
N GLY A 22 -28.32 8.08 -29.23
CA GLY A 22 -26.86 7.94 -29.21
C GLY A 22 -26.25 8.58 -27.97
N MET A 23 -26.49 7.94 -26.81
CA MET A 23 -26.01 8.40 -25.49
C MET A 23 -26.15 7.23 -24.47
N VAL A 24 -25.74 7.45 -23.20
CA VAL A 24 -25.91 6.51 -22.08
C VAL A 24 -24.97 5.28 -22.27
N CYS A 25 -23.69 5.49 -21.93
CA CYS A 25 -22.65 4.47 -22.03
C CYS A 25 -21.51 4.84 -21.07
N ILE A 26 -21.55 4.27 -19.85
CA ILE A 26 -20.53 4.49 -18.81
C ILE A 26 -19.33 3.54 -19.01
N GLY A 27 -18.26 3.78 -18.24
CA GLY A 27 -17.06 2.94 -18.31
C GLY A 27 -16.72 2.32 -16.95
N PRO A 28 -15.75 1.35 -16.91
CA PRO A 28 -15.25 0.77 -15.64
C PRO A 28 -14.37 1.77 -14.87
N ASN A 29 -14.35 1.65 -13.53
CA ASN A 29 -13.61 2.57 -12.65
C ASN A 29 -12.15 2.09 -12.45
N VAL A 30 -11.52 1.66 -13.57
CA VAL A 30 -10.14 1.13 -13.60
C VAL A 30 -9.10 2.16 -13.12
N LEU A 31 -9.43 3.46 -13.28
CA LEU A 31 -8.60 4.58 -12.80
C LEU A 31 -8.62 4.62 -11.25
N MET A 32 -9.82 4.39 -10.67
CA MET A 32 -10.04 4.31 -9.21
C MET A 32 -9.33 3.11 -8.60
N VAL A 33 -9.37 1.98 -9.32
CA VAL A 33 -8.70 0.73 -8.93
C VAL A 33 -7.16 0.94 -8.92
N HIS A 34 -6.68 1.68 -9.93
CA HIS A 34 -5.27 2.07 -10.07
C HIS A 34 -4.83 3.00 -8.91
N LYS A 35 -5.74 3.92 -8.56
CA LYS A 35 -5.54 4.90 -7.48
C LYS A 35 -5.46 4.19 -6.11
N ARG A 36 -6.34 3.19 -5.94
CA ARG A 36 -6.43 2.39 -4.70
C ARG A 36 -5.20 1.45 -4.56
N SER A 37 -4.69 0.99 -5.72
CA SER A 37 -3.49 0.14 -5.79
C SER A 37 -2.23 0.94 -5.37
N HIS A 38 -2.24 2.25 -5.66
CA HIS A 38 -1.15 3.15 -5.28
C HIS A 38 -1.33 3.58 -3.80
N THR A 39 -1.02 2.65 -2.87
CA THR A 39 -1.13 2.87 -1.43
C THR A 39 0.18 3.47 -0.89
N GLY A 40 1.28 2.75 -1.16
CA GLY A 40 2.61 3.08 -0.64
C GLY A 40 3.37 1.81 -0.36
N GLU A 41 3.91 1.68 0.86
CA GLU A 41 4.53 0.43 1.33
C GLU A 41 3.45 -0.58 1.76
N ARG A 42 3.88 -1.81 2.02
CA ARG A 42 3.01 -2.91 2.46
C ARG A 42 3.19 -3.09 3.97
N PRO A 43 2.08 -3.22 4.77
CA PRO A 43 2.17 -3.39 6.24
C PRO A 43 2.70 -4.78 6.60
N PHE A 44 3.24 -4.90 7.82
CA PHE A 44 3.85 -6.16 8.32
C PHE A 44 2.75 -7.14 8.81
N HIS A 45 3.17 -8.34 9.21
CA HIS A 45 2.28 -9.41 9.71
C HIS A 45 2.89 -10.03 10.96
N CYS A 46 2.05 -10.65 11.79
CA CYS A 46 2.49 -11.39 12.98
C CYS A 46 3.12 -12.73 12.56
N ASN A 47 2.33 -13.83 12.55
CA ASN A 47 2.79 -15.19 12.21
C ASN A 47 1.62 -15.99 11.62
N GLN A 48 0.55 -16.18 12.42
CA GLN A 48 -0.65 -16.96 12.02
C GLN A 48 -1.96 -16.39 12.63
N CYS A 49 -1.85 -15.50 13.63
CA CYS A 49 -3.01 -15.02 14.45
C CYS A 49 -3.94 -14.05 13.68
N GLY A 50 -3.59 -13.70 12.44
CA GLY A 50 -4.37 -12.79 11.62
C GLY A 50 -4.22 -11.35 12.07
N ALA A 51 -3.03 -11.03 12.61
CA ALA A 51 -2.69 -9.68 13.08
C ALA A 51 -1.69 -9.03 12.12
N SER A 52 -2.07 -7.87 11.57
CA SER A 52 -1.22 -7.08 10.66
C SER A 52 -0.87 -5.74 11.33
N PHE A 53 0.42 -5.36 11.33
CA PHE A 53 0.90 -4.13 11.99
C PHE A 53 1.76 -3.32 11.04
N THR A 54 1.56 -2.00 11.00
CA THR A 54 2.48 -1.07 10.32
C THR A 54 3.51 -0.53 11.34
N GLN A 55 3.13 -0.60 12.63
CA GLN A 55 3.97 -0.14 13.74
C GLN A 55 4.95 -1.24 14.13
N LYS A 56 6.25 -0.97 13.96
CA LYS A 56 7.32 -1.93 14.28
C LYS A 56 7.41 -2.17 15.78
N GLY A 57 7.21 -1.12 16.59
CA GLY A 57 7.24 -1.27 18.05
C GLY A 57 6.10 -2.11 18.60
N ASN A 58 4.94 -2.05 17.91
CA ASN A 58 3.75 -2.84 18.28
C ASN A 58 3.92 -4.29 17.77
N LEU A 59 4.53 -4.43 16.58
CA LEU A 59 4.80 -5.73 15.96
C LEU A 59 5.81 -6.52 16.80
N LEU A 60 6.93 -5.85 17.14
CA LEU A 60 8.06 -6.46 17.86
C LEU A 60 7.63 -6.90 19.26
N ARG A 61 6.74 -6.12 19.90
CA ARG A 61 6.14 -6.50 21.18
C ARG A 61 5.24 -7.73 20.99
N HIS A 62 4.40 -7.69 19.94
CA HIS A 62 3.40 -8.73 19.66
C HIS A 62 4.07 -10.11 19.43
N ILE A 63 5.03 -10.16 18.49
CA ILE A 63 5.77 -11.39 18.14
C ILE A 63 6.66 -11.87 19.30
N LYS A 64 7.07 -10.92 20.17
CA LYS A 64 7.79 -11.23 21.43
C LYS A 64 6.84 -11.99 22.39
N LEU A 65 5.58 -11.51 22.49
CA LEU A 65 4.56 -12.07 23.41
C LEU A 65 4.19 -13.54 23.10
N HIS A 66 4.60 -14.03 21.92
CA HIS A 66 4.40 -15.44 21.50
C HIS A 66 5.12 -16.45 22.41
N SER A 67 6.26 -16.04 22.98
CA SER A 67 7.12 -16.93 23.77
C SER A 67 8.19 -16.13 24.54
N GLY A 68 8.78 -16.75 25.56
CA GLY A 68 9.85 -16.13 26.36
C GLY A 68 11.22 -16.30 25.71
N GLU A 69 12.28 -16.29 26.55
CA GLU A 69 13.70 -16.40 26.11
C GLU A 69 14.07 -15.22 25.16
N LYS A 70 13.41 -14.07 25.38
CA LYS A 70 13.53 -12.88 24.51
C LYS A 70 13.88 -11.63 25.34
N PRO A 71 14.73 -10.71 24.78
CA PRO A 71 15.01 -9.39 25.40
C PRO A 71 13.73 -8.55 25.56
N PHE A 72 13.65 -7.82 26.67
CA PHE A 72 12.48 -7.01 27.02
C PHE A 72 12.59 -5.62 26.37
N LYS A 73 13.48 -4.78 26.95
CA LYS A 73 13.68 -3.39 26.52
C LYS A 73 15.00 -2.84 27.16
N MET A 1 -81.68 -51.76 -47.06
CA MET A 1 -81.14 -50.55 -46.41
C MET A 1 -80.00 -50.94 -45.46
N GLY A 2 -78.88 -50.19 -45.56
CA GLY A 2 -77.72 -50.40 -44.72
C GLY A 2 -76.75 -49.23 -44.89
N HIS A 3 -76.86 -48.22 -44.02
CA HIS A 3 -76.00 -47.02 -44.05
C HIS A 3 -74.69 -47.28 -43.29
N HIS A 4 -73.57 -46.83 -43.88
CA HIS A 4 -72.22 -46.97 -43.32
C HIS A 4 -71.47 -45.66 -43.54
N HIS A 5 -71.47 -44.79 -42.52
CA HIS A 5 -70.76 -43.51 -42.56
C HIS A 5 -70.42 -43.06 -41.13
N HIS A 6 -69.11 -43.03 -40.83
CA HIS A 6 -68.57 -42.56 -39.55
C HIS A 6 -67.12 -42.13 -39.75
N HIS A 7 -66.78 -40.90 -39.29
CA HIS A 7 -65.42 -40.35 -39.36
C HIS A 7 -64.48 -41.10 -38.41
N HIS A 8 -63.88 -42.18 -38.91
CA HIS A 8 -62.86 -42.97 -38.20
C HIS A 8 -61.52 -42.73 -38.91
N SER A 9 -60.72 -41.80 -38.37
CA SER A 9 -59.42 -41.43 -38.97
C SER A 9 -58.50 -40.83 -37.91
N HIS A 10 -57.22 -41.22 -37.96
CA HIS A 10 -56.21 -40.81 -36.98
C HIS A 10 -55.73 -39.39 -37.30
N MET A 11 -56.37 -38.40 -36.67
CA MET A 11 -56.04 -36.96 -36.83
C MET A 11 -55.51 -36.39 -35.49
N PRO A 12 -54.18 -36.47 -35.21
CA PRO A 12 -53.57 -35.94 -33.97
C PRO A 12 -53.22 -34.43 -34.08
N ASN A 13 -52.70 -33.85 -32.99
CA ASN A 13 -52.29 -32.44 -32.94
C ASN A 13 -51.43 -32.22 -31.67
N GLY A 14 -50.09 -32.22 -31.83
CA GLY A 14 -49.17 -32.11 -30.69
C GLY A 14 -47.86 -31.47 -31.08
N LYS A 15 -47.93 -30.19 -31.44
CA LYS A 15 -46.74 -29.39 -31.77
C LYS A 15 -46.03 -28.96 -30.47
N LEU A 16 -44.70 -29.10 -30.48
CA LEU A 16 -43.83 -28.80 -29.33
C LEU A 16 -42.80 -27.73 -29.73
N LYS A 17 -42.17 -27.12 -28.71
CA LYS A 17 -41.18 -26.05 -28.89
C LYS A 17 -40.04 -26.19 -27.87
N CYS A 18 -38.79 -26.12 -28.35
CA CYS A 18 -37.59 -26.33 -27.52
C CYS A 18 -36.51 -25.31 -27.89
N ASP A 19 -35.86 -24.75 -26.87
CA ASP A 19 -34.78 -23.76 -27.03
C ASP A 19 -33.97 -23.67 -25.73
N VAL A 20 -32.87 -22.90 -25.75
CA VAL A 20 -31.99 -22.69 -24.58
C VAL A 20 -31.36 -21.29 -24.66
N CYS A 21 -31.01 -20.72 -23.49
CA CYS A 21 -30.40 -19.39 -23.39
C CYS A 21 -29.20 -19.43 -22.43
N GLY A 22 -28.16 -18.63 -22.75
CA GLY A 22 -27.03 -18.44 -21.86
C GLY A 22 -27.34 -17.48 -20.72
N MET A 23 -26.50 -17.48 -19.68
CA MET A 23 -26.67 -16.63 -18.47
C MET A 23 -25.35 -15.90 -18.18
N VAL A 24 -25.35 -15.01 -17.16
CA VAL A 24 -24.14 -14.30 -16.71
C VAL A 24 -24.28 -13.97 -15.22
N CYS A 25 -23.17 -14.05 -14.48
CA CYS A 25 -23.12 -13.81 -13.04
C CYS A 25 -21.80 -13.11 -12.69
N ILE A 26 -21.89 -11.88 -12.14
CA ILE A 26 -20.70 -11.03 -11.88
C ILE A 26 -19.92 -11.49 -10.63
N GLY A 27 -18.64 -11.07 -10.53
CA GLY A 27 -17.77 -11.42 -9.41
C GLY A 27 -16.86 -10.27 -8.99
N PRO A 28 -16.22 -10.34 -7.77
CA PRO A 28 -15.39 -9.22 -7.22
C PRO A 28 -13.97 -9.17 -7.84
N ASN A 29 -13.47 -7.96 -8.15
CA ASN A 29 -12.10 -7.77 -8.68
C ASN A 29 -11.07 -7.87 -7.53
N VAL A 30 -10.76 -9.12 -7.15
CA VAL A 30 -9.80 -9.44 -6.09
C VAL A 30 -8.34 -9.14 -6.53
N LEU A 31 -8.10 -9.15 -7.87
CA LEU A 31 -6.78 -8.84 -8.47
C LEU A 31 -6.28 -7.46 -8.03
N MET A 32 -7.19 -6.47 -7.97
CA MET A 32 -6.89 -5.09 -7.55
C MET A 32 -6.27 -5.05 -6.14
N VAL A 33 -6.82 -5.88 -5.24
CA VAL A 33 -6.34 -5.98 -3.85
C VAL A 33 -4.97 -6.67 -3.81
N HIS A 34 -4.85 -7.80 -4.54
CA HIS A 34 -3.62 -8.62 -4.62
C HIS A 34 -2.44 -7.79 -5.15
N LYS A 35 -2.75 -6.92 -6.14
CA LYS A 35 -1.79 -6.09 -6.85
C LYS A 35 -1.21 -5.00 -5.93
N ARG A 36 -2.11 -4.17 -5.36
CA ARG A 36 -1.74 -3.01 -4.51
C ARG A 36 -1.03 -3.48 -3.21
N SER A 37 -1.51 -4.59 -2.64
CA SER A 37 -0.97 -5.17 -1.39
C SER A 37 0.50 -5.60 -1.54
N HIS A 38 0.95 -5.79 -2.80
CA HIS A 38 2.30 -6.29 -3.13
C HIS A 38 3.05 -5.33 -4.08
N THR A 39 2.44 -4.15 -4.38
CA THR A 39 2.96 -3.22 -5.41
C THR A 39 4.25 -2.50 -4.95
N GLY A 40 4.49 -2.45 -3.64
CA GLY A 40 5.67 -1.80 -3.09
C GLY A 40 6.04 -2.39 -1.74
N GLU A 41 5.86 -1.60 -0.69
CA GLU A 41 6.15 -2.00 0.69
C GLU A 41 5.10 -3.00 1.22
N ARG A 42 5.58 -4.15 1.71
CA ARG A 42 4.76 -5.10 2.47
C ARG A 42 4.55 -4.57 3.91
N PRO A 43 3.27 -4.41 4.38
CA PRO A 43 3.00 -4.02 5.79
C PRO A 43 3.39 -5.14 6.77
N PHE A 44 3.36 -4.82 8.08
CA PHE A 44 3.77 -5.77 9.14
C PHE A 44 2.68 -6.82 9.36
N HIS A 45 3.06 -8.10 9.41
CA HIS A 45 2.09 -9.22 9.57
C HIS A 45 2.65 -10.21 10.57
N CYS A 46 1.82 -10.60 11.54
CA CYS A 46 2.08 -11.77 12.39
C CYS A 46 1.26 -12.94 11.87
N ASN A 47 1.96 -14.01 11.45
CA ASN A 47 1.35 -15.16 10.76
C ASN A 47 0.38 -15.93 11.66
N GLN A 48 0.89 -16.48 12.78
CA GLN A 48 0.09 -17.35 13.69
C GLN A 48 -0.67 -16.52 14.74
N CYS A 49 -1.61 -15.70 14.20
CA CYS A 49 -2.64 -14.96 14.95
C CYS A 49 -3.46 -14.12 13.94
N GLY A 50 -2.81 -13.68 12.85
CA GLY A 50 -3.45 -12.83 11.85
C GLY A 50 -3.58 -11.41 12.34
N ALA A 51 -2.50 -10.89 12.95
CA ALA A 51 -2.45 -9.51 13.48
C ALA A 51 -1.52 -8.66 12.60
N SER A 52 -2.13 -7.86 11.72
CA SER A 52 -1.40 -6.92 10.86
C SER A 52 -1.19 -5.58 11.60
N PHE A 53 0.01 -4.99 11.46
CA PHE A 53 0.39 -3.74 12.13
C PHE A 53 0.92 -2.73 11.12
N THR A 54 0.75 -1.43 11.44
CA THR A 54 1.34 -0.32 10.67
C THR A 54 2.64 0.17 11.36
N GLN A 55 2.77 -0.12 12.68
CA GLN A 55 3.93 0.28 13.46
C GLN A 55 4.78 -0.96 13.75
N LYS A 56 6.09 -0.86 13.47
CA LYS A 56 7.05 -1.95 13.69
C LYS A 56 7.13 -2.28 15.18
N GLY A 57 7.07 -1.24 16.04
CA GLY A 57 7.12 -1.41 17.48
C GLY A 57 6.00 -2.30 18.01
N ASN A 58 4.80 -2.17 17.41
CA ASN A 58 3.62 -3.00 17.77
C ASN A 58 3.89 -4.48 17.46
N LEU A 59 4.50 -4.75 16.28
CA LEU A 59 4.89 -6.12 15.88
C LEU A 59 6.07 -6.63 16.72
N LEU A 60 7.00 -5.72 17.06
CA LEU A 60 8.25 -6.05 17.76
C LEU A 60 8.01 -6.43 19.23
N ARG A 61 6.99 -5.81 19.85
CA ARG A 61 6.52 -6.19 21.20
C ARG A 61 5.63 -7.45 21.12
N HIS A 62 4.89 -7.60 19.99
CA HIS A 62 3.95 -8.71 19.76
C HIS A 62 4.67 -10.07 19.68
N ILE A 63 5.80 -10.09 18.96
CA ILE A 63 6.63 -11.30 18.73
C ILE A 63 7.29 -11.82 20.02
N LYS A 64 7.48 -10.91 21.00
CA LYS A 64 8.01 -11.25 22.34
C LYS A 64 7.03 -12.21 23.08
N LEU A 65 5.71 -12.04 22.82
CA LEU A 65 4.66 -12.91 23.40
C LEU A 65 4.75 -14.36 22.85
N HIS A 66 5.30 -14.50 21.62
CA HIS A 66 5.52 -15.82 20.98
C HIS A 66 6.59 -16.63 21.75
N SER A 67 7.54 -15.91 22.38
CA SER A 67 8.60 -16.52 23.19
C SER A 67 8.13 -16.69 24.66
N GLY A 68 6.85 -16.35 24.95
CA GLY A 68 6.25 -16.55 26.28
C GLY A 68 6.00 -15.25 27.04
N GLU A 69 6.25 -15.28 28.36
CA GLU A 69 5.95 -14.17 29.28
C GLU A 69 7.14 -13.19 29.27
N LYS A 70 7.00 -12.15 28.45
CA LYS A 70 7.94 -11.02 28.38
C LYS A 70 7.25 -9.76 28.98
N PRO A 71 8.00 -8.62 29.24
CA PRO A 71 7.39 -7.33 29.63
C PRO A 71 6.12 -6.94 28.82
N PHE A 72 4.97 -7.26 29.41
CA PHE A 72 3.63 -7.13 28.82
C PHE A 72 2.75 -6.34 29.80
N LYS A 73 2.84 -6.72 31.09
CA LYS A 73 2.07 -6.12 32.18
C LYS A 73 2.99 -5.18 33.01
N MET A 1 -5.81 37.01 -94.33
CA MET A 1 -5.12 35.80 -93.82
C MET A 1 -5.85 35.30 -92.57
N GLY A 2 -6.28 34.02 -92.59
CA GLY A 2 -7.04 33.41 -91.50
C GLY A 2 -6.62 31.96 -91.25
N HIS A 3 -5.64 31.79 -90.36
CA HIS A 3 -5.17 30.47 -89.93
C HIS A 3 -5.40 30.34 -88.41
N HIS A 4 -6.63 30.66 -87.99
CA HIS A 4 -7.06 30.50 -86.58
C HIS A 4 -7.48 29.03 -86.35
N HIS A 5 -6.53 28.21 -85.89
CA HIS A 5 -6.77 26.77 -85.61
C HIS A 5 -6.73 26.49 -84.08
N HIS A 6 -6.81 27.58 -83.29
CA HIS A 6 -7.01 27.52 -81.82
C HIS A 6 -7.54 28.88 -81.33
N HIS A 7 -8.49 28.83 -80.39
CA HIS A 7 -9.11 30.03 -79.76
C HIS A 7 -9.07 29.87 -78.23
N HIS A 8 -8.03 30.45 -77.60
CA HIS A 8 -7.75 30.37 -76.15
C HIS A 8 -7.56 28.88 -75.74
N SER A 9 -6.32 28.39 -75.85
CA SER A 9 -5.96 27.00 -75.53
C SER A 9 -5.98 26.73 -74.01
N HIS A 10 -5.97 25.44 -73.65
CA HIS A 10 -5.95 24.97 -72.25
C HIS A 10 -4.99 23.76 -72.13
N MET A 11 -4.63 23.45 -70.87
CA MET A 11 -3.87 22.25 -70.50
C MET A 11 -4.73 21.39 -69.52
N PRO A 12 -4.48 20.04 -69.44
CA PRO A 12 -5.20 19.14 -68.45
C PRO A 12 -4.92 19.52 -66.98
N ASN A 13 -5.67 18.89 -66.06
CA ASN A 13 -5.60 19.19 -64.61
C ASN A 13 -6.02 17.96 -63.78
N GLY A 14 -5.96 18.10 -62.44
CA GLY A 14 -6.30 17.03 -61.52
C GLY A 14 -5.18 16.80 -60.52
N LYS A 15 -5.40 17.23 -59.27
CA LYS A 15 -4.41 17.14 -58.18
C LYS A 15 -5.10 16.72 -56.86
N LEU A 16 -4.35 15.96 -56.03
CA LEU A 16 -4.81 15.47 -54.71
C LEU A 16 -3.75 15.81 -53.64
N LYS A 17 -4.19 15.90 -52.36
CA LYS A 17 -3.27 16.14 -51.23
C LYS A 17 -3.53 15.07 -50.15
N CYS A 18 -2.44 14.50 -49.63
CA CYS A 18 -2.49 13.53 -48.54
C CYS A 18 -2.14 14.23 -47.23
N ASP A 19 -3.17 14.56 -46.44
CA ASP A 19 -3.02 15.07 -45.08
C ASP A 19 -3.48 13.98 -44.09
N VAL A 20 -2.54 13.53 -43.24
CA VAL A 20 -2.73 12.39 -42.32
C VAL A 20 -3.27 12.87 -40.96
N CYS A 21 -4.13 12.03 -40.34
CA CYS A 21 -4.64 12.26 -38.97
C CYS A 21 -3.70 11.58 -37.97
N GLY A 22 -3.47 12.24 -36.82
CA GLY A 22 -2.56 11.72 -35.80
C GLY A 22 -3.12 11.91 -34.39
N MET A 23 -2.84 10.93 -33.51
CA MET A 23 -3.27 10.98 -32.09
C MET A 23 -2.23 10.25 -31.24
N VAL A 24 -1.61 10.98 -30.29
CA VAL A 24 -0.68 10.38 -29.31
C VAL A 24 -1.49 9.82 -28.12
N CYS A 25 -0.76 9.14 -27.22
CA CYS A 25 -1.31 8.59 -25.98
C CYS A 25 -0.23 8.66 -24.88
N ILE A 26 -0.66 8.47 -23.63
CA ILE A 26 0.26 8.33 -22.48
C ILE A 26 -0.07 7.02 -21.74
N GLY A 27 0.90 6.53 -20.96
CA GLY A 27 0.75 5.27 -20.23
C GLY A 27 1.52 5.27 -18.91
N PRO A 28 0.86 5.63 -17.75
CA PRO A 28 1.52 5.68 -16.44
C PRO A 28 1.81 4.29 -15.82
N ASN A 29 2.82 4.26 -14.94
CA ASN A 29 3.15 3.08 -14.11
C ASN A 29 2.13 2.96 -12.97
N VAL A 30 0.88 2.54 -13.31
CA VAL A 30 -0.27 2.54 -12.38
C VAL A 30 -0.03 1.66 -11.12
N LEU A 31 0.79 0.59 -11.30
CA LEU A 31 1.18 -0.33 -10.19
C LEU A 31 2.09 0.41 -9.18
N MET A 32 3.12 1.11 -9.71
CA MET A 32 4.17 1.77 -8.91
C MET A 32 3.62 3.00 -8.17
N VAL A 33 2.72 3.75 -8.83
CA VAL A 33 2.07 4.93 -8.24
C VAL A 33 1.08 4.52 -7.13
N HIS A 34 0.39 3.37 -7.34
CA HIS A 34 -0.58 2.80 -6.38
C HIS A 34 0.16 2.33 -5.12
N LYS A 35 1.31 1.67 -5.33
CA LYS A 35 2.17 1.15 -4.25
C LYS A 35 2.80 2.30 -3.44
N ARG A 36 3.26 3.33 -4.16
CA ARG A 36 3.94 4.52 -3.59
C ARG A 36 2.98 5.35 -2.74
N SER A 37 1.73 5.52 -3.22
CA SER A 37 0.70 6.32 -2.53
C SER A 37 0.29 5.70 -1.18
N HIS A 38 0.50 4.37 -1.03
CA HIS A 38 0.46 3.72 0.30
C HIS A 38 1.75 4.10 1.05
N THR A 39 2.89 3.55 0.59
CA THR A 39 4.27 3.86 1.07
C THR A 39 5.27 3.08 0.20
N GLY A 40 4.93 1.80 -0.05
CA GLY A 40 5.79 0.88 -0.78
C GLY A 40 6.59 -0.02 0.14
N GLU A 41 6.12 -0.17 1.39
CA GLU A 41 6.80 -0.96 2.43
C GLU A 41 6.10 -2.32 2.64
N ARG A 42 6.86 -3.29 3.18
CA ARG A 42 6.37 -4.64 3.49
C ARG A 42 5.24 -4.59 4.55
N PRO A 43 4.11 -5.32 4.33
CA PRO A 43 3.02 -5.43 5.31
C PRO A 43 3.44 -6.26 6.54
N PHE A 44 3.45 -5.60 7.71
CA PHE A 44 3.94 -6.17 8.98
C PHE A 44 2.93 -7.18 9.55
N HIS A 45 3.12 -8.47 9.22
CA HIS A 45 2.25 -9.57 9.71
C HIS A 45 2.87 -10.18 10.96
N CYS A 46 2.01 -10.69 11.86
CA CYS A 46 2.42 -11.30 13.13
C CYS A 46 3.23 -12.61 12.92
N ASN A 47 2.56 -13.79 12.99
CA ASN A 47 3.15 -15.12 12.76
C ASN A 47 2.04 -16.08 12.26
N GLN A 48 1.17 -16.51 13.18
CA GLN A 48 0.08 -17.48 12.89
C GLN A 48 -1.24 -17.01 13.53
N CYS A 49 -1.61 -15.76 13.25
CA CYS A 49 -2.83 -15.12 13.80
C CYS A 49 -3.32 -14.00 12.85
N GLY A 50 -4.32 -13.21 13.33
CA GLY A 50 -4.96 -12.17 12.51
C GLY A 50 -4.40 -10.78 12.76
N ALA A 51 -3.35 -10.69 13.59
CA ALA A 51 -2.72 -9.41 13.92
C ALA A 51 -1.83 -8.93 12.76
N SER A 52 -2.12 -7.72 12.27
CA SER A 52 -1.35 -7.06 11.21
C SER A 52 -1.18 -5.58 11.59
N PHE A 53 0.07 -5.11 11.58
CA PHE A 53 0.46 -3.76 12.00
C PHE A 53 1.09 -3.00 10.83
N THR A 54 1.44 -1.74 11.09
CA THR A 54 2.16 -0.88 10.13
C THR A 54 3.37 -0.23 10.82
N GLN A 55 3.35 -0.20 12.17
CA GLN A 55 4.42 0.37 12.99
C GLN A 55 5.33 -0.75 13.50
N LYS A 56 6.61 -0.41 13.71
CA LYS A 56 7.65 -1.38 14.14
C LYS A 56 7.35 -1.90 15.54
N GLY A 57 7.31 -0.96 16.52
CA GLY A 57 7.15 -1.29 17.93
C GLY A 57 5.87 -2.04 18.25
N ASN A 58 4.80 -1.80 17.45
CA ASN A 58 3.51 -2.49 17.60
C ASN A 58 3.62 -3.98 17.20
N LEU A 59 4.44 -4.27 16.18
CA LEU A 59 4.73 -5.66 15.77
C LEU A 59 5.72 -6.31 16.76
N LEU A 60 6.74 -5.53 17.15
CA LEU A 60 7.88 -6.02 17.95
C LEU A 60 7.44 -6.50 19.36
N ARG A 61 6.50 -5.75 19.97
CA ARG A 61 5.92 -6.11 21.28
C ARG A 61 5.07 -7.38 21.17
N HIS A 62 4.35 -7.49 20.03
CA HIS A 62 3.37 -8.56 19.80
C HIS A 62 4.05 -9.92 19.67
N ILE A 63 5.00 -10.01 18.73
CA ILE A 63 5.77 -11.24 18.44
C ILE A 63 6.63 -11.66 19.65
N LYS A 64 7.01 -10.67 20.48
CA LYS A 64 7.73 -10.88 21.74
C LYS A 64 6.84 -11.61 22.76
N LEU A 65 5.57 -11.17 22.86
CA LEU A 65 4.59 -11.73 23.81
C LEU A 65 4.18 -13.19 23.46
N HIS A 66 4.47 -13.62 22.22
CA HIS A 66 4.29 -15.02 21.78
C HIS A 66 5.06 -16.01 22.69
N SER A 67 6.19 -15.53 23.26
CA SER A 67 7.07 -16.33 24.16
C SER A 67 7.79 -17.47 23.40
N GLY A 68 8.71 -18.18 24.09
CA GLY A 68 9.48 -19.27 23.46
C GLY A 68 10.73 -18.72 22.76
N GLU A 69 10.50 -17.84 21.76
CA GLU A 69 11.57 -17.12 21.06
C GLU A 69 11.97 -15.83 21.87
N LYS A 70 12.80 -14.94 21.27
CA LYS A 70 13.36 -13.73 21.91
C LYS A 70 14.43 -14.10 23.00
N PRO A 71 15.64 -13.43 22.98
CA PRO A 71 16.71 -13.70 23.96
C PRO A 71 16.28 -13.32 25.40
N PHE A 72 16.34 -14.30 26.31
CA PHE A 72 15.97 -14.11 27.73
C PHE A 72 16.97 -13.14 28.40
N LYS A 73 18.24 -13.22 27.95
CA LYS A 73 19.31 -12.30 28.36
C LYS A 73 19.21 -11.02 27.51
N MET A 1 -34.65 20.98 -89.01
CA MET A 1 -33.59 21.68 -88.25
C MET A 1 -34.19 22.21 -86.93
N GLY A 2 -34.13 21.36 -85.90
CA GLY A 2 -34.64 21.70 -84.55
C GLY A 2 -33.95 20.90 -83.47
N HIS A 3 -32.74 20.37 -83.78
CA HIS A 3 -31.92 19.61 -82.83
C HIS A 3 -31.27 20.59 -81.83
N HIS A 4 -32.02 20.92 -80.78
CA HIS A 4 -31.63 21.89 -79.76
C HIS A 4 -31.38 21.17 -78.42
N HIS A 5 -30.10 21.08 -78.04
CA HIS A 5 -29.70 20.46 -76.77
C HIS A 5 -29.72 21.52 -75.64
N HIS A 6 -30.46 21.24 -74.57
CA HIS A 6 -30.49 22.09 -73.36
C HIS A 6 -30.64 21.20 -72.11
N HIS A 7 -29.52 21.05 -71.40
CA HIS A 7 -29.43 20.35 -70.11
C HIS A 7 -28.09 20.72 -69.46
N HIS A 8 -28.13 21.17 -68.21
CA HIS A 8 -26.92 21.66 -67.50
C HIS A 8 -27.08 21.37 -66.00
N SER A 9 -26.78 20.12 -65.62
CA SER A 9 -26.95 19.62 -64.25
C SER A 9 -25.77 20.05 -63.35
N HIS A 10 -26.03 21.04 -62.50
CA HIS A 10 -25.11 21.46 -61.42
C HIS A 10 -25.89 21.31 -60.09
N MET A 11 -26.01 20.06 -59.64
CA MET A 11 -26.84 19.68 -58.47
C MET A 11 -26.01 19.66 -57.18
N PRO A 12 -26.39 20.45 -56.12
CA PRO A 12 -25.67 20.47 -54.82
C PRO A 12 -25.90 19.17 -54.02
N ASN A 13 -24.82 18.39 -53.83
CA ASN A 13 -24.88 17.05 -53.19
C ASN A 13 -23.64 16.80 -52.31
N GLY A 14 -23.84 16.07 -51.20
CA GLY A 14 -22.75 15.59 -50.34
C GLY A 14 -22.55 16.45 -49.11
N LYS A 15 -22.00 15.84 -48.05
CA LYS A 15 -21.63 16.51 -46.78
C LYS A 15 -20.23 16.04 -46.40
N LEU A 16 -19.28 17.00 -46.41
CA LEU A 16 -17.83 16.71 -46.34
C LEU A 16 -17.41 16.16 -44.96
N LYS A 17 -17.93 16.77 -43.87
CA LYS A 17 -17.51 16.46 -42.50
C LYS A 17 -18.70 16.49 -41.53
N CYS A 18 -18.45 16.07 -40.27
CA CYS A 18 -19.43 16.10 -39.17
C CYS A 18 -18.73 16.54 -37.87
N ASP A 19 -19.32 17.56 -37.19
CA ASP A 19 -18.73 18.21 -36.01
C ASP A 19 -18.64 17.22 -34.82
N VAL A 20 -17.45 17.12 -34.20
CA VAL A 20 -17.21 16.23 -33.04
C VAL A 20 -17.83 16.81 -31.76
N CYS A 21 -18.44 15.94 -30.94
CA CYS A 21 -19.06 16.31 -29.66
C CYS A 21 -18.56 15.36 -28.57
N GLY A 22 -17.60 15.84 -27.76
CA GLY A 22 -16.98 15.01 -26.73
C GLY A 22 -16.27 15.85 -25.67
N MET A 23 -16.34 15.41 -24.40
CA MET A 23 -15.80 16.12 -23.24
C MET A 23 -15.16 15.10 -22.29
N VAL A 24 -13.82 15.15 -22.15
CA VAL A 24 -13.06 14.21 -21.30
C VAL A 24 -12.02 14.98 -20.45
N CYS A 25 -11.95 14.58 -19.17
CA CYS A 25 -10.92 15.04 -18.22
C CYS A 25 -10.35 13.81 -17.49
N ILE A 26 -9.07 13.50 -17.73
CA ILE A 26 -8.37 12.38 -17.06
C ILE A 26 -7.77 12.83 -15.72
N GLY A 27 -7.17 11.88 -14.98
CA GLY A 27 -6.57 12.14 -13.68
C GLY A 27 -5.61 11.03 -13.30
N PRO A 28 -4.30 11.34 -12.99
CA PRO A 28 -3.30 10.31 -12.57
C PRO A 28 -3.75 9.48 -11.34
N ASN A 29 -2.95 8.44 -11.04
CA ASN A 29 -3.22 7.52 -9.91
C ASN A 29 -2.74 8.11 -8.57
N VAL A 30 -2.67 9.45 -8.46
CA VAL A 30 -2.18 10.16 -7.25
C VAL A 30 -2.96 9.77 -5.97
N LEU A 31 -4.30 9.60 -6.12
CA LEU A 31 -5.20 9.24 -5.01
C LEU A 31 -4.93 7.76 -4.61
N MET A 32 -4.69 6.92 -5.63
CA MET A 32 -4.36 5.50 -5.47
C MET A 32 -3.00 5.35 -4.72
N VAL A 33 -2.00 6.15 -5.13
CA VAL A 33 -0.64 6.10 -4.56
C VAL A 33 -0.65 6.58 -3.09
N HIS A 34 -1.49 7.61 -2.80
CA HIS A 34 -1.67 8.14 -1.43
C HIS A 34 -2.28 7.06 -0.51
N LYS A 35 -3.22 6.27 -1.06
CA LYS A 35 -3.82 5.11 -0.37
C LYS A 35 -2.74 4.06 -0.07
N ARG A 36 -1.87 3.79 -1.08
CA ARG A 36 -0.80 2.78 -0.99
C ARG A 36 0.30 3.21 0.00
N SER A 37 0.51 4.53 0.09
CA SER A 37 1.50 5.14 0.99
C SER A 37 0.98 5.13 2.44
N HIS A 38 -0.36 5.24 2.59
CA HIS A 38 -1.05 5.28 3.89
C HIS A 38 -1.14 3.85 4.50
N THR A 39 -1.32 2.84 3.64
CA THR A 39 -1.27 1.43 4.04
C THR A 39 0.20 0.95 4.03
N GLY A 40 0.57 0.05 4.98
CA GLY A 40 1.93 -0.50 5.05
C GLY A 40 2.25 -1.38 3.84
N GLU A 41 3.09 -0.84 2.91
CA GLU A 41 3.50 -1.56 1.68
C GLU A 41 4.26 -2.85 2.03
N ARG A 42 5.13 -2.74 3.05
CA ARG A 42 5.67 -3.90 3.76
C ARG A 42 4.80 -4.06 5.03
N PRO A 43 3.79 -4.99 5.02
CA PRO A 43 2.79 -5.08 6.08
C PRO A 43 3.24 -6.03 7.21
N PHE A 44 3.49 -5.44 8.40
CA PHE A 44 3.98 -6.18 9.57
C PHE A 44 2.86 -7.06 10.13
N HIS A 45 2.82 -8.31 9.65
CA HIS A 45 1.76 -9.28 10.01
C HIS A 45 2.28 -10.24 11.06
N CYS A 46 1.59 -10.30 12.21
CA CYS A 46 1.76 -11.35 13.19
C CYS A 46 1.30 -12.69 12.57
N ASN A 47 2.27 -13.48 12.12
CA ASN A 47 2.05 -14.80 11.51
C ASN A 47 1.30 -15.74 12.50
N GLN A 48 1.58 -15.55 13.80
CA GLN A 48 0.91 -16.25 14.90
C GLN A 48 -0.33 -15.48 15.41
N CYS A 49 -1.35 -15.40 14.49
CA CYS A 49 -2.79 -15.03 14.76
C CYS A 49 -3.45 -14.48 13.48
N GLY A 50 -2.72 -13.61 12.77
CA GLY A 50 -3.24 -12.90 11.61
C GLY A 50 -3.53 -11.43 11.88
N ALA A 51 -2.88 -10.86 12.91
CA ALA A 51 -2.97 -9.42 13.23
C ALA A 51 -2.07 -8.61 12.28
N SER A 52 -2.53 -7.42 11.87
CA SER A 52 -1.83 -6.58 10.88
C SER A 52 -1.36 -5.26 11.51
N PHE A 53 -0.10 -4.87 11.22
CA PHE A 53 0.52 -3.64 11.75
C PHE A 53 1.25 -2.91 10.61
N THR A 54 1.50 -1.61 10.79
CA THR A 54 2.27 -0.79 9.84
C THR A 54 3.48 -0.14 10.56
N GLN A 55 3.71 -0.58 11.83
CA GLN A 55 4.80 -0.06 12.71
C GLN A 55 5.64 -1.22 13.30
N LYS A 56 6.95 -0.95 13.52
CA LYS A 56 7.90 -1.90 14.14
C LYS A 56 7.53 -2.16 15.60
N GLY A 57 7.43 -1.08 16.39
CA GLY A 57 7.19 -1.16 17.84
C GLY A 57 5.93 -1.95 18.22
N ASN A 58 4.92 -1.91 17.33
CA ASN A 58 3.66 -2.66 17.50
C ASN A 58 3.87 -4.16 17.26
N LEU A 59 4.58 -4.50 16.16
CA LEU A 59 4.82 -5.89 15.76
C LEU A 59 5.70 -6.61 16.81
N LEU A 60 6.84 -5.98 17.16
CA LEU A 60 7.85 -6.55 18.08
C LEU A 60 7.26 -6.80 19.48
N ARG A 61 6.38 -5.88 19.91
CA ARG A 61 5.68 -5.94 21.21
C ARG A 61 4.61 -7.06 21.22
N HIS A 62 4.04 -7.33 20.04
CA HIS A 62 3.04 -8.40 19.88
C HIS A 62 3.71 -9.80 19.85
N ILE A 63 4.77 -9.93 19.03
CA ILE A 63 5.40 -11.23 18.72
C ILE A 63 6.17 -11.81 19.92
N LYS A 64 6.66 -10.92 20.83
CA LYS A 64 7.38 -11.33 22.06
C LYS A 64 6.48 -12.22 22.96
N LEU A 65 5.15 -12.01 22.88
CA LEU A 65 4.16 -12.79 23.66
C LEU A 65 4.19 -14.27 23.24
N HIS A 66 4.52 -14.50 21.96
CA HIS A 66 4.66 -15.84 21.35
C HIS A 66 6.09 -16.38 21.54
N SER A 67 7.05 -15.46 21.78
CA SER A 67 8.47 -15.79 22.01
C SER A 67 8.67 -16.27 23.46
N GLY A 68 8.81 -17.59 23.64
CA GLY A 68 8.97 -18.20 24.97
C GLY A 68 7.70 -18.09 25.81
N GLU A 69 7.80 -17.37 26.95
CA GLU A 69 6.71 -17.23 27.92
C GLU A 69 6.61 -15.77 28.39
N LYS A 70 5.80 -14.96 27.69
CA LYS A 70 5.40 -13.61 28.13
C LYS A 70 3.91 -13.65 28.56
N PRO A 71 3.43 -12.70 29.44
CA PRO A 71 2.01 -12.69 29.89
C PRO A 71 1.02 -12.36 28.76
N PHE A 72 -0.28 -12.51 29.08
CA PHE A 72 -1.39 -12.46 28.09
C PHE A 72 -1.24 -13.63 27.10
N LYS A 73 -1.69 -14.82 27.55
CA LYS A 73 -1.62 -16.08 26.77
C LYS A 73 -2.75 -16.12 25.69
N MET A 1 32.95 -75.91 -59.52
CA MET A 1 32.26 -74.64 -59.81
C MET A 1 32.06 -73.85 -58.52
N GLY A 2 32.06 -72.51 -58.65
CA GLY A 2 31.87 -71.62 -57.51
C GLY A 2 32.28 -70.19 -57.84
N HIS A 3 32.21 -69.30 -56.83
CA HIS A 3 32.62 -67.89 -56.94
C HIS A 3 33.06 -67.38 -55.56
N HIS A 4 34.24 -66.74 -55.51
CA HIS A 4 34.86 -66.26 -54.26
C HIS A 4 35.83 -65.11 -54.54
N HIS A 5 35.35 -63.88 -54.32
CA HIS A 5 36.15 -62.65 -54.39
C HIS A 5 35.89 -61.83 -53.12
N HIS A 6 35.77 -62.56 -51.98
CA HIS A 6 35.32 -62.00 -50.70
C HIS A 6 36.27 -60.93 -50.12
N HIS A 7 35.96 -59.67 -50.45
CA HIS A 7 36.56 -58.47 -49.85
C HIS A 7 35.72 -57.26 -50.31
N HIS A 8 35.57 -56.26 -49.43
CA HIS A 8 34.71 -55.08 -49.68
C HIS A 8 35.53 -53.80 -49.75
N SER A 9 34.91 -52.73 -50.27
CA SER A 9 35.54 -51.41 -50.39
C SER A 9 34.51 -50.32 -49.98
N HIS A 10 34.60 -49.89 -48.73
CA HIS A 10 33.84 -48.75 -48.18
C HIS A 10 34.78 -47.93 -47.30
N MET A 11 35.09 -46.70 -47.75
CA MET A 11 35.88 -45.73 -46.99
C MET A 11 34.96 -44.95 -46.03
N PRO A 12 35.01 -45.24 -44.68
CA PRO A 12 34.20 -44.53 -43.69
C PRO A 12 34.89 -43.23 -43.24
N ASN A 13 34.17 -42.11 -43.30
CA ASN A 13 34.70 -40.78 -42.92
C ASN A 13 33.56 -39.75 -42.77
N GLY A 14 33.85 -38.72 -41.96
CA GLY A 14 32.95 -37.59 -41.75
C GLY A 14 33.69 -36.45 -41.06
N LYS A 15 33.02 -35.29 -40.91
CA LYS A 15 33.60 -34.11 -40.26
C LYS A 15 32.59 -33.55 -39.23
N LEU A 16 32.89 -33.73 -37.92
CA LEU A 16 32.05 -33.26 -36.82
C LEU A 16 32.74 -32.10 -36.06
N LYS A 17 32.71 -30.91 -36.68
CA LYS A 17 33.30 -29.68 -36.13
C LYS A 17 32.40 -29.09 -35.02
N CYS A 18 32.81 -29.31 -33.75
CA CYS A 18 32.05 -28.88 -32.58
C CYS A 18 32.05 -27.34 -32.45
N ASP A 19 30.87 -26.77 -32.15
CA ASP A 19 30.67 -25.31 -32.06
C ASP A 19 31.27 -24.74 -30.76
N VAL A 20 31.88 -23.55 -30.86
CA VAL A 20 32.32 -22.76 -29.71
C VAL A 20 31.50 -21.46 -29.66
N CYS A 21 31.08 -21.07 -28.44
CA CYS A 21 30.21 -19.91 -28.22
C CYS A 21 30.60 -19.21 -26.92
N GLY A 22 30.41 -17.88 -26.88
CA GLY A 22 30.65 -17.09 -25.67
C GLY A 22 29.36 -16.83 -24.92
N MET A 23 29.32 -17.17 -23.62
CA MET A 23 28.13 -16.92 -22.78
C MET A 23 28.11 -15.45 -22.31
N VAL A 24 26.90 -14.88 -22.24
CA VAL A 24 26.69 -13.57 -21.60
C VAL A 24 26.65 -13.73 -20.07
N CYS A 25 26.85 -12.62 -19.34
CA CYS A 25 26.80 -12.62 -17.86
C CYS A 25 26.32 -11.26 -17.35
N ILE A 26 25.39 -11.31 -16.38
CA ILE A 26 24.92 -10.12 -15.65
C ILE A 26 25.37 -10.27 -14.17
N GLY A 27 25.59 -9.14 -13.48
CA GLY A 27 25.94 -9.14 -12.07
C GLY A 27 24.79 -9.51 -11.12
N PRO A 28 25.01 -9.47 -9.77
CA PRO A 28 23.96 -9.79 -8.76
C PRO A 28 22.91 -8.66 -8.61
N ASN A 29 21.78 -8.96 -7.94
CA ASN A 29 20.67 -7.99 -7.77
C ASN A 29 20.91 -7.03 -6.58
N VAL A 30 22.18 -6.67 -6.36
CA VAL A 30 22.60 -5.84 -5.22
C VAL A 30 21.95 -4.43 -5.25
N LEU A 31 21.67 -3.89 -6.45
CA LEU A 31 20.96 -2.60 -6.58
C LEU A 31 19.51 -2.76 -6.08
N MET A 32 18.86 -3.87 -6.49
CA MET A 32 17.46 -4.19 -6.15
C MET A 32 17.26 -4.45 -4.64
N VAL A 33 18.21 -5.15 -3.99
CA VAL A 33 18.09 -5.47 -2.54
C VAL A 33 18.22 -4.18 -1.69
N HIS A 34 19.07 -3.24 -2.15
CA HIS A 34 19.23 -1.92 -1.51
C HIS A 34 17.98 -1.05 -1.78
N LYS A 35 17.35 -1.24 -2.95
CA LYS A 35 16.12 -0.52 -3.32
C LYS A 35 14.92 -1.05 -2.50
N ARG A 36 14.93 -2.37 -2.24
CA ARG A 36 13.86 -3.07 -1.49
C ARG A 36 13.97 -2.75 0.01
N SER A 37 15.17 -2.28 0.42
CA SER A 37 15.41 -1.74 1.78
C SER A 37 14.64 -0.41 1.99
N HIS A 38 14.16 0.20 0.89
CA HIS A 38 13.23 1.34 0.92
C HIS A 38 11.77 0.83 0.87
N THR A 39 10.81 1.79 0.85
CA THR A 39 9.37 1.51 0.99
C THR A 39 9.09 1.00 2.42
N GLY A 40 9.11 1.96 3.38
CA GLY A 40 8.83 1.67 4.80
C GLY A 40 7.39 1.28 5.05
N GLU A 41 6.52 1.54 4.07
CA GLU A 41 5.12 1.12 4.06
C GLU A 41 5.03 -0.40 3.82
N ARG A 42 5.39 -1.17 4.85
CA ARG A 42 5.29 -2.63 4.86
C ARG A 42 4.22 -3.04 5.87
N PRO A 43 3.14 -3.77 5.44
CA PRO A 43 2.14 -4.31 6.37
C PRO A 43 2.77 -5.41 7.24
N PHE A 44 3.18 -5.02 8.46
CA PHE A 44 3.87 -5.91 9.42
C PHE A 44 2.95 -7.04 9.91
N HIS A 45 2.81 -8.06 9.07
CA HIS A 45 1.96 -9.20 9.34
C HIS A 45 2.79 -10.22 10.12
N CYS A 46 2.33 -10.53 11.33
CA CYS A 46 3.04 -11.41 12.27
C CYS A 46 3.46 -12.76 11.61
N ASN A 47 2.45 -13.58 11.25
CA ASN A 47 2.65 -14.89 10.57
C ASN A 47 1.28 -15.50 10.22
N GLN A 48 0.59 -16.03 11.25
CA GLN A 48 -0.70 -16.72 11.07
C GLN A 48 -1.60 -16.53 12.31
N CYS A 49 -1.21 -15.62 13.22
CA CYS A 49 -1.96 -15.36 14.47
C CYS A 49 -3.12 -14.36 14.28
N GLY A 50 -3.16 -13.69 13.10
CA GLY A 50 -4.20 -12.70 12.79
C GLY A 50 -3.75 -11.27 13.04
N ALA A 51 -3.07 -11.05 14.16
CA ALA A 51 -2.57 -9.73 14.56
C ALA A 51 -1.54 -9.20 13.55
N SER A 52 -1.87 -8.05 12.94
CA SER A 52 -1.07 -7.45 11.86
C SER A 52 -1.02 -5.93 12.01
N PHE A 53 0.19 -5.38 11.98
CA PHE A 53 0.46 -3.99 12.36
C PHE A 53 0.97 -3.17 11.14
N THR A 54 0.95 -1.85 11.29
CA THR A 54 1.51 -0.93 10.28
C THR A 54 2.81 -0.29 10.80
N GLN A 55 3.14 -0.57 12.09
CA GLN A 55 4.33 -0.02 12.77
C GLN A 55 5.11 -1.16 13.44
N LYS A 56 6.45 -1.14 13.28
CA LYS A 56 7.38 -2.09 13.92
C LYS A 56 7.36 -1.93 15.44
N GLY A 57 7.05 -0.72 15.93
CA GLY A 57 6.93 -0.47 17.38
C GLY A 57 5.95 -1.41 18.07
N ASN A 58 4.81 -1.64 17.39
CA ASN A 58 3.76 -2.55 17.87
C ASN A 58 4.11 -4.03 17.57
N LEU A 59 4.74 -4.27 16.40
CA LEU A 59 5.12 -5.63 15.95
C LEU A 59 6.17 -6.28 16.88
N LEU A 60 7.18 -5.48 17.26
CA LEU A 60 8.32 -5.94 18.09
C LEU A 60 7.84 -6.40 19.47
N ARG A 61 6.82 -5.71 19.99
CA ARG A 61 6.13 -6.08 21.25
C ARG A 61 5.43 -7.44 21.09
N HIS A 62 4.73 -7.60 19.95
CA HIS A 62 3.89 -8.78 19.67
C HIS A 62 4.70 -10.06 19.42
N ILE A 63 5.81 -9.95 18.65
CA ILE A 63 6.62 -11.10 18.23
C ILE A 63 7.31 -11.78 19.41
N LYS A 64 7.55 -11.00 20.51
CA LYS A 64 8.09 -11.54 21.75
C LYS A 64 7.05 -12.42 22.47
N LEU A 65 5.76 -12.01 22.37
CA LEU A 65 4.63 -12.69 23.02
C LEU A 65 4.33 -14.10 22.44
N HIS A 66 5.00 -14.46 21.32
CA HIS A 66 4.95 -15.83 20.76
C HIS A 66 5.49 -16.87 21.76
N SER A 67 6.42 -16.43 22.63
CA SER A 67 6.98 -17.22 23.72
C SER A 67 6.84 -16.44 25.04
N GLY A 68 6.99 -17.14 26.18
CA GLY A 68 6.93 -16.48 27.50
C GLY A 68 8.10 -15.54 27.74
N GLU A 69 9.26 -15.94 27.18
CA GLU A 69 10.49 -15.15 27.19
C GLU A 69 11.29 -15.49 25.92
N LYS A 70 11.93 -14.48 25.34
CA LYS A 70 12.81 -14.63 24.18
C LYS A 70 14.13 -13.89 24.45
N PRO A 71 15.30 -14.40 23.92
CA PRO A 71 16.62 -13.76 24.10
C PRO A 71 16.65 -12.29 23.60
N PHE A 72 16.82 -11.35 24.55
CA PHE A 72 17.01 -9.93 24.25
C PHE A 72 18.41 -9.72 23.68
N LYS A 73 18.48 -9.47 22.35
CA LYS A 73 19.72 -9.22 21.59
C LYS A 73 20.59 -10.49 21.48
N MET A 1 58.93 39.94 -74.42
CA MET A 1 57.45 39.84 -74.39
C MET A 1 57.05 38.45 -73.87
N GLY A 2 56.02 38.41 -73.02
CA GLY A 2 55.53 37.20 -72.37
C GLY A 2 55.19 37.46 -70.92
N HIS A 3 55.98 36.87 -70.00
CA HIS A 3 55.82 37.01 -68.53
C HIS A 3 54.40 36.61 -68.08
N HIS A 4 54.19 35.30 -67.94
CA HIS A 4 52.89 34.72 -67.51
C HIS A 4 53.07 33.98 -66.17
N HIS A 5 54.16 33.18 -66.10
CA HIS A 5 54.53 32.35 -64.92
C HIS A 5 53.50 31.24 -64.62
N HIS A 6 53.89 30.29 -63.76
CA HIS A 6 53.00 29.16 -63.36
C HIS A 6 52.09 29.60 -62.20
N HIS A 7 52.70 30.32 -61.23
CA HIS A 7 52.05 30.77 -59.99
C HIS A 7 51.53 29.56 -59.18
N HIS A 8 52.46 28.88 -58.48
CA HIS A 8 52.16 27.71 -57.65
C HIS A 8 52.40 28.04 -56.17
N SER A 9 51.37 27.81 -55.35
CA SER A 9 51.44 27.95 -53.90
C SER A 9 51.08 26.60 -53.25
N HIS A 10 49.85 26.12 -53.54
CA HIS A 10 49.22 24.95 -52.90
C HIS A 10 49.07 25.21 -51.38
N MET A 11 47.98 25.87 -50.99
CA MET A 11 47.64 26.14 -49.58
C MET A 11 46.56 25.14 -49.11
N PRO A 12 46.96 23.98 -48.48
CA PRO A 12 46.01 22.91 -48.08
C PRO A 12 45.39 23.14 -46.67
N ASN A 13 44.05 22.96 -46.56
CA ASN A 13 43.32 23.14 -45.29
C ASN A 13 43.52 21.91 -44.36
N GLY A 14 43.41 22.13 -43.04
CA GLY A 14 43.66 21.08 -42.04
C GLY A 14 42.48 20.89 -41.09
N LYS A 15 41.75 19.76 -41.22
CA LYS A 15 40.65 19.38 -40.30
C LYS A 15 41.07 18.17 -39.44
N LEU A 16 42.07 18.41 -38.55
CA LEU A 16 42.59 17.37 -37.65
C LEU A 16 41.80 17.36 -36.34
N LYS A 17 41.16 16.22 -36.07
CA LYS A 17 40.43 15.94 -34.83
C LYS A 17 40.31 14.41 -34.66
N CYS A 18 40.76 13.91 -33.50
CA CYS A 18 40.78 12.48 -33.18
C CYS A 18 40.84 12.30 -31.66
N ASP A 19 40.27 11.18 -31.16
CA ASP A 19 40.10 10.90 -29.70
C ASP A 19 39.03 11.81 -29.06
N VAL A 20 38.26 11.22 -28.14
CA VAL A 20 37.12 11.87 -27.46
C VAL A 20 37.60 12.82 -26.33
N CYS A 21 38.80 12.53 -25.77
CA CYS A 21 39.38 13.22 -24.60
C CYS A 21 38.52 12.97 -23.34
N GLY A 22 37.97 11.75 -23.29
CA GLY A 22 37.08 11.30 -22.22
C GLY A 22 36.29 10.08 -22.66
N MET A 23 35.24 9.73 -21.89
CA MET A 23 34.33 8.61 -22.20
C MET A 23 33.06 8.69 -21.33
N VAL A 24 33.28 8.70 -20.01
CA VAL A 24 32.22 8.66 -18.96
C VAL A 24 31.31 7.43 -19.13
N CYS A 25 31.65 6.37 -18.40
CA CYS A 25 30.99 5.07 -18.45
C CYS A 25 31.34 4.28 -17.16
N ILE A 26 30.74 3.08 -17.03
CA ILE A 26 30.95 2.16 -15.89
C ILE A 26 30.42 2.80 -14.59
N GLY A 27 29.17 2.46 -14.23
CA GLY A 27 28.59 2.91 -12.97
C GLY A 27 29.08 2.07 -11.80
N PRO A 28 29.04 2.60 -10.53
CA PRO A 28 29.43 1.81 -9.33
C PRO A 28 28.35 0.76 -8.97
N ASN A 29 28.69 -0.17 -8.05
CA ASN A 29 27.83 -1.30 -7.66
C ASN A 29 26.83 -0.88 -6.54
N VAL A 30 26.51 0.43 -6.51
CA VAL A 30 25.66 1.05 -5.48
C VAL A 30 24.18 0.67 -5.63
N LEU A 31 23.75 0.36 -6.88
CA LEU A 31 22.34 0.04 -7.19
C LEU A 31 21.96 -1.32 -6.53
N MET A 32 22.91 -2.27 -6.55
CA MET A 32 22.72 -3.61 -5.95
C MET A 32 22.65 -3.52 -4.41
N VAL A 33 23.66 -2.85 -3.80
CA VAL A 33 23.76 -2.72 -2.33
C VAL A 33 22.62 -1.84 -1.77
N HIS A 34 22.10 -0.91 -2.60
CA HIS A 34 20.94 -0.04 -2.28
C HIS A 34 19.74 -0.90 -1.85
N LYS A 35 19.44 -1.92 -2.68
CA LYS A 35 18.36 -2.89 -2.44
C LYS A 35 18.73 -3.84 -1.29
N ARG A 36 20.03 -4.20 -1.22
CA ARG A 36 20.57 -5.19 -0.27
C ARG A 36 20.58 -4.62 1.18
N SER A 37 20.63 -3.28 1.30
CA SER A 37 20.67 -2.58 2.59
C SER A 37 19.25 -2.36 3.15
N HIS A 38 18.32 -1.97 2.25
CA HIS A 38 16.91 -1.74 2.63
C HIS A 38 16.15 -3.08 2.80
N THR A 39 16.54 -4.08 1.98
CA THR A 39 15.88 -5.41 1.83
C THR A 39 14.36 -5.30 1.54
N GLY A 40 13.60 -4.97 2.58
CA GLY A 40 12.16 -4.77 2.49
C GLY A 40 11.54 -4.86 3.86
N GLU A 41 10.46 -4.11 4.06
CA GLU A 41 9.69 -4.12 5.32
C GLU A 41 8.50 -5.08 5.19
N ARG A 42 8.43 -6.05 6.13
CA ARG A 42 7.27 -6.94 6.31
C ARG A 42 5.98 -6.11 6.60
N PRO A 43 4.75 -6.64 6.31
CA PRO A 43 3.46 -5.93 6.60
C PRO A 43 3.12 -5.87 8.11
N PHE A 44 4.11 -6.25 8.95
CA PHE A 44 4.05 -6.20 10.42
C PHE A 44 2.96 -7.15 10.93
N HIS A 45 2.89 -8.29 10.23
CA HIS A 45 1.91 -9.34 10.50
C HIS A 45 2.48 -10.35 11.49
N CYS A 46 1.69 -10.67 12.51
CA CYS A 46 2.01 -11.71 13.50
C CYS A 46 1.73 -13.10 12.89
N ASN A 47 2.75 -13.98 12.96
CA ASN A 47 2.88 -15.24 12.18
C ASN A 47 1.58 -16.09 12.16
N GLN A 48 1.26 -16.75 13.29
CA GLN A 48 0.05 -17.56 13.43
C GLN A 48 -0.87 -16.96 14.51
N CYS A 49 -1.67 -15.97 14.09
CA CYS A 49 -2.79 -15.40 14.85
C CYS A 49 -3.58 -14.43 13.95
N GLY A 50 -2.87 -13.82 12.99
CA GLY A 50 -3.49 -12.91 12.02
C GLY A 50 -3.68 -11.51 12.63
N ALA A 51 -2.56 -10.88 13.01
CA ALA A 51 -2.55 -9.54 13.59
C ALA A 51 -1.53 -8.66 12.85
N SER A 52 -2.00 -7.97 11.80
CA SER A 52 -1.15 -7.06 11.01
C SER A 52 -1.15 -5.66 11.65
N PHE A 53 0.03 -5.02 11.72
CA PHE A 53 0.22 -3.71 12.37
C PHE A 53 0.75 -2.68 11.38
N THR A 54 0.74 -1.40 11.80
CA THR A 54 1.14 -0.27 10.94
C THR A 54 2.66 -0.04 11.00
N GLN A 55 3.31 -0.40 12.13
CA GLN A 55 4.75 -0.13 12.36
C GLN A 55 5.46 -1.30 13.07
N LYS A 56 6.81 -1.30 12.97
CA LYS A 56 7.68 -2.34 13.56
C LYS A 56 7.63 -2.30 15.08
N GLY A 57 7.50 -1.09 15.68
CA GLY A 57 7.43 -0.93 17.13
C GLY A 57 6.28 -1.73 17.76
N ASN A 58 5.16 -1.79 17.02
CA ASN A 58 3.95 -2.51 17.44
C ASN A 58 4.21 -4.03 17.40
N LEU A 59 4.78 -4.50 16.29
CA LEU A 59 5.03 -5.93 16.02
C LEU A 59 6.10 -6.50 16.97
N LEU A 60 7.19 -5.74 17.16
CA LEU A 60 8.36 -6.14 17.98
C LEU A 60 7.98 -6.32 19.46
N ARG A 61 6.96 -5.57 19.91
CA ARG A 61 6.34 -5.74 21.25
C ARG A 61 5.42 -6.98 21.25
N HIS A 62 4.59 -7.08 20.19
CA HIS A 62 3.49 -8.08 20.09
C HIS A 62 4.01 -9.54 20.08
N ILE A 63 5.06 -9.79 19.27
CA ILE A 63 5.64 -11.14 19.07
C ILE A 63 6.19 -11.71 20.39
N LYS A 64 6.60 -10.80 21.30
CA LYS A 64 7.13 -11.15 22.62
C LYS A 64 6.08 -11.88 23.48
N LEU A 65 4.80 -11.47 23.32
CA LEU A 65 3.65 -12.12 23.98
C LEU A 65 3.51 -13.60 23.52
N HIS A 66 3.82 -13.84 22.23
CA HIS A 66 3.87 -15.20 21.64
C HIS A 66 5.14 -15.96 22.10
N SER A 67 6.19 -15.21 22.47
CA SER A 67 7.46 -15.74 23.03
C SER A 67 8.28 -16.57 22.00
N GLY A 68 8.00 -16.34 20.70
CA GLY A 68 8.70 -17.04 19.61
C GLY A 68 10.19 -16.74 19.56
N GLU A 69 10.52 -15.49 19.23
CA GLU A 69 11.91 -14.98 19.17
C GLU A 69 11.95 -13.55 19.76
N LYS A 70 12.33 -13.44 21.05
CA LYS A 70 12.55 -12.13 21.72
C LYS A 70 13.92 -12.17 22.45
N PRO A 71 14.66 -11.01 22.52
CA PRO A 71 16.02 -10.97 23.14
C PRO A 71 16.08 -11.26 24.65
N PHE A 72 14.94 -11.21 25.33
CA PHE A 72 14.84 -11.61 26.76
C PHE A 72 14.42 -13.08 26.87
N LYS A 73 15.42 -13.94 26.92
CA LYS A 73 15.25 -15.40 27.15
C LYS A 73 15.32 -15.67 28.68
#